data_9HI7
#
_entry.id   9HI7
#
_cell.length_a   72.030
_cell.length_b   113.202
_cell.length_c   130.363
_cell.angle_alpha   90.00
_cell.angle_beta   90.73
_cell.angle_gamma   90.00
#
_symmetry.space_group_name_H-M   'P 1 21 1'
#
loop_
_entity.id
_entity.type
_entity.pdbx_description
1 polymer 'Major histocompatibility complex class I-related gene protein'
2 polymer Beta-2-microglobulin
3 polymer 'T cell receptor alpha chain MC.7.G5'
4 polymer 'T cell receptor beta chain MC.7.G5'
5 water water
#
loop_
_entity_poly.entity_id
_entity_poly.type
_entity_poly.pdbx_seq_one_letter_code
_entity_poly.pdbx_strand_id
1 'polypeptide(L)'
;MRTHSLRYFHLGVSDPIHGVPEFISVGYVDSHPITTYDSVTRQKEPRAPWMAENLAPDHWERYTQLLRGWQQMFKVELKR
LQRHYNHSGSHTYQRMIGCELLEDGSTTGFLQYAYDGQDFLIFNKDTLSWLAVDNVAHTIKQAWEANQHELLYQKNWLEE
ECIAWLKRFLEYGKDTLQRTEPPLVRVNRKETFPGVTALFCKAHGFYPPEIYMTWMKNGEEIVQEIDYGDILPSGDGTYQ
AWASIELDPQSSNLYSCHVEHSGVHMVLQVPGSGGGLNDIFEAQKIEWHE
;
A,F
2 'polypeptide(L)'
;MIQRTPKIQVYSRHPAENGKSNFLNCYVSGFHPSDIEVDLLKNGERIEKVEHSDLSFSKDWSFYLLYYTEFTPTEKDEYA
CRVNHVTLSQPKIVKWDRDM
;
B,G
3 'polypeptide(L)'
;MAQTVTQSQPEMSVQEAETVTLSCTYDTSESDYYLFWYKQPPSRQMILVIRQEAYKQQNATENRFSVNFQKAAKSFSLKI
SDSQLGDAAMYFCAYRSAVNARLMFGDGTQLVVKPNIQNPDPAVYQLRDSKSSDKSVCLFTDFDSQTNVSQSKDSDVYIT
DKCVLDMRSMDFKSNSAVAWSNKSDFACANAFNNSIIPEDT
;
D,H
4 'polypeptide(L)'
;MEADIYQTPRYLVIGTGKKITLECSQTMGHDKMYWYQQDPGMELHLIHYSYGVNSTEKGDLSSESTVSRIRTEHFPLTLE
SARPSHTSQYLCASSEARGLAEFTDTQYFGPGTRLTVLEDLKNVFPPEVAVFEPSEAEISHTQKATLVCLATGFYPDHVE
LSWWVNGKEVHSGVCTDPQPLKEQPALNDSRYALSSRLRVSATFWQDPRNHFRCQVQFYGLSENDEWTQDRAKPVTQIVS
AEAWGRAD
;
E,I
#
# COMPACT_ATOMS: atom_id res chain seq x y z
N MET A 1 39.64 -7.83 -11.81
CA MET A 1 39.85 -6.63 -12.66
C MET A 1 40.38 -7.11 -14.01
N ARG A 2 40.46 -8.41 -14.21
CA ARG A 2 40.87 -8.93 -15.54
C ARG A 2 39.59 -9.44 -16.21
N THR A 3 39.63 -9.65 -17.52
CA THR A 3 38.44 -10.19 -18.23
C THR A 3 37.98 -11.48 -17.56
N HIS A 4 36.73 -11.51 -17.12
CA HIS A 4 36.16 -12.75 -16.51
C HIS A 4 34.91 -13.13 -17.31
N SER A 5 34.32 -14.30 -17.05
CA SER A 5 33.18 -14.74 -17.90
C SER A 5 32.28 -15.73 -17.16
N LEU A 6 30.96 -15.61 -17.36
CA LEU A 6 30.03 -16.62 -16.78
C LEU A 6 29.40 -17.37 -17.95
N ARG A 7 29.29 -18.70 -17.83
CA ARG A 7 28.76 -19.54 -18.90
C ARG A 7 27.99 -20.72 -18.32
N TYR A 8 26.80 -20.95 -18.86
CA TYR A 8 26.03 -22.16 -18.48
C TYR A 8 25.83 -22.94 -19.76
N PHE A 9 26.18 -24.22 -19.75
CA PHE A 9 26.10 -25.04 -20.98
C PHE A 9 25.11 -26.17 -20.80
N HIS A 10 24.24 -26.41 -21.79
CA HIS A 10 23.37 -27.58 -21.74
C HIS A 10 23.75 -28.59 -22.82
N LEU A 11 23.62 -29.88 -22.50
CA LEU A 11 23.88 -30.97 -23.42
C LEU A 11 22.81 -32.06 -23.33
N GLY A 12 22.22 -32.37 -24.47
CA GLY A 12 21.28 -33.48 -24.54
C GLY A 12 21.76 -34.53 -25.53
N VAL A 13 21.42 -35.78 -25.18
CA VAL A 13 21.88 -36.95 -25.92
C VAL A 13 20.73 -37.91 -26.04
N SER A 14 20.26 -38.14 -27.26
CA SER A 14 19.22 -39.14 -27.49
C SER A 14 19.79 -40.55 -27.35
N ASP A 15 18.90 -41.50 -27.02
CA ASP A 15 19.22 -42.93 -26.90
C ASP A 15 20.62 -43.12 -26.32
N PRO A 16 20.95 -42.55 -25.13
CA PRO A 16 22.30 -42.67 -24.59
C PRO A 16 22.53 -44.07 -24.02
N ILE A 17 23.78 -44.55 -24.13
CA ILE A 17 24.18 -45.85 -23.61
C ILE A 17 24.06 -45.84 -22.07
N HIS A 18 24.25 -47.03 -21.41
CA HIS A 18 24.01 -47.17 -19.96
C HIS A 18 24.54 -45.98 -19.13
N GLY A 19 25.85 -45.66 -19.32
CA GLY A 19 26.53 -44.58 -18.61
C GLY A 19 25.99 -43.17 -18.90
N VAL A 20 26.05 -42.76 -20.18
CA VAL A 20 25.80 -41.37 -20.56
C VAL A 20 24.45 -40.96 -19.94
N PRO A 21 24.37 -39.83 -19.20
CA PRO A 21 23.10 -39.23 -18.83
C PRO A 21 22.40 -38.62 -20.05
N GLU A 22 21.06 -38.64 -20.07
CA GLU A 22 20.34 -38.14 -21.24
C GLU A 22 20.53 -36.63 -21.39
N PHE A 23 20.70 -35.95 -20.25
CA PHE A 23 20.91 -34.50 -20.18
C PHE A 23 21.92 -34.10 -19.09
N ILE A 24 22.85 -33.21 -19.45
CA ILE A 24 23.77 -32.62 -18.49
C ILE A 24 23.80 -31.11 -18.70
N SER A 25 23.85 -30.31 -17.61
CA SER A 25 24.07 -28.86 -17.69
C SER A 25 25.09 -28.39 -16.67
N VAL A 26 25.98 -27.48 -17.08
CA VAL A 26 27.10 -27.10 -16.21
C VAL A 26 27.44 -25.59 -16.26
N GLY A 27 27.65 -25.00 -15.08
CA GLY A 27 28.05 -23.61 -14.98
C GLY A 27 29.54 -23.47 -14.72
N TYR A 28 30.11 -22.33 -15.18
CA TYR A 28 31.54 -22.08 -15.29
C TYR A 28 31.84 -20.59 -15.08
N VAL A 29 32.80 -20.30 -14.21
CA VAL A 29 33.42 -18.99 -14.20
C VAL A 29 34.87 -19.16 -14.61
N ASP A 30 35.25 -18.65 -15.77
CA ASP A 30 36.59 -18.79 -16.30
C ASP A 30 37.09 -20.21 -16.16
N SER A 31 36.36 -21.21 -16.65
CA SER A 31 36.89 -22.56 -16.60
C SER A 31 36.89 -23.16 -15.18
N HIS A 32 36.26 -22.47 -14.24
CA HIS A 32 36.12 -23.11 -12.91
C HIS A 32 34.66 -23.57 -12.82
N PRO A 33 34.36 -24.88 -12.90
CA PRO A 33 32.99 -25.35 -12.78
C PRO A 33 32.40 -24.90 -11.45
N ILE A 34 31.20 -24.33 -11.49
CA ILE A 34 30.58 -23.78 -10.25
C ILE A 34 29.29 -24.54 -9.96
N THR A 35 28.58 -24.99 -11.00
CA THR A 35 27.27 -25.66 -10.81
C THR A 35 27.16 -26.92 -11.67
N THR A 36 26.30 -27.86 -11.28
CA THR A 36 26.09 -29.08 -12.11
C THR A 36 24.69 -29.69 -12.02
N TYR A 37 24.11 -30.06 -13.16
CA TYR A 37 22.85 -30.81 -13.19
C TYR A 37 22.96 -31.98 -14.18
N ASP A 38 22.32 -33.11 -13.87
CA ASP A 38 22.18 -34.23 -14.81
C ASP A 38 20.82 -34.93 -14.65
N SER A 39 20.58 -35.91 -15.53
CA SER A 39 19.29 -36.57 -15.61
C SER A 39 19.14 -37.68 -14.59
N VAL A 40 20.20 -38.12 -13.88
CA VAL A 40 20.03 -39.23 -12.94
C VAL A 40 19.68 -38.66 -11.57
N THR A 41 20.45 -37.62 -11.18
CA THR A 41 20.29 -36.93 -9.92
C THR A 41 19.10 -35.97 -9.99
N ARG A 42 18.87 -35.38 -11.18
CA ARG A 42 17.80 -34.40 -11.32
C ARG A 42 17.93 -33.34 -10.21
N GLN A 43 19.17 -32.84 -10.02
CA GLN A 43 19.50 -31.91 -8.96
C GLN A 43 20.61 -30.95 -9.39
N LYS A 44 20.42 -29.62 -9.21
CA LYS A 44 21.51 -28.66 -9.44
C LYS A 44 22.34 -28.60 -8.16
N GLU A 45 23.66 -28.72 -8.29
CA GLU A 45 24.52 -28.80 -7.09
C GLU A 45 25.80 -27.97 -7.31
N PRO A 46 26.41 -27.47 -6.23
CA PRO A 46 27.63 -26.69 -6.35
C PRO A 46 28.85 -27.56 -6.73
N ARG A 47 29.76 -27.01 -7.52
CA ARG A 47 30.98 -27.75 -7.90
C ARG A 47 32.22 -26.99 -7.39
N ALA A 48 32.12 -26.43 -6.17
CA ALA A 48 33.15 -25.56 -5.57
C ALA A 48 32.81 -25.34 -4.10
N PRO A 49 33.77 -25.32 -3.15
CA PRO A 49 33.39 -25.08 -1.75
C PRO A 49 32.68 -23.71 -1.63
N TRP A 50 33.13 -22.72 -2.40
CA TRP A 50 32.72 -21.34 -2.20
C TRP A 50 31.35 -21.04 -2.79
N MET A 51 30.96 -21.74 -3.87
CA MET A 51 29.58 -21.65 -4.28
C MET A 51 28.71 -22.17 -3.12
N ALA A 52 28.97 -23.42 -2.71
CA ALA A 52 28.14 -24.13 -1.75
C ALA A 52 27.84 -23.25 -0.54
N GLU A 53 28.93 -22.71 0.04
CA GLU A 53 28.91 -22.07 1.35
C GLU A 53 28.07 -20.79 1.32
N ASN A 54 27.97 -20.16 0.13
CA ASN A 54 27.47 -18.80 0.01
C ASN A 54 26.05 -18.64 -0.53
N LEU A 55 25.40 -19.76 -0.91
CA LEU A 55 24.05 -19.74 -1.45
C LEU A 55 23.14 -20.65 -0.62
N ALA A 56 22.02 -20.05 -0.19
CA ALA A 56 21.02 -20.73 0.60
C ALA A 56 20.44 -21.91 -0.17
N PRO A 57 19.90 -22.92 0.55
CA PRO A 57 19.32 -24.09 -0.11
C PRO A 57 18.27 -23.73 -1.17
N ASP A 58 17.69 -22.53 -1.04
CA ASP A 58 16.64 -22.10 -1.99
C ASP A 58 17.25 -21.98 -3.38
N HIS A 59 18.38 -21.29 -3.52
CA HIS A 59 18.94 -21.06 -4.87
C HIS A 59 18.99 -22.40 -5.60
N TRP A 60 19.55 -23.39 -4.93
CA TRP A 60 19.72 -24.69 -5.60
C TRP A 60 18.36 -25.31 -5.86
N GLU A 61 17.47 -25.32 -4.86
CA GLU A 61 16.10 -25.85 -5.06
C GLU A 61 15.44 -25.11 -6.23
N ARG A 62 15.44 -23.79 -6.17
CA ARG A 62 14.77 -22.99 -7.23
C ARG A 62 15.35 -23.35 -8.59
N TYR A 63 16.66 -23.32 -8.73
CA TYR A 63 17.26 -23.51 -10.08
C TYR A 63 17.19 -24.98 -10.49
N THR A 64 17.13 -25.88 -9.52
CA THR A 64 16.95 -27.30 -9.90
C THR A 64 15.67 -27.42 -10.72
N GLN A 65 14.58 -26.85 -10.21
CA GLN A 65 13.28 -26.91 -10.92
C GLN A 65 13.43 -26.32 -12.32
N LEU A 66 14.09 -25.17 -12.43
CA LEU A 66 14.27 -24.53 -13.75
C LEU A 66 15.04 -25.48 -14.67
N LEU A 67 15.95 -26.28 -14.10
CA LEU A 67 16.79 -27.08 -14.98
C LEU A 67 16.05 -28.37 -15.31
N ARG A 68 15.23 -28.87 -14.37
CA ARG A 68 14.31 -29.97 -14.67
C ARG A 68 13.49 -29.61 -15.90
N GLY A 69 13.16 -28.32 -15.99
CA GLY A 69 12.42 -27.77 -17.10
C GLY A 69 13.20 -27.89 -18.40
N TRP A 70 14.44 -27.44 -18.38
CA TRP A 70 15.26 -27.51 -19.57
C TRP A 70 15.52 -28.96 -19.97
N GLN A 71 15.66 -29.84 -18.98
CA GLN A 71 15.87 -31.24 -19.29
C GLN A 71 14.77 -31.63 -20.25
N GLN A 72 13.56 -31.55 -19.72
CA GLN A 72 12.34 -31.87 -20.44
C GLN A 72 12.36 -31.24 -21.83
N MET A 73 12.71 -29.97 -21.94
CA MET A 73 12.59 -29.29 -23.26
C MET A 73 13.54 -29.88 -24.28
N PHE A 74 14.74 -30.26 -23.85
CA PHE A 74 15.77 -30.81 -24.72
C PHE A 74 15.44 -32.23 -25.17
N LYS A 75 14.88 -33.03 -24.27
CA LYS A 75 14.38 -34.32 -24.62
C LYS A 75 13.44 -34.19 -25.81
N VAL A 76 12.47 -33.29 -25.70
CA VAL A 76 11.49 -33.04 -26.73
C VAL A 76 12.12 -32.45 -27.97
N GLU A 77 12.96 -31.44 -27.85
CA GLU A 77 13.43 -30.77 -29.05
C GLU A 77 14.20 -31.79 -29.90
N LEU A 78 14.85 -32.72 -29.19
CA LEU A 78 15.68 -33.72 -29.81
C LEU A 78 14.82 -34.57 -30.72
N LYS A 79 13.71 -35.09 -30.19
CA LYS A 79 12.82 -35.96 -30.99
C LYS A 79 12.28 -35.20 -32.19
N ARG A 80 11.94 -33.93 -32.01
CA ARG A 80 11.38 -33.13 -33.11
C ARG A 80 12.46 -32.94 -34.16
N LEU A 81 13.69 -32.75 -33.72
CA LEU A 81 14.83 -32.56 -34.66
C LEU A 81 14.98 -33.85 -35.47
N GLN A 82 14.91 -34.99 -34.78
CA GLN A 82 14.98 -36.29 -35.50
C GLN A 82 13.84 -36.33 -36.51
N ARG A 83 12.60 -36.24 -36.03
CA ARG A 83 11.41 -36.31 -36.92
C ARG A 83 11.62 -35.45 -38.17
N HIS A 84 12.24 -34.28 -38.02
CA HIS A 84 12.38 -33.37 -39.18
C HIS A 84 13.56 -33.81 -40.05
N TYR A 85 14.64 -34.27 -39.44
CA TYR A 85 15.86 -34.61 -40.20
C TYR A 85 15.84 -36.05 -40.62
N ASN A 86 14.87 -36.83 -40.14
CA ASN A 86 14.86 -38.28 -40.41
C ASN A 86 16.16 -38.86 -39.83
N HIS A 87 16.36 -38.67 -38.53
CA HIS A 87 17.63 -39.12 -37.90
C HIS A 87 17.39 -40.52 -37.34
N SER A 88 18.36 -41.07 -36.58
CA SER A 88 18.23 -42.48 -36.24
C SER A 88 18.98 -42.89 -34.98
N GLY A 89 20.26 -42.49 -34.84
CA GLY A 89 21.03 -42.91 -33.70
C GLY A 89 21.09 -41.83 -32.63
N SER A 90 21.89 -42.04 -31.57
CA SER A 90 22.17 -41.02 -30.55
C SER A 90 22.59 -39.74 -31.24
N HIS A 91 21.88 -38.66 -30.98
CA HIS A 91 22.32 -37.35 -31.45
C HIS A 91 22.55 -36.44 -30.23
N THR A 92 23.28 -35.35 -30.47
CA THR A 92 23.45 -34.32 -29.47
C THR A 92 22.80 -32.98 -29.87
N TYR A 93 22.11 -32.38 -28.89
CA TYR A 93 21.72 -30.98 -28.91
C TYR A 93 22.45 -30.28 -27.76
N GLN A 94 22.84 -29.04 -28.01
CA GLN A 94 23.56 -28.25 -27.02
C GLN A 94 23.19 -26.78 -27.10
N ARG A 95 23.28 -26.14 -25.92
CA ARG A 95 23.01 -24.69 -25.81
C ARG A 95 24.09 -24.08 -24.91
N MET A 96 24.59 -22.91 -25.29
CA MET A 96 25.55 -22.21 -24.40
C MET A 96 25.05 -20.79 -24.16
N ILE A 97 24.85 -20.40 -22.90
CA ILE A 97 24.46 -18.99 -22.60
C ILE A 97 25.54 -18.39 -21.72
N GLY A 98 25.85 -17.10 -21.89
CA GLY A 98 26.81 -16.52 -20.95
C GLY A 98 27.21 -15.10 -21.26
N CYS A 99 28.05 -14.52 -20.39
CA CYS A 99 28.48 -13.12 -20.57
C CYS A 99 29.96 -13.00 -20.25
N GLU A 100 30.59 -11.91 -20.70
CA GLU A 100 32.01 -11.67 -20.37
C GLU A 100 32.16 -10.26 -19.80
N LEU A 101 32.94 -10.11 -18.71
CA LEU A 101 33.22 -8.76 -18.16
C LEU A 101 34.69 -8.42 -18.43
N LEU A 102 34.94 -7.45 -19.28
CA LEU A 102 36.30 -7.09 -19.68
C LEU A 102 36.99 -6.25 -18.59
N GLU A 103 38.31 -6.12 -18.64
CA GLU A 103 39.02 -5.40 -17.54
C GLU A 103 38.60 -3.94 -17.55
N ASP A 104 38.28 -3.43 -18.73
CA ASP A 104 37.93 -2.04 -18.95
C ASP A 104 36.44 -1.83 -18.65
N GLY A 105 35.77 -2.81 -18.04
CA GLY A 105 34.41 -2.63 -17.53
C GLY A 105 33.28 -2.82 -18.54
N SER A 106 33.57 -2.80 -19.87
CA SER A 106 32.57 -3.06 -20.90
C SER A 106 32.25 -4.55 -20.91
N THR A 107 31.18 -4.96 -21.63
CA THR A 107 30.66 -6.31 -21.53
C THR A 107 30.33 -6.94 -22.87
N THR A 108 30.26 -8.27 -22.85
CA THR A 108 29.81 -9.04 -24.04
C THR A 108 28.78 -10.04 -23.55
N GLY A 109 27.92 -10.56 -24.44
CA GLY A 109 26.95 -11.61 -24.06
C GLY A 109 26.79 -12.62 -25.17
N PHE A 110 26.46 -13.87 -24.85
CA PHE A 110 26.41 -14.89 -25.93
C PHE A 110 25.33 -15.95 -25.66
N LEU A 111 24.61 -16.36 -26.71
CA LEU A 111 23.60 -17.44 -26.59
C LEU A 111 23.64 -18.22 -27.90
N GLN A 112 23.87 -19.53 -27.83
CA GLN A 112 24.01 -20.31 -29.08
C GLN A 112 23.55 -21.74 -28.89
N TYR A 113 22.99 -22.35 -29.94
CA TYR A 113 22.61 -23.74 -29.93
C TYR A 113 23.41 -24.54 -30.95
N ALA A 114 23.54 -25.85 -30.76
CA ALA A 114 24.21 -26.70 -31.74
C ALA A 114 23.57 -28.09 -31.84
N TYR A 115 23.45 -28.57 -33.08
CA TYR A 115 23.01 -29.94 -33.32
C TYR A 115 24.19 -30.72 -33.89
N ASP A 116 24.57 -31.81 -33.19
CA ASP A 116 25.71 -32.63 -33.57
C ASP A 116 27.00 -31.78 -33.62
N GLY A 117 27.19 -30.93 -32.59
CA GLY A 117 28.41 -30.17 -32.40
C GLY A 117 28.67 -29.15 -33.52
N GLN A 118 27.64 -28.81 -34.30
CA GLN A 118 27.77 -27.79 -35.33
C GLN A 118 26.76 -26.68 -35.06
N ASP A 119 27.18 -25.43 -35.29
CA ASP A 119 26.35 -24.25 -35.05
C ASP A 119 24.98 -24.45 -35.68
N PHE A 120 23.94 -24.30 -34.85
CA PHE A 120 22.56 -24.45 -35.29
C PHE A 120 21.88 -23.10 -35.32
N LEU A 121 21.97 -22.40 -34.19
CA LEU A 121 21.28 -21.16 -33.95
C LEU A 121 22.16 -20.25 -33.13
N ILE A 122 22.24 -18.99 -33.59
CA ILE A 122 23.04 -17.97 -32.94
C ILE A 122 22.13 -16.80 -32.62
N PHE A 123 22.11 -16.39 -31.34
CA PHE A 123 21.28 -15.28 -30.92
C PHE A 123 21.99 -13.96 -31.04
N ASN A 124 21.24 -12.96 -31.45
CA ASN A 124 21.73 -11.60 -31.55
C ASN A 124 20.86 -10.68 -30.68
N LYS A 125 21.42 -10.24 -29.56
CA LYS A 125 20.68 -9.45 -28.59
C LYS A 125 20.55 -7.97 -29.02
N ASP A 126 21.31 -7.47 -29.97
CA ASP A 126 21.10 -6.09 -30.40
C ASP A 126 19.96 -6.00 -31.42
N THR A 127 19.64 -7.10 -32.13
CA THR A 127 18.61 -7.05 -33.17
C THR A 127 17.46 -7.98 -32.81
N LEU A 128 17.52 -8.60 -31.64
CA LEU A 128 16.40 -9.43 -31.19
C LEU A 128 15.96 -10.39 -32.29
N SER A 129 16.92 -11.17 -32.79
CA SER A 129 16.68 -12.13 -33.85
C SER A 129 17.68 -13.30 -33.75
N TRP A 130 17.21 -14.48 -34.20
CA TRP A 130 18.08 -15.63 -34.38
C TRP A 130 18.55 -15.70 -35.82
N LEU A 131 19.71 -16.33 -35.97
CA LEU A 131 20.19 -16.74 -37.28
C LEU A 131 20.35 -18.25 -37.27
N ALA A 132 19.91 -18.88 -38.38
CA ALA A 132 19.82 -20.33 -38.47
C ALA A 132 20.63 -20.86 -39.65
N VAL A 133 21.06 -22.11 -39.54
CA VAL A 133 21.94 -22.78 -40.51
C VAL A 133 21.17 -23.35 -41.72
N ASP A 134 20.03 -23.99 -41.41
CA ASP A 134 19.18 -24.65 -42.44
C ASP A 134 17.72 -24.39 -42.09
N ASN A 135 16.78 -24.84 -42.94
CA ASN A 135 15.34 -24.56 -42.70
C ASN A 135 14.91 -25.16 -41.37
N VAL A 136 15.46 -26.30 -40.97
CA VAL A 136 14.96 -26.92 -39.71
C VAL A 136 15.12 -25.87 -38.60
N ALA A 137 16.34 -25.35 -38.43
CA ALA A 137 16.58 -24.30 -37.41
C ALA A 137 15.68 -23.11 -37.70
N HIS A 138 15.68 -22.65 -38.95
CA HIS A 138 14.85 -21.49 -39.33
C HIS A 138 13.43 -21.70 -38.81
N THR A 139 12.87 -22.87 -39.11
CA THR A 139 11.47 -23.13 -38.70
C THR A 139 11.38 -22.97 -37.19
N ILE A 140 12.32 -23.52 -36.43
CA ILE A 140 12.11 -23.42 -35.00
C ILE A 140 12.47 -22.01 -34.49
N LYS A 141 13.24 -21.22 -35.28
CA LYS A 141 13.52 -19.84 -34.92
C LYS A 141 12.26 -19.00 -35.07
N GLN A 142 11.45 -19.28 -36.11
CA GLN A 142 10.26 -18.51 -36.45
C GLN A 142 9.33 -18.44 -35.24
N ALA A 143 8.92 -19.62 -34.77
CA ALA A 143 8.11 -19.70 -33.57
C ALA A 143 8.73 -18.87 -32.46
N TRP A 144 10.05 -19.05 -32.18
CA TRP A 144 10.75 -18.34 -31.10
C TRP A 144 10.73 -16.83 -31.26
N GLU A 145 10.85 -16.35 -32.51
CA GLU A 145 10.94 -14.94 -32.77
C GLU A 145 9.54 -14.35 -32.64
N ALA A 146 8.50 -15.19 -32.60
CA ALA A 146 7.15 -14.72 -32.32
C ALA A 146 7.03 -14.18 -30.90
N ASN A 147 7.50 -14.98 -29.91
CA ASN A 147 7.43 -14.58 -28.48
C ASN A 147 8.40 -13.45 -28.24
N GLN A 148 7.85 -12.28 -27.97
CA GLN A 148 8.64 -11.07 -27.82
C GLN A 148 9.24 -11.02 -26.43
N HIS A 149 8.52 -11.58 -25.47
CA HIS A 149 8.95 -11.50 -24.06
C HIS A 149 10.21 -12.33 -23.89
N GLU A 150 10.23 -13.51 -24.51
CA GLU A 150 11.43 -14.39 -24.44
C GLU A 150 12.60 -13.66 -25.08
N LEU A 151 12.40 -13.11 -26.28
CA LEU A 151 13.46 -12.35 -26.90
C LEU A 151 14.04 -11.37 -25.88
N LEU A 152 13.18 -10.65 -25.17
CA LEU A 152 13.66 -9.57 -24.26
C LEU A 152 14.31 -10.13 -23.00
N TYR A 153 13.71 -11.12 -22.37
CA TYR A 153 14.32 -11.74 -21.18
C TYR A 153 15.76 -12.02 -21.48
N GLN A 154 16.01 -12.63 -22.63
CA GLN A 154 17.39 -13.04 -22.97
C GLN A 154 18.29 -11.80 -22.95
N LYS A 155 17.96 -10.79 -23.76
CA LYS A 155 18.77 -9.56 -23.81
C LYS A 155 19.09 -9.14 -22.38
N ASN A 156 18.05 -8.99 -21.55
CA ASN A 156 18.25 -8.62 -20.13
C ASN A 156 19.24 -9.55 -19.43
N TRP A 157 18.86 -10.79 -19.19
CA TRP A 157 19.80 -11.71 -18.50
C TRP A 157 21.20 -11.48 -19.02
N LEU A 158 21.38 -11.59 -20.33
CA LEU A 158 22.74 -11.48 -20.90
C LEU A 158 23.36 -10.14 -20.51
N GLU A 159 22.65 -9.04 -20.77
CA GLU A 159 23.23 -7.70 -20.55
C GLU A 159 23.21 -7.28 -19.08
N GLU A 160 22.33 -7.87 -18.26
CA GLU A 160 22.20 -7.37 -16.88
C GLU A 160 22.42 -8.47 -15.83
N GLU A 161 21.55 -9.46 -15.78
CA GLU A 161 21.64 -10.47 -14.70
C GLU A 161 22.94 -11.29 -14.81
N CYS A 162 23.37 -11.65 -16.01
CA CYS A 162 24.57 -12.50 -16.12
C CYS A 162 25.74 -11.80 -15.42
N ILE A 163 25.90 -10.51 -15.68
CA ILE A 163 27.04 -9.76 -15.09
C ILE A 163 26.86 -9.68 -13.57
N ALA A 164 25.65 -9.36 -13.10
CA ALA A 164 25.43 -9.25 -11.66
C ALA A 164 25.89 -10.51 -10.94
N TRP A 165 25.61 -11.65 -11.57
CA TRP A 165 25.96 -12.97 -11.05
C TRP A 165 27.47 -13.21 -11.15
N LEU A 166 28.06 -12.77 -12.25
CA LEU A 166 29.49 -12.90 -12.37
C LEU A 166 30.13 -12.23 -11.15
N LYS A 167 29.74 -10.96 -10.92
CA LYS A 167 30.34 -10.10 -9.92
C LYS A 167 30.26 -10.74 -8.56
N ARG A 168 29.09 -11.33 -8.29
CA ARG A 168 28.87 -12.02 -7.05
C ARG A 168 29.84 -13.18 -6.95
N PHE A 169 29.91 -14.00 -8.00
CA PHE A 169 30.69 -15.23 -7.93
C PHE A 169 32.17 -14.93 -7.79
N LEU A 170 32.62 -13.92 -8.52
CA LEU A 170 33.99 -13.45 -8.43
C LEU A 170 34.34 -13.17 -6.98
N GLU A 171 33.50 -12.35 -6.34
CA GLU A 171 33.69 -12.07 -4.93
C GLU A 171 33.71 -13.39 -4.17
N TYR A 172 32.65 -14.19 -4.36
CA TYR A 172 32.41 -15.40 -3.59
C TYR A 172 33.61 -16.32 -3.71
N GLY A 173 34.25 -16.35 -4.88
CA GLY A 173 35.43 -17.18 -5.08
C GLY A 173 36.74 -16.38 -5.22
N LYS A 174 36.80 -15.20 -4.61
CA LYS A 174 37.98 -14.31 -4.81
C LYS A 174 39.29 -15.06 -4.60
N ASP A 175 39.41 -15.74 -3.47
CA ASP A 175 40.69 -16.41 -3.12
C ASP A 175 41.19 -17.26 -4.28
N THR A 176 40.30 -17.95 -4.98
CA THR A 176 40.74 -18.88 -6.05
C THR A 176 40.72 -18.17 -7.40
N LEU A 177 39.82 -17.22 -7.59
CA LEU A 177 39.67 -16.62 -8.94
C LEU A 177 40.54 -15.38 -9.11
N GLN A 178 40.53 -14.48 -8.14
CA GLN A 178 41.27 -13.20 -8.34
C GLN A 178 42.69 -13.34 -7.83
N ARG A 179 43.19 -14.58 -7.71
CA ARG A 179 44.55 -14.82 -7.19
C ARG A 179 45.57 -14.75 -8.34
N THR A 180 46.84 -14.52 -8.01
CA THR A 180 47.90 -14.55 -9.04
C THR A 180 49.02 -15.46 -8.55
N GLU A 181 49.30 -16.55 -9.26
CA GLU A 181 50.43 -17.43 -8.91
C GLU A 181 51.45 -17.34 -10.04
N PRO A 182 52.68 -16.82 -9.85
CA PRO A 182 53.59 -16.68 -10.98
C PRO A 182 54.21 -18.02 -11.36
N PRO A 183 54.75 -18.11 -12.59
CA PRO A 183 55.35 -19.35 -13.08
C PRO A 183 56.79 -19.63 -12.67
N LEU A 184 57.17 -20.93 -12.64
CA LEU A 184 58.55 -21.37 -12.70
C LEU A 184 59.07 -21.34 -14.13
N VAL A 185 59.92 -20.39 -14.51
CA VAL A 185 60.36 -20.43 -15.94
C VAL A 185 61.77 -21.03 -16.01
N ARG A 186 62.00 -21.96 -16.95
CA ARG A 186 63.31 -22.66 -17.04
C ARG A 186 63.70 -22.89 -18.49
N VAL A 187 64.96 -23.24 -18.77
CA VAL A 187 65.36 -23.54 -20.17
C VAL A 187 66.10 -24.88 -20.22
N ASN A 188 65.67 -25.79 -21.10
CA ASN A 188 66.32 -27.12 -21.24
C ASN A 188 66.78 -27.29 -22.70
N ARG A 189 67.56 -28.33 -22.99
CA ARG A 189 68.12 -28.49 -24.37
C ARG A 189 67.81 -29.89 -24.91
N LYS A 190 68.11 -30.14 -26.20
CA LYS A 190 67.75 -31.45 -26.80
C LYS A 190 68.53 -31.72 -28.10
N VAL A 196 69.74 -32.80 -34.28
CA VAL A 196 69.78 -31.33 -34.28
C VAL A 196 69.44 -30.75 -32.88
N THR A 197 70.30 -29.78 -32.44
CA THR A 197 70.28 -29.13 -31.11
C THR A 197 69.05 -28.21 -30.98
N ALA A 198 68.30 -28.35 -29.88
CA ALA A 198 67.06 -27.53 -29.74
C ALA A 198 66.84 -27.12 -28.29
N LEU A 199 66.35 -25.89 -28.07
CA LEU A 199 66.18 -25.37 -26.68
C LEU A 199 64.71 -25.09 -26.39
N PHE A 200 64.29 -25.24 -25.13
CA PHE A 200 62.85 -25.12 -24.80
C PHE A 200 62.61 -24.22 -23.59
N CYS A 201 61.84 -23.15 -23.74
CA CYS A 201 61.46 -22.31 -22.58
C CYS A 201 60.23 -22.94 -21.96
N LYS A 202 60.33 -23.44 -20.73
CA LYS A 202 59.17 -24.15 -20.13
C LYS A 202 58.73 -23.42 -18.85
N ALA A 203 57.43 -23.24 -18.67
CA ALA A 203 56.90 -22.56 -17.46
C ALA A 203 55.83 -23.44 -16.82
N HIS A 204 55.79 -23.49 -15.49
CA HIS A 204 54.80 -24.37 -14.87
C HIS A 204 54.30 -23.79 -13.56
N GLY A 205 53.16 -24.32 -13.08
CA GLY A 205 52.61 -24.00 -11.78
C GLY A 205 52.14 -22.56 -11.61
N PHE A 206 51.52 -21.99 -12.66
CA PHE A 206 51.06 -20.61 -12.66
C PHE A 206 49.55 -20.52 -12.76
N TYR A 207 49.00 -19.34 -12.46
CA TYR A 207 47.54 -19.05 -12.49
C TYR A 207 47.36 -17.53 -12.46
N PRO A 208 46.69 -16.89 -13.45
CA PRO A 208 45.70 -17.57 -14.27
C PRO A 208 46.33 -18.23 -15.51
N PRO A 209 45.58 -19.04 -16.27
CA PRO A 209 46.17 -19.79 -17.38
C PRO A 209 46.63 -18.90 -18.54
N GLU A 210 45.89 -17.85 -18.82
CA GLU A 210 46.33 -16.93 -19.86
C GLU A 210 47.79 -16.58 -19.59
N ILE A 211 48.68 -17.01 -20.49
CA ILE A 211 50.10 -16.68 -20.39
C ILE A 211 50.61 -16.48 -21.81
N TYR A 212 51.66 -15.68 -21.96
CA TYR A 212 52.25 -15.43 -23.26
C TYR A 212 53.76 -15.75 -23.19
N MET A 213 54.28 -16.46 -24.19
CA MET A 213 55.72 -16.85 -24.20
C MET A 213 56.30 -16.65 -25.60
N THR A 214 57.61 -16.40 -25.71
CA THR A 214 58.29 -16.18 -26.99
C THR A 214 59.79 -16.25 -26.80
N TRP A 215 60.49 -16.15 -27.94
CA TRP A 215 61.97 -16.16 -27.96
C TRP A 215 62.41 -14.92 -28.74
N MET A 216 63.46 -14.24 -28.30
CA MET A 216 63.94 -13.02 -28.92
C MET A 216 65.39 -13.20 -29.38
N LYS A 217 65.63 -12.97 -30.69
CA LYS A 217 66.93 -13.25 -31.30
C LYS A 217 67.98 -12.28 -30.74
N ASN A 218 68.90 -12.82 -29.91
CA ASN A 218 69.90 -11.97 -29.26
C ASN A 218 69.23 -10.69 -28.72
N GLY A 219 68.02 -10.83 -28.13
CA GLY A 219 67.23 -9.73 -27.60
C GLY A 219 66.63 -8.77 -28.63
N GLU A 220 67.17 -8.77 -29.87
CA GLU A 220 66.86 -7.79 -30.90
C GLU A 220 65.48 -8.04 -31.52
N GLU A 221 65.33 -9.12 -32.32
CA GLU A 221 64.08 -9.41 -33.04
C GLU A 221 63.46 -10.65 -32.41
N ILE A 222 62.44 -11.24 -33.06
CA ILE A 222 61.77 -12.44 -32.57
C ILE A 222 62.02 -13.60 -33.55
N VAL A 223 62.40 -14.77 -33.01
CA VAL A 223 62.53 -15.97 -33.83
C VAL A 223 61.17 -16.20 -34.50
N GLN A 224 61.26 -16.36 -35.82
CA GLN A 224 60.12 -16.51 -36.69
C GLN A 224 59.54 -17.93 -36.48
N GLU A 225 60.45 -18.88 -36.18
CA GLU A 225 60.21 -20.34 -36.22
C GLU A 225 60.19 -20.93 -34.81
N ILE A 226 59.04 -20.74 -34.14
CA ILE A 226 58.84 -21.01 -32.71
C ILE A 226 57.65 -21.96 -32.58
N ASP A 227 57.94 -23.19 -32.17
CA ASP A 227 56.95 -24.19 -31.85
C ASP A 227 56.40 -23.90 -30.44
N TYR A 228 55.08 -23.67 -30.32
CA TYR A 228 54.46 -23.33 -29.05
C TYR A 228 53.69 -24.51 -28.48
N GLY A 229 54.18 -25.04 -27.36
CA GLY A 229 53.38 -25.94 -26.52
C GLY A 229 52.07 -25.27 -26.07
N ASP A 230 50.98 -26.05 -26.07
CA ASP A 230 49.72 -25.58 -25.51
C ASP A 230 49.87 -25.25 -24.02
N ILE A 231 48.88 -24.54 -23.47
CA ILE A 231 48.78 -24.25 -22.05
C ILE A 231 47.87 -25.30 -21.43
N LEU A 232 48.41 -26.13 -20.53
CA LEU A 232 47.67 -27.28 -20.04
C LEU A 232 47.49 -27.23 -18.52
N PRO A 233 46.44 -27.86 -17.98
CA PRO A 233 46.22 -27.90 -16.54
C PRO A 233 47.05 -28.96 -15.82
N SER A 234 47.76 -28.58 -14.77
CA SER A 234 48.77 -29.44 -14.18
C SER A 234 48.15 -30.45 -13.22
N GLY A 235 46.97 -30.16 -12.72
CA GLY A 235 46.30 -31.09 -11.85
C GLY A 235 45.79 -30.40 -10.59
N ASP A 236 46.49 -29.36 -10.14
CA ASP A 236 46.29 -28.88 -8.79
C ASP A 236 45.59 -27.53 -8.78
N GLY A 237 45.31 -26.96 -9.94
CA GLY A 237 44.73 -25.61 -9.95
C GLY A 237 45.69 -24.67 -10.64
N THR A 238 46.81 -25.22 -11.08
CA THR A 238 47.81 -24.40 -11.79
C THR A 238 47.92 -24.88 -13.22
N TYR A 239 48.64 -24.14 -14.05
CA TYR A 239 48.75 -24.45 -15.46
C TYR A 239 50.24 -24.46 -15.82
N GLN A 240 50.61 -25.17 -16.90
CA GLN A 240 52.00 -25.28 -17.33
C GLN A 240 52.05 -25.20 -18.85
N ALA A 241 53.13 -24.66 -19.40
CA ALA A 241 53.21 -24.42 -20.83
C ALA A 241 54.68 -24.28 -21.21
N TRP A 242 54.99 -24.47 -22.50
CA TRP A 242 56.40 -24.42 -22.96
C TRP A 242 56.51 -23.85 -24.37
N ALA A 243 57.72 -23.48 -24.78
CA ALA A 243 57.96 -22.95 -26.15
C ALA A 243 59.35 -23.42 -26.61
N SER A 244 59.48 -23.87 -27.85
CA SER A 244 60.76 -24.43 -28.30
C SER A 244 61.26 -23.77 -29.58
N ILE A 245 62.57 -23.76 -29.76
CA ILE A 245 63.22 -23.36 -31.00
C ILE A 245 64.45 -24.25 -31.16
N GLU A 246 65.03 -24.27 -32.36
CA GLU A 246 66.26 -24.99 -32.61
C GLU A 246 67.24 -24.05 -33.31
N PRO A 249 73.25 -22.83 -34.87
CA PRO A 249 74.50 -23.11 -35.58
C PRO A 249 75.74 -22.77 -34.73
N GLN A 250 76.05 -23.63 -33.73
CA GLN A 250 76.94 -23.30 -32.62
C GLN A 250 76.36 -22.16 -31.78
N SER A 251 75.08 -21.81 -32.03
CA SER A 251 74.46 -20.54 -31.62
C SER A 251 75.37 -19.32 -31.88
N SER A 252 75.50 -18.87 -33.15
CA SER A 252 76.37 -17.74 -33.53
C SER A 252 75.89 -16.42 -32.89
N ASN A 253 74.59 -16.40 -32.52
CA ASN A 253 73.96 -15.34 -31.72
C ASN A 253 73.20 -15.95 -30.52
N LEU A 254 73.64 -15.69 -29.26
CA LEU A 254 73.05 -16.24 -28.02
C LEU A 254 71.61 -15.70 -27.79
N TYR A 255 70.68 -16.60 -27.44
CA TYR A 255 69.26 -16.30 -27.50
C TYR A 255 68.73 -16.08 -26.07
N SER A 256 67.41 -15.81 -25.94
CA SER A 256 66.83 -15.51 -24.64
C SER A 256 65.31 -15.58 -24.68
N CYS A 257 64.76 -16.05 -23.55
CA CYS A 257 63.31 -16.27 -23.46
C CYS A 257 62.62 -15.09 -22.82
N HIS A 258 61.48 -14.72 -23.37
CA HIS A 258 60.67 -13.61 -22.90
C HIS A 258 59.27 -14.15 -22.65
N VAL A 259 58.77 -13.92 -21.43
CA VAL A 259 57.46 -14.44 -20.99
C VAL A 259 56.69 -13.31 -20.31
N GLU A 260 55.35 -13.37 -20.28
CA GLU A 260 54.48 -12.36 -19.64
C GLU A 260 53.34 -13.06 -18.92
N HIS A 261 53.26 -12.84 -17.61
CA HIS A 261 52.15 -13.37 -16.82
C HIS A 261 51.67 -12.31 -15.83
N SER A 262 50.36 -12.05 -15.88
CA SER A 262 49.71 -11.13 -14.92
C SER A 262 50.45 -9.79 -14.80
N GLY A 263 50.85 -9.20 -15.92
CA GLY A 263 51.38 -7.86 -15.83
C GLY A 263 52.90 -7.84 -15.66
N VAL A 264 53.52 -9.01 -15.58
CA VAL A 264 54.93 -9.07 -15.27
C VAL A 264 55.69 -9.61 -16.48
N HIS A 265 56.54 -8.79 -17.09
CA HIS A 265 57.33 -9.24 -18.23
C HIS A 265 58.62 -9.85 -17.69
N MET A 266 58.82 -11.16 -17.92
CA MET A 266 59.95 -11.91 -17.37
C MET A 266 60.90 -12.31 -18.49
N VAL A 267 62.20 -12.44 -18.20
CA VAL A 267 63.21 -12.69 -19.22
C VAL A 267 64.28 -13.61 -18.65
N LEU A 268 64.97 -14.34 -19.56
CA LEU A 268 65.91 -15.39 -19.21
C LEU A 268 66.99 -15.59 -20.28
N GLN A 269 68.26 -15.68 -19.88
CA GLN A 269 69.38 -15.84 -20.80
C GLN A 269 69.93 -17.27 -20.67
N VAL A 270 70.93 -17.65 -21.51
CA VAL A 270 71.60 -18.96 -21.42
C VAL A 270 73.10 -18.83 -21.75
N MET B 1 26.52 -37.12 -38.14
CA MET B 1 27.35 -36.27 -37.24
C MET B 1 28.74 -36.05 -37.87
N ILE B 2 29.06 -34.76 -38.13
CA ILE B 2 30.44 -34.34 -38.38
C ILE B 2 31.10 -34.28 -37.02
N GLN B 3 31.87 -35.34 -36.74
CA GLN B 3 32.50 -35.49 -35.41
C GLN B 3 33.91 -34.91 -35.39
N ARG B 4 34.47 -34.78 -34.19
CA ARG B 4 35.85 -34.24 -34.05
C ARG B 4 36.69 -35.27 -33.30
N THR B 5 37.91 -35.51 -33.76
CA THR B 5 38.77 -36.56 -33.15
C THR B 5 39.41 -36.03 -31.87
N PRO B 6 39.52 -36.86 -30.82
CA PRO B 6 40.13 -36.44 -29.56
C PRO B 6 41.63 -36.13 -29.67
N LYS B 7 42.06 -34.98 -29.16
CA LYS B 7 43.51 -34.68 -29.12
C LYS B 7 44.04 -35.18 -27.77
N ILE B 8 45.11 -35.95 -27.78
CA ILE B 8 45.60 -36.54 -26.56
C ILE B 8 46.97 -35.94 -26.23
N GLN B 9 47.09 -35.34 -25.04
CA GLN B 9 48.35 -34.83 -24.51
C GLN B 9 48.71 -35.52 -23.19
N VAL B 10 49.91 -36.08 -23.09
CA VAL B 10 50.33 -36.77 -21.87
C VAL B 10 51.54 -36.11 -21.23
N TYR B 11 51.41 -35.80 -19.94
CA TYR B 11 52.45 -35.09 -19.21
C TYR B 11 52.28 -35.31 -17.71
N SER B 12 53.29 -34.88 -16.95
CA SER B 12 53.35 -34.94 -15.49
C SER B 12 53.07 -33.58 -14.87
N ARG B 13 52.47 -33.55 -13.68
CA ARG B 13 52.07 -32.32 -13.00
C ARG B 13 53.29 -31.43 -12.74
N HIS B 14 54.26 -32.01 -12.02
CA HIS B 14 55.57 -31.44 -11.70
C HIS B 14 56.62 -32.01 -12.65
N PRO B 15 57.64 -31.24 -13.08
CA PRO B 15 58.72 -31.79 -13.90
C PRO B 15 59.28 -33.12 -13.35
N ALA B 16 59.44 -34.08 -14.28
CA ALA B 16 59.86 -35.43 -14.00
C ALA B 16 61.29 -35.41 -13.45
N GLU B 17 61.49 -36.07 -12.31
CA GLU B 17 62.81 -36.32 -11.77
C GLU B 17 62.72 -37.75 -11.19
N ASN B 18 63.40 -38.73 -11.81
CA ASN B 18 63.27 -40.11 -11.37
C ASN B 18 63.41 -40.22 -9.87
N GLY B 19 62.49 -40.94 -9.20
CA GLY B 19 62.53 -41.06 -7.76
C GLY B 19 61.57 -40.14 -7.03
N LYS B 20 61.25 -38.99 -7.63
CA LYS B 20 60.31 -38.02 -7.09
C LYS B 20 58.88 -38.42 -7.48
N SER B 21 58.00 -38.59 -6.47
CA SER B 21 56.58 -38.86 -6.70
C SER B 21 55.95 -37.66 -7.39
N ASN B 22 54.84 -37.90 -8.13
CA ASN B 22 54.30 -36.93 -9.08
C ASN B 22 52.92 -37.38 -9.50
N PHE B 23 52.34 -36.66 -10.45
CA PHE B 23 51.08 -37.03 -11.06
C PHE B 23 51.22 -37.11 -12.57
N LEU B 24 50.74 -38.22 -13.13
CA LEU B 24 50.69 -38.39 -14.57
C LEU B 24 49.34 -37.85 -15.09
N ASN B 25 49.39 -37.02 -16.14
CA ASN B 25 48.19 -36.37 -16.64
C ASN B 25 48.00 -36.78 -18.10
N CYS B 26 46.75 -37.15 -18.45
CA CYS B 26 46.29 -37.26 -19.84
C CYS B 26 45.09 -36.33 -20.14
N TYR B 27 45.36 -35.32 -21.00
CA TYR B 27 44.44 -34.30 -21.45
C TYR B 27 43.86 -34.67 -22.81
N VAL B 28 42.65 -35.19 -22.76
CA VAL B 28 41.87 -35.52 -23.94
C VAL B 28 40.91 -34.37 -24.23
N SER B 29 40.93 -33.83 -25.44
CA SER B 29 40.13 -32.63 -25.73
C SER B 29 39.71 -32.55 -27.19
N GLY B 30 38.82 -31.60 -27.52
CA GLY B 30 38.41 -31.37 -28.92
C GLY B 30 37.61 -32.50 -29.50
N PHE B 31 36.86 -33.22 -28.67
CA PHE B 31 36.17 -34.42 -29.21
C PHE B 31 34.65 -34.26 -29.22
N HIS B 32 34.01 -34.77 -30.27
CA HIS B 32 32.56 -34.79 -30.38
C HIS B 32 32.18 -36.05 -31.16
N PRO B 33 31.22 -36.91 -30.72
CA PRO B 33 30.38 -36.75 -29.53
C PRO B 33 31.07 -36.81 -28.17
N SER B 34 30.25 -37.07 -27.15
CA SER B 34 30.62 -36.90 -25.76
C SER B 34 31.17 -38.20 -25.20
N ASP B 35 30.75 -39.31 -25.81
CA ASP B 35 31.07 -40.60 -25.24
C ASP B 35 32.54 -40.96 -25.55
N ILE B 36 33.29 -41.20 -24.47
CA ILE B 36 34.71 -41.45 -24.58
C ILE B 36 35.18 -42.42 -23.49
N GLU B 37 36.08 -43.31 -23.91
CA GLU B 37 36.73 -44.29 -23.03
C GLU B 37 38.21 -43.94 -22.91
N VAL B 38 38.77 -43.89 -21.67
CA VAL B 38 40.19 -43.60 -21.48
C VAL B 38 40.85 -44.47 -20.40
N ASP B 39 42.04 -45.00 -20.77
CA ASP B 39 42.94 -45.72 -19.88
C ASP B 39 44.35 -45.12 -19.87
N LEU B 40 44.98 -45.10 -18.70
CA LEU B 40 46.40 -44.79 -18.59
C LEU B 40 47.24 -46.08 -18.56
N LEU B 41 48.44 -46.01 -19.11
CA LEU B 41 49.22 -47.23 -19.34
C LEU B 41 50.60 -47.15 -18.70
N LYS B 42 50.91 -48.09 -17.78
CA LYS B 42 52.28 -48.34 -17.34
C LYS B 42 52.81 -49.58 -18.05
N ASN B 43 53.87 -49.37 -18.83
CA ASN B 43 54.56 -50.48 -19.48
C ASN B 43 53.51 -51.25 -20.27
N GLY B 44 52.54 -50.51 -20.85
CA GLY B 44 51.54 -51.12 -21.72
C GLY B 44 50.33 -51.76 -21.02
N GLU B 45 50.20 -51.68 -19.66
CA GLU B 45 49.12 -52.31 -18.89
C GLU B 45 48.29 -51.23 -18.19
N ARG B 46 47.04 -51.57 -17.80
CA ARG B 46 46.06 -50.57 -17.38
C ARG B 46 46.31 -50.22 -15.91
N ILE B 47 46.27 -48.93 -15.56
CA ILE B 47 46.67 -48.44 -14.24
C ILE B 47 45.63 -48.66 -13.12
N GLU B 48 44.33 -48.78 -13.40
CA GLU B 48 43.40 -49.41 -12.46
C GLU B 48 42.93 -48.38 -11.44
N LYS B 49 43.84 -47.69 -10.75
CA LYS B 49 43.40 -46.55 -9.97
C LYS B 49 43.63 -45.28 -10.76
N VAL B 50 42.59 -44.70 -11.36
CA VAL B 50 42.78 -43.46 -12.11
C VAL B 50 41.58 -42.53 -11.90
N GLU B 51 41.85 -41.26 -11.56
CA GLU B 51 40.81 -40.23 -11.42
C GLU B 51 40.57 -39.50 -12.76
N HIS B 52 39.39 -38.87 -12.91
CA HIS B 52 39.11 -38.06 -14.08
C HIS B 52 38.15 -36.92 -13.72
N SER B 53 38.53 -35.73 -14.19
CA SER B 53 37.69 -34.55 -14.02
C SER B 53 36.38 -34.88 -14.69
N ASP B 54 35.36 -34.14 -14.25
CA ASP B 54 34.01 -34.30 -14.83
C ASP B 54 34.03 -33.70 -16.23
N LEU B 55 33.31 -34.33 -17.13
CA LEU B 55 33.25 -33.93 -18.52
C LEU B 55 32.98 -32.44 -18.61
N SER B 56 33.77 -31.71 -19.40
CA SER B 56 33.70 -30.26 -19.51
C SER B 56 33.46 -29.83 -20.96
N PHE B 57 32.87 -28.64 -21.18
CA PHE B 57 32.36 -28.20 -22.46
C PHE B 57 33.15 -26.99 -22.99
N SER B 58 33.49 -27.02 -24.27
CA SER B 58 34.17 -25.85 -24.87
C SER B 58 33.17 -25.04 -25.70
N LYS B 59 33.54 -23.81 -26.04
CA LYS B 59 32.62 -22.90 -26.77
C LYS B 59 32.37 -23.44 -28.17
N ASP B 60 33.33 -24.17 -28.73
CA ASP B 60 33.20 -24.66 -30.09
C ASP B 60 32.48 -26.03 -30.10
N TRP B 61 31.84 -26.36 -28.97
CA TRP B 61 30.98 -27.57 -28.88
C TRP B 61 31.81 -28.85 -28.72
N SER B 62 33.09 -28.72 -28.43
CA SER B 62 33.90 -29.91 -28.14
C SER B 62 34.00 -30.13 -26.65
N PHE B 63 34.42 -31.32 -26.27
CA PHE B 63 34.50 -31.65 -24.86
C PHE B 63 35.97 -31.83 -24.44
N TYR B 64 36.18 -31.95 -23.11
CA TYR B 64 37.50 -32.20 -22.57
C TYR B 64 37.40 -32.78 -21.16
N LEU B 65 38.38 -33.61 -20.86
CA LEU B 65 38.65 -34.09 -19.51
C LEU B 65 40.13 -34.18 -19.28
N LEU B 66 40.42 -34.51 -18.02
CA LEU B 66 41.77 -34.77 -17.56
C LEU B 66 41.75 -36.03 -16.73
N TYR B 67 42.47 -37.03 -17.25
CA TYR B 67 42.70 -38.28 -16.54
C TYR B 67 44.03 -38.11 -15.84
N TYR B 68 44.14 -38.61 -14.61
CA TYR B 68 45.33 -38.38 -13.80
C TYR B 68 45.41 -39.45 -12.72
N THR B 69 46.64 -39.67 -12.25
CA THR B 69 47.01 -40.77 -11.37
C THR B 69 48.32 -40.41 -10.68
N GLU B 70 48.34 -40.66 -9.36
CA GLU B 70 49.52 -40.41 -8.54
C GLU B 70 50.57 -41.51 -8.78
N PHE B 71 51.76 -41.16 -9.29
CA PHE B 71 52.76 -42.16 -9.66
C PHE B 71 54.16 -41.71 -9.24
N THR B 72 55.10 -42.68 -9.18
CA THR B 72 56.50 -42.36 -9.00
C THR B 72 57.25 -42.92 -10.21
N PRO B 73 57.87 -42.08 -11.06
CA PRO B 73 58.62 -42.56 -12.24
C PRO B 73 59.96 -43.26 -11.90
N THR B 74 60.03 -44.54 -12.28
CA THR B 74 61.24 -45.33 -12.22
C THR B 74 61.92 -45.21 -13.58
N GLU B 75 63.25 -45.10 -13.55
CA GLU B 75 64.03 -44.92 -14.78
C GLU B 75 63.66 -46.00 -15.82
N LYS B 76 63.32 -47.21 -15.35
CA LYS B 76 62.91 -48.32 -16.22
C LYS B 76 61.54 -48.06 -16.87
N ASP B 77 60.63 -47.29 -16.25
CA ASP B 77 59.20 -47.41 -16.57
C ASP B 77 58.77 -46.50 -17.74
N GLU B 78 57.91 -47.06 -18.61
CA GLU B 78 57.26 -46.39 -19.74
C GLU B 78 55.76 -46.18 -19.51
N TYR B 79 55.26 -44.99 -19.88
CA TYR B 79 53.90 -44.60 -19.57
C TYR B 79 53.20 -44.03 -20.82
N ALA B 80 51.92 -44.36 -21.01
CA ALA B 80 51.14 -43.81 -22.11
C ALA B 80 49.69 -43.55 -21.69
N CYS B 81 48.96 -42.92 -22.62
CA CYS B 81 47.52 -42.82 -22.56
C CYS B 81 46.88 -43.46 -23.80
N ARG B 82 45.90 -44.36 -23.57
CA ARG B 82 45.11 -44.94 -24.66
C ARG B 82 43.65 -44.52 -24.57
N VAL B 83 43.12 -44.01 -25.70
CA VAL B 83 41.73 -43.59 -25.78
C VAL B 83 40.98 -44.43 -26.82
N ASN B 84 39.66 -44.53 -26.64
CA ASN B 84 38.82 -44.96 -27.74
C ASN B 84 37.56 -44.10 -27.81
N HIS B 85 37.21 -43.77 -29.07
CA HIS B 85 36.08 -42.95 -29.45
C HIS B 85 35.47 -43.58 -30.71
N VAL B 86 34.18 -43.30 -30.95
CA VAL B 86 33.55 -43.70 -32.20
C VAL B 86 34.43 -43.26 -33.37
N THR B 87 35.06 -42.09 -33.25
CA THR B 87 35.87 -41.53 -34.35
C THR B 87 37.07 -42.43 -34.64
N LEU B 88 37.45 -43.26 -33.67
CA LEU B 88 38.68 -44.07 -33.85
C LEU B 88 38.32 -45.52 -34.11
N SER B 89 38.78 -46.08 -35.22
CA SER B 89 38.49 -47.45 -35.59
C SER B 89 39.45 -48.38 -34.86
N GLN B 90 40.59 -47.83 -34.42
CA GLN B 90 41.50 -48.52 -33.52
C GLN B 90 41.88 -47.61 -32.36
N PRO B 91 42.10 -48.13 -31.12
CA PRO B 91 42.59 -47.29 -30.03
C PRO B 91 43.80 -46.45 -30.43
N LYS B 92 43.81 -45.17 -30.02
CA LYS B 92 44.94 -44.27 -30.17
C LYS B 92 45.72 -44.24 -28.86
N ILE B 93 46.99 -44.69 -28.95
CA ILE B 93 47.90 -44.80 -27.81
C ILE B 93 49.01 -43.76 -28.00
N VAL B 94 49.00 -42.72 -27.13
CA VAL B 94 50.04 -41.70 -27.14
C VAL B 94 50.96 -41.88 -25.93
N LYS B 95 52.27 -42.08 -26.23
CA LYS B 95 53.28 -42.28 -25.23
C LYS B 95 53.63 -40.95 -24.54
N TRP B 96 54.02 -41.06 -23.26
CA TRP B 96 54.67 -39.99 -22.50
C TRP B 96 56.14 -39.87 -22.89
N ASP B 97 56.56 -38.66 -23.27
CA ASP B 97 57.96 -38.30 -23.51
C ASP B 97 58.72 -38.20 -22.18
N ARG B 98 60.01 -37.83 -22.22
CA ARG B 98 60.85 -37.67 -21.03
C ARG B 98 60.60 -38.87 -20.06
N GLN C 3 9.35 -13.13 -2.85
CA GLN C 3 8.56 -14.22 -2.23
C GLN C 3 7.41 -13.73 -1.32
N THR C 4 6.76 -12.57 -1.58
CA THR C 4 5.58 -12.20 -0.79
C THR C 4 4.84 -10.97 -1.31
N VAL C 5 3.50 -11.00 -1.25
CA VAL C 5 2.66 -9.91 -1.74
C VAL C 5 1.66 -9.47 -0.65
N THR C 6 1.50 -8.14 -0.55
CA THR C 6 0.61 -7.58 0.45
C THR C 6 -0.31 -6.52 -0.16
N GLN C 7 -1.61 -6.77 0.02
CA GLN C 7 -2.71 -5.88 -0.32
C GLN C 7 -3.53 -5.61 0.94
N SER C 8 -3.30 -4.46 1.57
CA SER C 8 -3.73 -4.30 2.95
C SER C 8 -5.18 -3.86 3.00
N GLN C 9 -5.65 -3.17 1.94
CA GLN C 9 -7.01 -2.61 1.84
C GLN C 9 -8.01 -3.72 1.56
N PRO C 10 -8.70 -4.26 2.58
CA PRO C 10 -9.58 -5.41 2.35
C PRO C 10 -10.81 -5.07 1.51
N GLU C 11 -11.26 -3.80 1.60
CA GLU C 11 -12.43 -3.34 0.87
C GLU C 11 -12.21 -1.94 0.35
N MET C 12 -12.83 -1.64 -0.77
CA MET C 12 -12.57 -0.36 -1.39
C MET C 12 -13.73 0.00 -2.31
N SER C 13 -13.90 1.31 -2.51
CA SER C 13 -15.13 1.88 -3.01
C SER C 13 -14.87 3.00 -4.02
N VAL C 14 -15.77 3.17 -4.96
CA VAL C 14 -15.56 4.15 -6.00
C VAL C 14 -16.91 4.49 -6.62
N GLN C 15 -17.05 5.75 -7.02
CA GLN C 15 -18.22 6.23 -7.73
C GLN C 15 -17.99 5.98 -9.22
N GLU C 16 -19.07 5.55 -9.88
CA GLU C 16 -19.11 5.49 -11.32
C GLU C 16 -18.55 6.76 -11.99
N ALA C 17 -17.64 6.55 -12.95
CA ALA C 17 -16.95 7.58 -13.69
C ALA C 17 -15.77 8.21 -12.93
N GLU C 18 -15.56 7.82 -11.66
CA GLU C 18 -14.38 8.20 -10.91
C GLU C 18 -13.18 7.24 -11.14
N THR C 19 -11.97 7.81 -11.00
CA THR C 19 -10.71 7.12 -10.87
C THR C 19 -10.53 6.61 -9.44
N VAL C 20 -9.98 5.41 -9.29
CA VAL C 20 -9.62 4.85 -7.99
C VAL C 20 -8.26 4.15 -8.10
N THR C 21 -7.49 4.17 -7.01
CA THR C 21 -6.20 3.54 -6.96
C THR C 21 -6.23 2.43 -5.92
N LEU C 22 -5.99 1.18 -6.38
CA LEU C 22 -5.81 0.01 -5.54
C LEU C 22 -4.33 -0.17 -5.21
N SER C 23 -4.00 -0.51 -3.97
CA SER C 23 -2.61 -0.40 -3.57
C SER C 23 -2.03 -1.77 -3.17
N CYS C 24 -0.73 -1.92 -3.50
CA CYS C 24 -0.02 -3.19 -3.39
C CYS C 24 1.52 -3.03 -3.35
N THR C 25 2.12 -3.74 -2.39
CA THR C 25 3.56 -3.86 -2.34
C THR C 25 3.93 -5.33 -2.33
N TYR C 26 5.10 -5.60 -2.93
CA TYR C 26 5.72 -6.92 -2.95
C TYR C 26 7.07 -6.85 -2.25
N ASP C 27 7.51 -8.03 -1.80
CA ASP C 27 8.82 -8.21 -1.22
C ASP C 27 9.57 -9.32 -1.96
N THR C 28 10.82 -9.03 -2.31
CA THR C 28 11.65 -9.93 -3.08
C THR C 28 13.11 -9.52 -2.98
N SER C 29 13.98 -10.33 -3.58
CA SER C 29 15.38 -9.98 -3.71
C SER C 29 15.89 -10.29 -5.09
N GLU C 30 14.99 -10.45 -6.08
CA GLU C 30 15.37 -11.07 -7.38
C GLU C 30 15.71 -10.19 -8.59
N SER C 31 15.22 -8.96 -8.71
CA SER C 31 15.66 -8.11 -9.82
C SER C 31 15.07 -8.48 -11.19
N ASP C 32 14.99 -9.77 -11.53
CA ASP C 32 14.34 -10.22 -12.79
C ASP C 32 12.95 -10.75 -12.43
N TYR C 33 11.89 -9.97 -12.63
CA TYR C 33 10.59 -10.46 -12.16
C TYR C 33 9.40 -9.92 -12.96
N TYR C 34 8.20 -10.39 -12.59
CA TYR C 34 6.98 -10.12 -13.33
C TYR C 34 5.82 -9.79 -12.38
N LEU C 35 5.05 -8.78 -12.78
CA LEU C 35 4.03 -8.22 -11.93
C LEU C 35 2.71 -8.12 -12.69
N PHE C 36 1.64 -8.49 -12.00
CA PHE C 36 0.34 -8.58 -12.64
C PHE C 36 -0.72 -8.10 -11.66
N TRP C 37 -1.85 -7.68 -12.27
CA TRP C 37 -3.13 -7.63 -11.60
C TRP C 37 -4.08 -8.57 -12.32
N TYR C 38 -4.93 -9.19 -11.51
CA TYR C 38 -6.03 -10.04 -11.92
C TYR C 38 -7.30 -9.60 -11.15
N LYS C 39 -8.48 -9.84 -11.74
CA LYS C 39 -9.75 -9.52 -11.10
C LYS C 39 -10.60 -10.79 -11.07
N GLN C 40 -11.30 -10.99 -9.96
CA GLN C 40 -12.08 -12.24 -9.81
C GLN C 40 -13.52 -11.86 -9.51
N PRO C 41 -14.37 -11.69 -10.55
CA PRO C 41 -15.77 -11.41 -10.33
C PRO C 41 -16.41 -12.59 -9.59
N PRO C 42 -17.63 -12.47 -9.04
CA PRO C 42 -18.25 -13.56 -8.28
C PRO C 42 -18.27 -14.85 -9.10
N SER C 43 -18.05 -14.77 -10.41
CA SER C 43 -17.93 -15.98 -11.27
C SER C 43 -16.85 -16.90 -10.69
N ARG C 44 -15.91 -16.34 -9.94
CA ARG C 44 -14.78 -17.09 -9.34
C ARG C 44 -13.75 -17.35 -10.44
N GLN C 45 -13.88 -16.65 -11.57
CA GLN C 45 -12.92 -16.81 -12.68
C GLN C 45 -11.84 -15.75 -12.53
N MET C 46 -10.57 -16.14 -12.58
CA MET C 46 -9.48 -15.13 -12.53
C MET C 46 -9.29 -14.54 -13.92
N ILE C 47 -9.29 -13.21 -14.01
CA ILE C 47 -9.18 -12.52 -15.27
C ILE C 47 -8.01 -11.54 -15.21
N LEU C 48 -7.17 -11.61 -16.22
CA LEU C 48 -6.01 -10.78 -16.24
C LEU C 48 -6.46 -9.36 -16.50
N VAL C 49 -5.90 -8.41 -15.76
CA VAL C 49 -6.21 -7.01 -15.91
C VAL C 49 -5.05 -6.32 -16.63
N ILE C 50 -3.83 -6.57 -16.16
CA ILE C 50 -2.68 -5.89 -16.72
C ILE C 50 -1.40 -6.63 -16.33
N ARG C 51 -0.34 -6.33 -17.10
CA ARG C 51 0.96 -6.96 -17.00
C ARG C 51 2.06 -5.89 -17.00
N GLN C 52 2.97 -5.98 -16.03
CA GLN C 52 4.16 -5.14 -15.97
C GLN C 52 5.39 -6.00 -15.73
N GLU C 53 6.41 -5.83 -16.59
CA GLU C 53 7.70 -6.46 -16.40
C GLU C 53 8.68 -5.51 -15.74
N ALA C 54 9.39 -6.00 -14.70
CA ALA C 54 10.41 -5.27 -13.93
C ALA C 54 11.52 -4.64 -14.77
N TYR C 55 11.67 -5.09 -16.02
CA TYR C 55 12.70 -4.53 -16.92
C TYR C 55 12.09 -3.45 -17.81
N LYS C 56 11.03 -2.80 -17.33
CA LYS C 56 10.36 -1.76 -18.11
C LYS C 56 10.03 -0.58 -17.19
N GLN C 57 10.41 0.66 -17.57
CA GLN C 57 10.08 1.86 -16.76
C GLN C 57 8.66 2.38 -17.00
N GLN C 58 8.35 2.63 -18.29
CA GLN C 58 7.04 3.06 -18.75
C GLN C 58 6.02 2.08 -18.13
N ASN C 59 5.08 2.69 -17.39
CA ASN C 59 4.05 1.98 -16.66
C ASN C 59 3.02 1.54 -17.67
N ALA C 60 2.58 0.29 -17.53
CA ALA C 60 1.66 -0.30 -18.48
C ALA C 60 0.37 0.49 -18.44
N THR C 61 -0.32 0.56 -19.60
CA THR C 61 -1.66 1.14 -19.74
C THR C 61 -2.50 0.29 -20.69
N GLU C 62 -3.59 -0.34 -20.18
CA GLU C 62 -4.65 -0.94 -21.01
C GLU C 62 -5.94 -0.08 -21.06
N ASN C 63 -5.93 0.93 -21.94
CA ASN C 63 -7.02 1.88 -22.05
C ASN C 63 -7.31 2.49 -20.69
N ARG C 64 -8.46 2.13 -20.11
CA ARG C 64 -8.89 2.71 -18.84
C ARG C 64 -7.96 2.27 -17.68
N PHE C 65 -7.33 1.09 -17.79
CA PHE C 65 -6.48 0.59 -16.71
C PHE C 65 -5.02 1.00 -16.90
N SER C 66 -4.35 1.24 -15.77
CA SER C 66 -2.93 1.61 -15.74
C SER C 66 -2.36 1.37 -14.35
N VAL C 67 -1.04 1.50 -14.26
CA VAL C 67 -0.34 1.14 -13.04
C VAL C 67 0.65 2.25 -12.65
N ASN C 68 0.90 2.39 -11.33
CA ASN C 68 2.04 3.16 -10.85
C ASN C 68 3.08 2.18 -10.33
N PHE C 69 4.10 1.91 -11.15
CA PHE C 69 5.21 1.06 -10.80
C PHE C 69 6.36 1.91 -10.28
N GLN C 70 6.51 1.87 -8.97
CA GLN C 70 7.65 2.42 -8.27
C GLN C 70 8.54 1.24 -7.89
N LYS C 71 9.48 0.94 -8.78
CA LYS C 71 10.32 -0.22 -8.59
C LYS C 71 11.04 -0.15 -7.26
N ALA C 72 11.66 1.00 -6.99
CA ALA C 72 12.53 1.09 -5.83
C ALA C 72 11.72 0.99 -4.56
N ALA C 73 10.45 1.40 -4.63
CA ALA C 73 9.57 1.30 -3.47
C ALA C 73 8.94 -0.08 -3.36
N LYS C 74 9.11 -0.87 -4.43
CA LYS C 74 8.46 -2.18 -4.58
C LYS C 74 6.95 -1.97 -4.46
N SER C 75 6.46 -0.94 -5.15
CA SER C 75 5.06 -0.56 -5.13
C SER C 75 4.48 -0.73 -6.53
N PHE C 76 3.27 -1.29 -6.53
CA PHE C 76 2.54 -1.63 -7.75
C PHE C 76 1.02 -1.42 -7.58
N SER C 77 0.60 -0.17 -7.85
CA SER C 77 -0.76 0.29 -7.70
C SER C 77 -1.47 0.13 -9.02
N LEU C 78 -2.71 -0.36 -8.96
CA LEU C 78 -3.59 -0.37 -10.12
C LEU C 78 -4.49 0.87 -10.12
N LYS C 79 -4.41 1.61 -11.22
CA LYS C 79 -5.22 2.78 -11.39
C LYS C 79 -6.34 2.49 -12.40
N ILE C 80 -7.60 2.53 -11.93
CA ILE C 80 -8.80 2.40 -12.77
C ILE C 80 -9.45 3.76 -13.07
N SER C 81 -9.33 4.28 -14.30
CA SER C 81 -10.06 5.47 -14.67
C SER C 81 -11.50 5.09 -14.92
N ASP C 82 -12.33 6.15 -14.93
CA ASP C 82 -13.68 6.13 -15.44
C ASP C 82 -14.40 4.84 -15.05
N SER C 83 -14.46 4.55 -13.75
CA SER C 83 -14.99 3.28 -13.27
C SER C 83 -16.35 3.00 -13.87
N GLN C 84 -16.63 1.71 -13.98
CA GLN C 84 -17.89 1.23 -14.51
C GLN C 84 -18.42 0.24 -13.51
N LEU C 85 -19.71 -0.05 -13.60
CA LEU C 85 -20.32 -1.00 -12.67
C LEU C 85 -19.66 -2.34 -12.90
N GLY C 86 -19.25 -2.60 -14.16
CA GLY C 86 -18.67 -3.88 -14.54
C GLY C 86 -17.35 -4.17 -13.83
N ASP C 87 -16.62 -3.09 -13.54
CA ASP C 87 -15.36 -3.15 -12.81
C ASP C 87 -15.52 -3.84 -11.47
N ALA C 88 -16.74 -4.03 -10.96
CA ALA C 88 -16.85 -4.55 -9.61
C ALA C 88 -16.38 -6.00 -9.54
N ALA C 89 -15.51 -6.27 -8.57
CA ALA C 89 -14.87 -7.57 -8.46
C ALA C 89 -13.81 -7.51 -7.37
N MET C 90 -13.24 -8.69 -7.02
CA MET C 90 -12.05 -8.76 -6.17
C MET C 90 -10.80 -8.56 -7.03
N TYR C 91 -9.90 -7.66 -6.63
CA TYR C 91 -8.71 -7.39 -7.40
C TYR C 91 -7.51 -8.05 -6.68
N PHE C 92 -6.59 -8.65 -7.45
CA PHE C 92 -5.44 -9.35 -6.89
C PHE C 92 -4.12 -8.94 -7.56
N CYS C 93 -3.19 -8.60 -6.68
CA CYS C 93 -1.82 -8.31 -7.02
C CYS C 93 -1.02 -9.60 -7.00
N ALA C 94 -0.08 -9.72 -7.96
CA ALA C 94 0.60 -10.98 -8.17
C ALA C 94 2.02 -10.75 -8.66
N TYR C 95 2.91 -11.57 -8.11
CA TYR C 95 4.33 -11.49 -8.52
C TYR C 95 4.74 -12.85 -9.00
N ARG C 96 5.54 -12.89 -10.05
CA ARG C 96 6.10 -14.20 -10.47
C ARG C 96 7.57 -13.99 -10.79
N SER C 97 8.40 -14.92 -10.33
CA SER C 97 9.83 -14.86 -10.67
C SER C 97 9.98 -15.33 -12.10
N ALA C 98 11.06 -14.96 -12.76
CA ALA C 98 11.31 -15.44 -14.09
C ALA C 98 11.80 -16.87 -14.07
N VAL C 99 12.00 -17.45 -12.88
CA VAL C 99 12.62 -18.81 -12.81
C VAL C 99 11.73 -19.77 -12.01
N ASN C 100 10.67 -19.29 -11.39
CA ASN C 100 9.73 -20.20 -10.69
C ASN C 100 8.33 -19.95 -11.25
N ALA C 101 7.46 -20.93 -11.16
CA ALA C 101 6.13 -20.81 -11.80
C ALA C 101 5.09 -20.26 -10.83
N ARG C 102 5.22 -20.52 -9.55
CA ARG C 102 4.14 -20.09 -8.63
C ARG C 102 3.86 -18.60 -8.82
N LEU C 103 2.64 -18.26 -9.22
CA LEU C 103 2.24 -16.84 -9.28
C LEU C 103 1.87 -16.54 -7.84
N MET C 104 2.59 -15.61 -7.21
CA MET C 104 2.32 -15.32 -5.78
C MET C 104 1.20 -14.29 -5.72
N PHE C 105 0.17 -14.53 -4.93
CA PHE C 105 -1.00 -13.67 -4.87
C PHE C 105 -1.08 -12.87 -3.58
N GLY C 106 -1.39 -11.60 -3.74
CA GLY C 106 -1.86 -10.75 -2.65
C GLY C 106 -3.16 -11.29 -2.02
N ASP C 107 -3.49 -10.79 -0.82
CA ASP C 107 -4.62 -11.26 -0.01
C ASP C 107 -5.93 -10.83 -0.66
N GLY C 108 -5.90 -9.78 -1.50
CA GLY C 108 -7.06 -9.35 -2.27
C GLY C 108 -7.81 -8.14 -1.69
N THR C 109 -8.12 -7.19 -2.58
CA THR C 109 -8.90 -6.00 -2.32
C THR C 109 -10.22 -6.09 -3.12
N GLN C 110 -11.36 -6.09 -2.40
CA GLN C 110 -12.71 -6.16 -2.98
C GLN C 110 -13.14 -4.76 -3.41
N LEU C 111 -13.40 -4.51 -4.69
CA LEU C 111 -13.82 -3.18 -5.13
C LEU C 111 -15.31 -3.12 -5.39
N VAL C 112 -16.03 -2.19 -4.75
CA VAL C 112 -17.45 -1.96 -4.95
C VAL C 112 -17.65 -0.68 -5.75
N VAL C 113 -18.51 -0.71 -6.80
CA VAL C 113 -18.76 0.49 -7.60
C VAL C 113 -20.14 1.02 -7.22
N LYS C 114 -20.17 2.28 -6.75
CA LYS C 114 -21.40 3.01 -6.50
C LYS C 114 -21.86 3.74 -7.77
N PRO C 115 -23.14 3.56 -8.11
CA PRO C 115 -23.69 4.18 -9.33
C PRO C 115 -24.12 5.61 -9.04
N ASN C 116 -24.28 6.45 -10.07
CA ASN C 116 -24.75 7.80 -9.86
C ASN C 116 -26.26 7.81 -9.97
N ILE C 117 -26.92 7.67 -8.83
CA ILE C 117 -28.37 7.76 -8.78
C ILE C 117 -28.76 9.20 -9.07
N GLN C 118 -29.33 9.51 -10.25
CA GLN C 118 -29.59 10.91 -10.60
C GLN C 118 -30.71 11.56 -9.78
N ASN C 119 -31.86 10.90 -9.67
CA ASN C 119 -32.89 11.34 -8.75
C ASN C 119 -33.18 10.21 -7.78
N PRO C 120 -32.57 10.25 -6.59
CA PRO C 120 -32.93 9.32 -5.52
C PRO C 120 -34.43 9.32 -5.33
N ASP C 121 -34.98 8.20 -4.89
CA ASP C 121 -36.41 8.06 -4.65
C ASP C 121 -36.57 6.87 -3.70
N PRO C 122 -35.88 6.96 -2.55
CA PRO C 122 -35.87 5.90 -1.57
C PRO C 122 -37.26 5.39 -1.25
N ALA C 123 -37.44 4.08 -1.21
CA ALA C 123 -38.76 3.53 -1.00
C ALA C 123 -38.68 2.08 -0.56
N VAL C 124 -39.61 1.64 0.30
CA VAL C 124 -39.70 0.22 0.60
C VAL C 124 -41.01 -0.38 0.08
N TYR C 125 -40.96 -1.35 -0.85
CA TYR C 125 -42.15 -1.99 -1.36
C TYR C 125 -42.23 -3.43 -0.85
N GLN C 126 -43.43 -4.02 -0.84
CA GLN C 126 -43.62 -5.39 -0.38
C GLN C 126 -44.12 -6.24 -1.55
N LEU C 127 -43.70 -7.51 -1.58
CA LEU C 127 -44.06 -8.44 -2.69
C LEU C 127 -44.54 -9.76 -2.09
N ARG C 128 -45.39 -10.53 -2.79
CA ARG C 128 -45.97 -11.75 -2.17
C ARG C 128 -45.82 -12.99 -3.05
N ASP C 129 -45.97 -14.17 -2.44
CA ASP C 129 -45.73 -15.45 -3.14
C ASP C 129 -46.67 -15.67 -4.31
N SER C 130 -46.11 -15.98 -5.49
CA SER C 130 -46.96 -16.29 -6.67
C SER C 130 -47.71 -17.59 -6.41
N LYS C 131 -47.41 -18.26 -5.29
CA LYS C 131 -48.04 -19.56 -5.05
C LYS C 131 -48.92 -19.46 -3.80
N SER C 132 -48.40 -19.92 -2.65
CA SER C 132 -49.19 -20.00 -1.43
C SER C 132 -49.81 -18.63 -1.07
N SER C 133 -49.15 -17.52 -1.43
CA SER C 133 -49.67 -16.17 -1.04
C SER C 133 -49.77 -16.08 0.48
N ASP C 134 -48.87 -16.74 1.21
CA ASP C 134 -48.77 -16.65 2.66
C ASP C 134 -47.33 -16.24 3.09
N LYS C 135 -46.34 -16.51 2.24
CA LYS C 135 -44.93 -16.09 2.51
C LYS C 135 -44.65 -14.79 1.78
N SER C 136 -43.83 -13.88 2.33
CA SER C 136 -43.68 -12.56 1.67
C SER C 136 -42.29 -11.95 1.82
N VAL C 137 -41.97 -10.95 0.99
CA VAL C 137 -40.62 -10.32 1.01
C VAL C 137 -40.74 -8.80 0.96
N CYS C 138 -39.64 -8.10 1.22
CA CYS C 138 -39.57 -6.65 1.27
C CYS C 138 -38.39 -6.20 0.43
N LEU C 139 -38.57 -5.14 -0.34
CA LEU C 139 -37.52 -4.60 -1.19
C LEU C 139 -37.31 -3.11 -0.89
N PHE C 140 -36.11 -2.76 -0.47
CA PHE C 140 -35.78 -1.36 -0.26
C PHE C 140 -35.08 -0.93 -1.53
N THR C 141 -35.39 0.22 -2.12
CA THR C 141 -34.78 0.50 -3.41
C THR C 141 -34.80 1.97 -3.81
N ASP C 142 -34.13 2.25 -4.93
CA ASP C 142 -33.91 3.55 -5.54
C ASP C 142 -33.36 4.55 -4.54
N PHE C 143 -32.55 4.08 -3.59
CA PHE C 143 -31.87 4.92 -2.61
C PHE C 143 -30.51 5.31 -3.17
N ASP C 144 -29.94 6.39 -2.62
CA ASP C 144 -28.76 7.05 -3.13
C ASP C 144 -27.58 6.18 -2.77
N SER C 145 -26.46 6.28 -3.51
CA SER C 145 -25.44 5.23 -3.37
C SER C 145 -24.62 5.43 -2.09
N GLN C 146 -24.71 6.65 -1.51
CA GLN C 146 -24.01 6.98 -0.27
C GLN C 146 -24.72 6.41 0.95
N THR C 147 -25.84 5.73 0.76
CA THR C 147 -26.54 5.05 1.83
C THR C 147 -25.94 3.65 2.06
N ASN C 148 -25.98 3.18 3.31
CA ASN C 148 -25.47 1.85 3.65
C ASN C 148 -26.61 0.99 4.22
N VAL C 149 -26.48 -0.34 4.08
CA VAL C 149 -27.54 -1.22 4.57
C VAL C 149 -27.04 -2.05 5.74
N SER C 150 -27.53 -1.81 6.97
CA SER C 150 -27.06 -2.65 8.06
C SER C 150 -27.61 -4.06 7.82
N GLN C 151 -26.81 -5.11 8.07
CA GLN C 151 -27.34 -6.47 8.05
C GLN C 151 -28.14 -6.64 9.36
N SER C 152 -28.98 -7.69 9.42
CA SER C 152 -29.90 -7.87 10.56
C SER C 152 -29.13 -8.32 11.80
N LYS C 153 -29.45 -7.76 12.97
CA LYS C 153 -28.83 -8.25 14.19
C LYS C 153 -29.73 -9.38 14.72
N ASP C 154 -31.04 -9.31 14.42
CA ASP C 154 -32.00 -10.39 14.70
C ASP C 154 -31.67 -11.57 13.78
N SER C 155 -31.74 -12.81 14.30
CA SER C 155 -31.20 -13.97 13.58
C SER C 155 -32.15 -14.43 12.48
N ASP C 156 -33.46 -14.41 12.77
CA ASP C 156 -34.50 -14.98 11.92
C ASP C 156 -34.97 -13.99 10.86
N VAL C 157 -34.35 -12.79 10.81
CA VAL C 157 -34.70 -11.88 9.72
C VAL C 157 -33.50 -11.84 8.78
N TYR C 158 -33.75 -11.89 7.46
CA TYR C 158 -32.69 -12.05 6.49
C TYR C 158 -32.66 -10.81 5.63
N ILE C 159 -31.63 -10.00 5.82
CA ILE C 159 -31.38 -8.83 5.01
C ILE C 159 -30.19 -9.12 4.10
N THR C 160 -30.51 -8.94 2.82
CA THR C 160 -29.49 -9.11 1.78
C THR C 160 -28.64 -7.84 1.74
N ASP C 161 -27.57 -7.87 0.99
CA ASP C 161 -26.59 -6.81 0.89
C ASP C 161 -27.07 -5.77 -0.14
N LYS C 162 -26.39 -4.62 -0.27
CA LYS C 162 -26.72 -3.59 -1.24
C LYS C 162 -26.42 -4.23 -2.58
N CYS C 163 -27.19 -3.93 -3.62
CA CYS C 163 -27.03 -4.65 -4.92
C CYS C 163 -27.32 -3.68 -6.04
N VAL C 164 -26.41 -3.59 -7.00
CA VAL C 164 -26.59 -2.62 -8.05
C VAL C 164 -27.19 -3.30 -9.28
N LEU C 165 -28.18 -2.63 -9.86
CA LEU C 165 -28.92 -3.16 -11.03
C LEU C 165 -28.84 -2.14 -12.16
N ASP C 166 -28.56 -2.60 -13.38
CA ASP C 166 -28.48 -1.74 -14.55
C ASP C 166 -29.51 -2.19 -15.58
N MET C 167 -30.68 -1.57 -15.55
CA MET C 167 -31.69 -1.71 -16.59
C MET C 167 -31.25 -0.97 -17.84
N ARG C 168 -30.55 -1.62 -18.77
CA ARG C 168 -30.06 -0.87 -19.92
C ARG C 168 -31.24 -0.59 -20.84
N SER C 169 -32.33 -1.37 -20.70
CA SER C 169 -33.53 -1.12 -21.47
C SER C 169 -33.88 0.36 -21.39
N MET C 170 -33.98 0.87 -20.16
CA MET C 170 -34.51 2.20 -19.85
C MET C 170 -33.40 3.14 -19.37
N ASP C 171 -32.14 2.76 -19.53
CA ASP C 171 -31.01 3.64 -19.21
C ASP C 171 -31.05 4.07 -17.74
N PHE C 172 -31.20 3.11 -16.82
CA PHE C 172 -31.51 3.46 -15.45
C PHE C 172 -30.83 2.48 -14.51
N LYS C 173 -30.06 3.04 -13.54
CA LYS C 173 -29.42 2.29 -12.46
C LYS C 173 -30.18 2.42 -11.15
N SER C 174 -29.98 1.48 -10.25
CA SER C 174 -30.90 1.31 -9.13
C SER C 174 -30.23 0.46 -8.05
N ASN C 175 -30.01 1.03 -6.87
CA ASN C 175 -29.55 0.22 -5.75
C ASN C 175 -30.76 -0.51 -5.21
N SER C 176 -30.53 -1.62 -4.55
CA SER C 176 -31.67 -2.41 -4.05
C SER C 176 -31.19 -3.29 -2.91
N ALA C 177 -32.10 -3.67 -2.04
CA ALA C 177 -31.74 -4.60 -1.00
C ALA C 177 -33.00 -5.31 -0.56
N VAL C 178 -32.89 -6.58 -0.25
CA VAL C 178 -34.13 -7.38 0.01
C VAL C 178 -34.09 -7.93 1.43
N ALA C 179 -35.27 -8.26 1.96
CA ALA C 179 -35.36 -8.78 3.31
C ALA C 179 -36.50 -9.78 3.38
N TRP C 180 -36.41 -10.79 4.22
CA TRP C 180 -37.55 -11.66 4.42
C TRP C 180 -37.49 -12.28 5.81
N SER C 181 -38.66 -12.82 6.23
CA SER C 181 -38.76 -13.62 7.44
C SER C 181 -40.15 -14.25 7.44
N ASN C 182 -40.31 -15.35 8.17
CA ASN C 182 -41.60 -15.97 8.30
C ASN C 182 -42.35 -15.34 9.49
N LYS C 183 -41.67 -14.54 10.34
CA LYS C 183 -42.27 -14.08 11.59
C LYS C 183 -43.37 -13.06 11.29
N SER C 184 -44.42 -13.09 12.13
CA SER C 184 -45.64 -12.33 11.93
C SER C 184 -45.49 -10.87 12.39
N ASP C 185 -44.68 -10.67 13.44
CA ASP C 185 -44.37 -9.36 14.02
C ASP C 185 -43.28 -8.66 13.21
N PHE C 186 -43.52 -8.45 11.90
CA PHE C 186 -42.49 -8.06 10.95
C PHE C 186 -43.15 -7.45 9.74
N ALA C 187 -42.74 -6.24 9.39
CA ALA C 187 -43.27 -5.53 8.23
C ALA C 187 -42.12 -4.95 7.44
N CYS C 188 -42.41 -4.33 6.31
CA CYS C 188 -41.38 -3.71 5.50
C CYS C 188 -40.91 -2.36 6.05
N ALA C 189 -41.86 -1.58 6.60
CA ALA C 189 -41.65 -0.22 7.07
C ALA C 189 -40.40 -0.15 7.95
N ASN C 190 -40.36 -1.08 8.91
CA ASN C 190 -39.37 -1.09 9.98
C ASN C 190 -38.26 -2.12 9.74
N ALA C 191 -38.33 -2.88 8.63
CA ALA C 191 -37.38 -3.96 8.35
C ALA C 191 -36.01 -3.40 8.02
N PHE C 192 -35.99 -2.20 7.44
CA PHE C 192 -34.75 -1.54 7.09
C PHE C 192 -34.43 -0.32 7.98
N ASN C 193 -35.05 -0.16 9.17
CA ASN C 193 -34.97 1.07 9.97
C ASN C 193 -33.62 1.23 10.70
N ASN C 194 -33.08 0.12 11.22
CA ASN C 194 -31.72 -0.04 11.76
C ASN C 194 -30.64 0.27 10.68
N SER C 195 -31.02 0.54 9.40
CA SER C 195 -30.05 0.63 8.30
C SER C 195 -29.93 2.08 7.80
N ASP D 4 -11.36 -20.47 -24.34
CA ASP D 4 -9.86 -20.47 -24.16
C ASP D 4 -9.30 -21.77 -23.54
N ILE D 5 -9.59 -21.94 -22.25
CA ILE D 5 -9.12 -23.10 -21.46
C ILE D 5 -10.34 -23.59 -20.68
N TYR D 6 -10.56 -24.90 -20.59
CA TYR D 6 -11.82 -25.41 -19.98
C TYR D 6 -11.54 -26.26 -18.76
N GLN D 7 -12.51 -26.32 -17.85
CA GLN D 7 -12.34 -27.06 -16.58
C GLN D 7 -13.70 -27.66 -16.20
N THR D 8 -13.78 -28.98 -16.11
CA THR D 8 -15.03 -29.67 -15.72
C THR D 8 -14.72 -30.58 -14.54
N PRO D 9 -15.58 -30.72 -13.52
CA PRO D 9 -16.78 -29.91 -13.41
C PRO D 9 -16.51 -28.49 -12.89
N ARG D 10 -17.54 -27.64 -12.82
CA ARG D 10 -17.34 -26.29 -12.22
C ARG D 10 -17.80 -26.39 -10.78
N TYR D 11 -18.66 -27.36 -10.48
CA TYR D 11 -19.11 -27.59 -9.09
C TYR D 11 -19.18 -29.11 -8.91
N LEU D 12 -18.71 -29.61 -7.77
CA LEU D 12 -18.81 -31.07 -7.51
C LEU D 12 -18.99 -31.36 -6.02
N VAL D 13 -20.06 -32.05 -5.67
CA VAL D 13 -20.24 -32.49 -4.31
C VAL D 13 -20.09 -33.99 -4.35
N ILE D 14 -19.39 -34.56 -3.37
CA ILE D 14 -19.04 -35.96 -3.43
C ILE D 14 -18.86 -36.48 -2.00
N GLY D 15 -19.02 -37.79 -1.81
CA GLY D 15 -18.87 -38.35 -0.49
C GLY D 15 -17.39 -38.59 -0.19
N THR D 16 -17.09 -38.91 1.07
CA THR D 16 -15.71 -39.09 1.50
C THR D 16 -15.18 -40.40 0.91
N GLY D 17 -13.97 -40.34 0.32
CA GLY D 17 -13.19 -41.52 -0.01
C GLY D 17 -13.45 -42.08 -1.40
N LYS D 18 -14.05 -41.25 -2.26
CA LYS D 18 -14.35 -41.64 -3.63
C LYS D 18 -13.35 -40.96 -4.55
N LYS D 19 -13.26 -41.48 -5.78
CA LYS D 19 -12.24 -41.03 -6.72
C LYS D 19 -12.79 -39.88 -7.57
N ILE D 20 -12.03 -38.79 -7.61
CA ILE D 20 -12.43 -37.51 -8.19
C ILE D 20 -11.46 -37.21 -9.30
N THR D 21 -11.94 -36.77 -10.46
CA THR D 21 -11.07 -36.39 -11.54
C THR D 21 -11.52 -35.04 -12.06
N LEU D 22 -10.70 -34.02 -11.82
CA LEU D 22 -11.01 -32.66 -12.29
C LEU D 22 -10.33 -32.50 -13.64
N GLU D 23 -11.08 -32.05 -14.63
CA GLU D 23 -10.50 -31.98 -16.00
C GLU D 23 -10.05 -30.56 -16.31
N CYS D 24 -8.95 -30.42 -17.02
CA CYS D 24 -8.53 -29.08 -17.47
C CYS D 24 -7.99 -29.27 -18.88
N SER D 25 -8.47 -28.46 -19.82
CA SER D 25 -8.05 -28.66 -21.22
C SER D 25 -7.79 -27.30 -21.83
N GLN D 26 -6.96 -27.26 -22.85
CA GLN D 26 -6.60 -25.99 -23.45
C GLN D 26 -6.08 -26.21 -24.86
N THR D 27 -6.47 -25.27 -25.71
CA THR D 27 -6.24 -25.34 -27.15
C THR D 27 -5.59 -24.03 -27.59
N MET D 28 -4.57 -23.61 -26.85
CA MET D 28 -3.78 -22.51 -27.37
C MET D 28 -2.39 -22.95 -27.73
N GLY D 29 -2.13 -24.25 -27.62
CA GLY D 29 -0.80 -24.78 -27.93
C GLY D 29 0.14 -24.39 -26.82
N HIS D 30 -0.36 -24.51 -25.59
CA HIS D 30 0.49 -24.04 -24.47
C HIS D 30 1.15 -25.26 -23.83
N ASP D 31 2.47 -25.21 -23.70
CA ASP D 31 3.19 -26.39 -23.16
C ASP D 31 3.14 -26.28 -21.64
N LYS D 32 3.34 -25.08 -21.12
CA LYS D 32 3.36 -24.90 -19.65
C LYS D 32 1.94 -24.79 -19.11
N MET D 33 1.63 -25.63 -18.13
CA MET D 33 0.28 -25.66 -17.53
C MET D 33 0.41 -25.74 -16.01
N TYR D 34 -0.60 -25.29 -15.27
CA TYR D 34 -0.54 -25.14 -13.82
C TYR D 34 -1.85 -25.52 -13.14
N TRP D 35 -1.77 -25.79 -11.84
CA TRP D 35 -2.97 -26.09 -11.02
C TRP D 35 -2.78 -25.41 -9.66
N TYR D 36 -3.67 -24.48 -9.31
CA TYR D 36 -3.59 -23.80 -8.00
C TYR D 36 -4.76 -24.25 -7.15
N GLN D 37 -4.74 -23.91 -5.86
CA GLN D 37 -5.83 -24.31 -4.94
C GLN D 37 -6.12 -23.13 -4.00
N GLN D 38 -7.39 -22.74 -3.86
CA GLN D 38 -7.75 -21.58 -3.01
C GLN D 38 -8.79 -22.02 -2.00
N ASP D 39 -8.35 -22.33 -0.78
CA ASP D 39 -9.31 -22.68 0.30
C ASP D 39 -9.98 -21.40 0.77
N PRO D 40 -11.23 -21.44 1.25
CA PRO D 40 -11.89 -20.27 1.79
C PRO D 40 -10.74 -19.47 2.39
N GLY D 41 -10.49 -18.25 1.90
CA GLY D 41 -9.62 -17.29 2.59
C GLY D 41 -8.16 -17.49 2.24
N MET D 42 -7.57 -18.62 2.65
CA MET D 42 -6.15 -18.94 2.36
C MET D 42 -5.83 -18.57 0.90
N GLU D 43 -4.59 -18.17 0.60
CA GLU D 43 -4.29 -17.66 -0.76
C GLU D 43 -4.04 -18.81 -1.73
N LEU D 44 -3.96 -18.49 -3.02
CA LEU D 44 -3.80 -19.54 -4.04
C LEU D 44 -2.45 -20.23 -3.85
N HIS D 45 -2.41 -21.55 -4.01
CA HIS D 45 -1.17 -22.30 -3.80
C HIS D 45 -0.90 -23.19 -5.00
N LEU D 46 0.22 -22.97 -5.70
CA LEU D 46 0.60 -23.87 -6.81
C LEU D 46 0.73 -25.27 -6.22
N ILE D 47 -0.05 -26.22 -6.70
CA ILE D 47 0.07 -27.59 -6.23
C ILE D 47 0.68 -28.48 -7.30
N HIS D 48 0.43 -28.22 -8.59
CA HIS D 48 1.05 -29.02 -9.64
C HIS D 48 1.44 -28.11 -10.79
N TYR D 49 2.49 -28.42 -11.55
CA TYR D 49 2.71 -27.70 -12.80
C TYR D 49 3.40 -28.62 -13.80
N SER D 50 3.50 -28.22 -15.07
CA SER D 50 4.05 -29.05 -16.11
C SER D 50 4.70 -28.20 -17.18
N TYR D 51 5.82 -28.67 -17.76
CA TYR D 51 6.55 -27.90 -18.74
C TYR D 51 6.17 -28.26 -20.16
N GLY D 52 5.50 -29.40 -20.28
CA GLY D 52 5.07 -29.93 -21.55
C GLY D 52 4.53 -31.34 -21.37
N VAL D 53 4.46 -32.09 -22.48
CA VAL D 53 3.98 -33.46 -22.41
C VAL D 53 4.94 -34.25 -21.54
N ASN D 54 4.41 -35.15 -20.70
CA ASN D 54 5.15 -36.02 -19.78
C ASN D 54 6.03 -35.33 -18.73
N SER D 55 5.88 -34.00 -18.51
CA SER D 55 6.38 -33.31 -17.33
C SER D 55 5.29 -33.14 -16.28
N THR D 56 5.52 -33.52 -15.03
CA THR D 56 4.59 -33.23 -13.97
C THR D 56 5.39 -32.96 -12.71
N GLU D 57 5.41 -31.71 -12.24
CA GLU D 57 6.27 -31.33 -11.13
C GLU D 57 5.41 -30.82 -9.99
N LYS D 58 5.95 -30.85 -8.77
CA LYS D 58 5.18 -30.38 -7.63
C LYS D 58 5.39 -28.88 -7.40
N GLY D 59 4.53 -28.32 -6.56
CA GLY D 59 4.62 -26.90 -6.30
C GLY D 59 4.63 -26.56 -4.82
N ASP D 60 4.77 -25.27 -4.51
CA ASP D 60 4.87 -24.81 -3.10
C ASP D 60 4.09 -25.69 -2.11
N LEU D 61 2.79 -25.89 -2.33
CA LEU D 61 2.00 -26.60 -1.33
C LEU D 61 1.93 -28.08 -1.68
N SER D 62 1.89 -28.93 -0.65
CA SER D 62 2.04 -30.36 -0.85
C SER D 62 0.69 -31.04 -0.79
N SER D 63 0.50 -32.03 -1.65
CA SER D 63 -0.85 -32.43 -2.00
C SER D 63 -0.90 -33.92 -2.28
N GLU D 64 -2.03 -34.53 -1.95
CA GLU D 64 -2.18 -35.94 -2.23
C GLU D 64 -2.97 -36.10 -3.55
N SER D 65 -3.03 -35.03 -4.36
CA SER D 65 -3.53 -35.15 -5.73
C SER D 65 -2.39 -35.59 -6.62
N THR D 66 -2.70 -35.91 -7.86
CA THR D 66 -1.74 -36.42 -8.83
C THR D 66 -2.17 -35.85 -10.15
N VAL D 67 -1.21 -35.68 -11.06
CA VAL D 67 -1.50 -35.14 -12.36
C VAL D 67 -0.85 -35.99 -13.42
N SER D 68 -1.32 -35.86 -14.62
CA SER D 68 -0.78 -36.58 -15.73
C SER D 68 -0.76 -35.63 -16.91
N ARG D 69 0.21 -35.79 -17.79
CA ARG D 69 0.27 -34.95 -18.99
C ARG D 69 0.69 -35.80 -20.19
N ILE D 70 -0.19 -36.74 -20.55
CA ILE D 70 -0.01 -37.54 -21.74
C ILE D 70 -0.08 -36.67 -23.01
N ARG D 71 -0.84 -35.58 -23.01
CA ARG D 71 -0.73 -34.73 -24.19
C ARG D 71 -0.94 -33.24 -23.91
N THR D 72 -0.61 -32.42 -24.91
CA THR D 72 -0.51 -30.98 -24.77
C THR D 72 -1.82 -30.40 -24.24
N GLU D 73 -2.94 -30.83 -24.78
CA GLU D 73 -4.22 -30.16 -24.46
C GLU D 73 -4.76 -30.46 -23.07
N HIS D 74 -4.45 -31.62 -22.51
CA HIS D 74 -5.12 -31.99 -21.23
C HIS D 74 -4.14 -32.11 -20.07
N PHE D 75 -4.54 -31.60 -18.90
CA PHE D 75 -3.72 -31.69 -17.67
C PHE D 75 -4.65 -32.09 -16.53
N PRO D 76 -5.18 -33.33 -16.52
CA PRO D 76 -6.14 -33.72 -15.51
C PRO D 76 -5.55 -33.83 -14.10
N LEU D 77 -6.40 -33.72 -13.07
CA LEU D 77 -5.94 -33.85 -11.70
C LEU D 77 -6.78 -34.92 -11.03
N THR D 78 -6.15 -35.89 -10.34
CA THR D 78 -6.89 -37.00 -9.75
C THR D 78 -6.68 -37.05 -8.24
N LEU D 79 -7.73 -37.49 -7.54
CA LEU D 79 -7.77 -37.52 -6.08
C LEU D 79 -8.38 -38.87 -5.71
N GLU D 80 -7.60 -39.74 -5.02
CA GLU D 80 -7.97 -41.14 -4.94
C GLU D 80 -8.92 -41.33 -3.78
N SER D 81 -8.42 -41.24 -2.55
CA SER D 81 -9.29 -41.23 -1.38
C SER D 81 -9.54 -39.76 -1.06
N ALA D 82 -10.71 -39.28 -1.51
CA ALA D 82 -11.12 -37.90 -1.30
C ALA D 82 -11.58 -37.71 0.14
N ARG D 83 -11.16 -36.61 0.74
CA ARG D 83 -11.42 -36.37 2.15
C ARG D 83 -11.90 -34.93 2.30
N PRO D 84 -12.65 -34.65 3.39
CA PRO D 84 -13.17 -33.30 3.66
C PRO D 84 -12.17 -32.16 3.44
N SER D 85 -10.95 -32.32 3.96
CA SER D 85 -9.96 -31.22 3.87
C SER D 85 -9.74 -30.83 2.41
N HIS D 86 -9.97 -31.75 1.47
CA HIS D 86 -9.74 -31.45 0.07
C HIS D 86 -10.72 -30.39 -0.43
N THR D 87 -11.76 -30.14 0.36
CA THR D 87 -12.80 -29.16 -0.05
C THR D 87 -12.10 -27.84 -0.33
N SER D 88 -12.09 -27.41 -1.59
CA SER D 88 -11.43 -26.14 -1.97
C SER D 88 -11.79 -25.79 -3.41
N GLN D 89 -11.32 -24.63 -3.89
CA GLN D 89 -11.53 -24.27 -5.30
C GLN D 89 -10.21 -24.56 -6.02
N TYR D 90 -10.28 -25.28 -7.13
CA TYR D 90 -9.07 -25.72 -7.85
C TYR D 90 -9.07 -25.03 -9.19
N LEU D 91 -8.02 -24.24 -9.48
CA LEU D 91 -7.97 -23.43 -10.70
C LEU D 91 -6.81 -23.89 -11.59
N CYS D 92 -7.19 -24.37 -12.76
CA CYS D 92 -6.16 -24.79 -13.74
C CYS D 92 -5.74 -23.53 -14.48
N ALA D 93 -4.62 -23.61 -15.17
CA ALA D 93 -4.11 -22.44 -15.90
C ALA D 93 -3.07 -22.87 -16.92
N SER D 94 -2.71 -21.98 -17.82
CA SER D 94 -1.81 -22.33 -18.90
C SER D 94 -1.07 -21.06 -19.29
N SER D 95 0.14 -21.21 -19.87
CA SER D 95 0.97 -20.04 -20.24
C SER D 95 1.61 -20.24 -21.62
N GLU D 96 2.06 -19.17 -22.27
CA GLU D 96 2.51 -19.26 -23.68
C GLU D 96 4.02 -19.40 -23.88
N ALA D 97 4.82 -19.42 -22.82
CA ALA D 97 6.28 -19.59 -23.08
C ALA D 97 6.51 -20.98 -23.67
N ARG D 98 7.30 -21.06 -24.74
CA ARG D 98 7.51 -22.36 -25.42
C ARG D 98 8.98 -22.53 -25.75
N GLY D 99 9.71 -21.42 -25.93
CA GLY D 99 11.10 -21.48 -26.40
C GLY D 99 12.12 -21.41 -25.28
N LEU D 100 11.68 -21.16 -24.05
CA LEU D 100 12.58 -21.12 -22.88
C LEU D 100 11.91 -21.85 -21.73
N ALA D 101 12.68 -22.44 -20.82
CA ALA D 101 12.06 -23.05 -19.66
C ALA D 101 11.59 -21.97 -18.70
N GLU D 102 12.20 -20.80 -18.86
CA GLU D 102 11.95 -19.71 -17.94
C GLU D 102 10.55 -19.18 -18.19
N PHE D 103 9.99 -18.56 -17.13
CA PHE D 103 8.64 -18.04 -17.10
C PHE D 103 8.54 -16.54 -17.41
N THR D 104 8.64 -16.22 -18.69
CA THR D 104 8.52 -14.91 -19.28
C THR D 104 7.10 -14.58 -19.72
N ASP D 105 6.15 -15.43 -19.34
CA ASP D 105 4.79 -15.31 -19.90
C ASP D 105 3.75 -14.85 -18.88
N THR D 106 2.49 -14.77 -19.32
CA THR D 106 1.37 -14.44 -18.41
C THR D 106 0.50 -15.68 -18.30
N GLN D 107 0.11 -16.05 -17.09
CA GLN D 107 -0.70 -17.24 -16.90
C GLN D 107 -2.16 -16.89 -17.04
N TYR D 108 -2.88 -17.63 -17.88
CA TYR D 108 -4.32 -17.50 -18.05
C TYR D 108 -5.02 -18.62 -17.31
N PHE D 109 -5.95 -18.27 -16.45
CA PHE D 109 -6.71 -19.24 -15.70
C PHE D 109 -7.98 -19.66 -16.39
N GLY D 110 -8.37 -20.86 -16.07
CA GLY D 110 -9.67 -21.36 -16.41
C GLY D 110 -10.64 -21.04 -15.29
N PRO D 111 -11.92 -21.48 -15.36
CA PRO D 111 -12.94 -21.06 -14.41
C PRO D 111 -12.96 -21.75 -13.05
N GLY D 112 -12.24 -22.85 -12.90
CA GLY D 112 -12.14 -23.47 -11.57
C GLY D 112 -13.18 -24.53 -11.29
N THR D 113 -12.97 -25.29 -10.24
CA THR D 113 -13.95 -26.32 -9.83
C THR D 113 -14.19 -26.16 -8.34
N ARG D 114 -15.43 -25.88 -7.95
CA ARG D 114 -15.74 -25.82 -6.51
C ARG D 114 -16.01 -27.24 -6.03
N LEU D 115 -15.04 -27.83 -5.34
CA LEU D 115 -15.22 -29.16 -4.80
C LEU D 115 -15.65 -29.03 -3.34
N THR D 116 -16.57 -29.90 -2.94
CA THR D 116 -16.93 -30.06 -1.54
C THR D 116 -17.04 -31.54 -1.26
N VAL D 117 -16.21 -32.07 -0.37
CA VAL D 117 -16.24 -33.48 0.01
C VAL D 117 -16.91 -33.57 1.38
N LEU D 118 -17.91 -34.44 1.55
CA LEU D 118 -18.66 -34.52 2.80
C LEU D 118 -18.63 -35.91 3.42
N GLU D 119 -18.55 -35.93 4.74
CA GLU D 119 -18.53 -37.18 5.48
C GLU D 119 -19.94 -37.80 5.44
N ASP D 120 -20.98 -36.97 5.61
CA ASP D 120 -22.37 -37.42 5.61
C ASP D 120 -23.12 -36.70 4.49
N LEU D 121 -23.68 -37.48 3.54
CA LEU D 121 -24.30 -36.90 2.36
C LEU D 121 -25.74 -36.50 2.66
N LYS D 122 -26.11 -36.50 3.94
CA LYS D 122 -27.45 -36.09 4.30
C LYS D 122 -27.44 -34.60 4.66
N ASN D 123 -26.37 -33.88 4.34
CA ASN D 123 -26.40 -32.47 4.66
C ASN D 123 -26.65 -31.72 3.37
N VAL D 124 -26.74 -32.46 2.27
CA VAL D 124 -26.94 -31.82 0.97
C VAL D 124 -28.44 -31.75 0.68
N PHE D 125 -28.85 -30.56 0.25
CA PHE D 125 -30.28 -30.31 -0.04
C PHE D 125 -30.35 -29.45 -1.31
N PRO D 126 -31.36 -29.61 -2.17
CA PRO D 126 -31.49 -28.78 -3.36
C PRO D 126 -32.19 -27.52 -2.90
N PRO D 127 -32.21 -26.47 -3.72
CA PRO D 127 -32.91 -25.23 -3.36
C PRO D 127 -34.43 -25.30 -3.55
N GLU D 128 -35.17 -24.53 -2.75
CA GLU D 128 -36.56 -24.22 -2.98
C GLU D 128 -36.66 -22.81 -3.58
N VAL D 129 -37.16 -22.76 -4.82
CA VAL D 129 -37.23 -21.46 -5.56
C VAL D 129 -38.65 -20.93 -5.48
N ALA D 130 -38.79 -19.62 -5.33
CA ALA D 130 -40.12 -18.99 -5.25
C ALA D 130 -39.99 -17.59 -5.83
N VAL D 131 -40.87 -17.24 -6.77
CA VAL D 131 -40.84 -15.90 -7.37
C VAL D 131 -41.85 -15.03 -6.63
N PHE D 132 -41.42 -13.85 -6.18
CA PHE D 132 -42.35 -12.90 -5.52
C PHE D 132 -42.64 -11.84 -6.58
N GLU D 133 -43.90 -11.61 -6.90
CA GLU D 133 -44.24 -10.72 -8.04
C GLU D 133 -44.15 -9.25 -7.61
N PRO D 134 -44.03 -8.29 -8.56
CA PRO D 134 -43.87 -6.88 -8.22
C PRO D 134 -44.97 -6.25 -7.36
N SER D 135 -44.85 -4.95 -7.08
CA SER D 135 -45.83 -4.28 -6.19
C SER D 135 -46.50 -3.11 -6.92
N GLU D 136 -47.81 -3.01 -6.78
CA GLU D 136 -48.54 -1.93 -7.41
C GLU D 136 -47.93 -0.63 -6.90
N ALA D 137 -47.60 -0.63 -5.60
CA ALA D 137 -46.91 0.51 -4.96
C ALA D 137 -45.80 1.03 -5.87
N GLU D 138 -44.89 0.12 -6.25
CA GLU D 138 -43.75 0.44 -7.08
C GLU D 138 -44.21 0.83 -8.47
N ILE D 139 -45.06 -0.04 -9.04
CA ILE D 139 -45.50 0.17 -10.41
C ILE D 139 -46.07 1.57 -10.56
N SER D 140 -46.98 1.94 -9.63
CA SER D 140 -47.61 3.24 -9.68
C SER D 140 -46.63 4.37 -9.42
N HIS D 141 -45.69 4.14 -8.49
CA HIS D 141 -44.81 5.20 -8.05
C HIS D 141 -43.73 5.47 -9.08
N THR D 142 -43.22 4.41 -9.71
CA THR D 142 -41.94 4.44 -10.41
C THR D 142 -42.04 4.13 -11.88
N GLN D 143 -43.17 3.54 -12.30
CA GLN D 143 -43.32 3.08 -13.69
C GLN D 143 -42.47 1.81 -13.96
N LYS D 144 -42.15 1.06 -12.89
CA LYS D 144 -41.20 -0.03 -12.94
C LYS D 144 -41.64 -1.16 -12.00
N ALA D 145 -41.26 -2.36 -12.37
CA ALA D 145 -41.64 -3.54 -11.61
C ALA D 145 -40.41 -4.39 -11.35
N THR D 146 -40.17 -4.70 -10.08
CA THR D 146 -39.00 -5.52 -9.73
C THR D 146 -39.49 -6.88 -9.25
N LEU D 147 -39.33 -7.90 -10.09
CA LEU D 147 -39.67 -9.27 -9.64
C LEU D 147 -38.47 -9.74 -8.82
N VAL D 148 -38.70 -10.58 -7.81
CA VAL D 148 -37.58 -11.01 -6.93
C VAL D 148 -37.63 -12.53 -6.79
N CYS D 149 -36.48 -13.20 -6.96
CA CYS D 149 -36.40 -14.67 -6.78
C CYS D 149 -35.72 -14.96 -5.45
N LEU D 150 -36.07 -16.08 -4.83
CA LEU D 150 -35.47 -16.46 -3.53
C LEU D 150 -35.17 -17.95 -3.51
N ALA D 151 -33.88 -18.30 -3.57
CA ALA D 151 -33.47 -19.72 -3.48
C ALA D 151 -33.14 -20.02 -2.04
N THR D 152 -33.84 -20.97 -1.42
CA THR D 152 -33.65 -21.24 -0.02
C THR D 152 -33.28 -22.70 0.22
N GLY D 153 -32.53 -22.92 1.31
CA GLY D 153 -32.52 -24.21 1.99
C GLY D 153 -31.53 -25.20 1.35
N PHE D 154 -30.60 -24.67 0.54
CA PHE D 154 -29.72 -25.49 -0.25
C PHE D 154 -28.35 -25.50 0.38
N TYR D 155 -27.65 -26.59 0.10
CA TYR D 155 -26.33 -26.86 0.65
C TYR D 155 -25.79 -28.02 -0.12
N PRO D 156 -24.50 -27.99 -0.50
CA PRO D 156 -23.63 -26.82 -0.31
C PRO D 156 -23.92 -25.72 -1.32
N ASP D 157 -23.11 -24.66 -1.32
CA ASP D 157 -23.34 -23.52 -2.17
C ASP D 157 -22.96 -23.84 -3.61
N HIS D 158 -23.49 -24.93 -4.17
CA HIS D 158 -23.22 -25.25 -5.59
C HIS D 158 -24.46 -24.88 -6.40
N VAL D 159 -24.64 -23.59 -6.69
CA VAL D 159 -25.91 -23.17 -7.34
C VAL D 159 -25.65 -22.06 -8.36
N GLU D 160 -26.41 -22.06 -9.45
CA GLU D 160 -26.31 -20.98 -10.46
C GLU D 160 -27.72 -20.48 -10.81
N LEU D 161 -28.03 -19.22 -10.55
CA LEU D 161 -29.39 -18.68 -10.77
C LEU D 161 -29.48 -18.02 -12.14
N SER D 162 -30.65 -18.12 -12.77
CA SER D 162 -30.82 -17.52 -14.11
C SER D 162 -32.21 -16.93 -14.27
N TRP D 163 -32.28 -15.84 -15.03
CA TRP D 163 -33.58 -15.19 -15.31
C TRP D 163 -33.94 -15.41 -16.77
N TRP D 164 -35.07 -16.05 -17.01
CA TRP D 164 -35.62 -16.37 -18.32
C TRP D 164 -36.90 -15.59 -18.55
N VAL D 165 -36.85 -14.76 -19.59
CA VAL D 165 -37.96 -14.00 -20.09
C VAL D 165 -38.34 -14.56 -21.46
N ASN D 166 -39.53 -15.17 -21.49
CA ASN D 166 -40.13 -15.72 -22.71
C ASN D 166 -39.20 -16.78 -23.30
N GLY D 167 -38.66 -17.69 -22.47
CA GLY D 167 -37.82 -18.76 -23.00
C GLY D 167 -36.40 -18.31 -23.43
N LYS D 168 -36.04 -17.07 -23.21
CA LYS D 168 -34.68 -16.61 -23.43
C LYS D 168 -34.07 -16.18 -22.10
N GLU D 169 -32.81 -16.55 -21.87
CA GLU D 169 -32.07 -16.14 -20.67
C GLU D 169 -31.71 -14.68 -20.82
N VAL D 170 -31.80 -13.89 -19.75
CA VAL D 170 -31.54 -12.47 -19.89
C VAL D 170 -30.50 -12.02 -18.87
N HIS D 171 -29.89 -10.85 -19.19
CA HIS D 171 -28.68 -10.36 -18.54
C HIS D 171 -28.90 -8.96 -18.00
N SER D 172 -29.35 -8.02 -18.86
CA SER D 172 -29.76 -6.71 -18.40
C SER D 172 -30.88 -6.81 -17.37
N GLY D 173 -30.90 -5.85 -16.47
CA GLY D 173 -32.01 -5.79 -15.50
C GLY D 173 -31.91 -6.77 -14.37
N VAL D 174 -30.73 -7.33 -14.11
CA VAL D 174 -30.65 -8.38 -13.05
C VAL D 174 -29.59 -8.05 -12.00
N CYS D 175 -29.85 -8.37 -10.74
CA CYS D 175 -28.82 -8.24 -9.67
C CYS D 175 -28.99 -9.46 -8.78
N THR D 176 -28.04 -10.38 -8.83
CA THR D 176 -28.10 -11.56 -7.93
C THR D 176 -27.07 -11.36 -6.81
N ASP D 177 -27.48 -11.60 -5.57
CA ASP D 177 -26.54 -11.46 -4.44
C ASP D 177 -25.21 -12.09 -4.83
N PRO D 178 -24.07 -11.38 -4.79
CA PRO D 178 -22.82 -11.98 -5.22
C PRO D 178 -22.54 -13.18 -4.32
N GLN D 179 -23.02 -13.15 -3.08
CA GLN D 179 -22.77 -14.25 -2.15
C GLN D 179 -24.09 -14.54 -1.45
N PRO D 180 -24.35 -15.79 -1.03
CA PRO D 180 -25.56 -16.12 -0.26
C PRO D 180 -25.50 -15.77 1.23
N LEU D 181 -26.55 -16.11 2.00
CA LEU D 181 -26.62 -15.97 3.45
C LEU D 181 -26.83 -17.31 4.13
N LYS D 182 -26.28 -17.50 5.32
CA LYS D 182 -26.55 -18.68 6.09
C LYS D 182 -27.92 -18.50 6.74
N GLU D 183 -28.75 -19.55 6.64
CA GLU D 183 -30.13 -19.55 7.17
C GLU D 183 -30.11 -19.66 8.69
N GLN D 184 -29.10 -20.35 9.21
CA GLN D 184 -28.86 -20.50 10.63
C GLN D 184 -27.41 -20.08 10.80
N PRO D 185 -27.08 -18.78 10.65
CA PRO D 185 -25.68 -18.34 10.62
C PRO D 185 -24.96 -18.90 11.84
N ALA D 186 -25.74 -19.13 12.93
CA ALA D 186 -25.31 -19.84 14.13
C ALA D 186 -24.34 -21.00 13.82
N LEU D 187 -24.72 -21.89 12.90
CA LEU D 187 -24.01 -23.14 12.60
C LEU D 187 -22.83 -22.92 11.65
N ASN D 188 -22.32 -24.05 11.10
CA ASN D 188 -21.17 -24.09 10.18
C ASN D 188 -21.58 -24.81 8.90
N ASP D 189 -22.32 -25.90 9.08
CA ASP D 189 -23.03 -26.61 8.01
C ASP D 189 -24.33 -25.86 7.64
N SER D 190 -24.41 -24.56 7.93
CA SER D 190 -25.65 -23.84 7.72
C SER D 190 -26.04 -23.86 6.24
N ARG D 191 -27.34 -24.06 6.02
CA ARG D 191 -27.84 -24.04 4.63
C ARG D 191 -27.78 -22.61 4.12
N TYR D 192 -28.14 -22.42 2.87
CA TYR D 192 -27.93 -21.11 2.24
C TYR D 192 -29.23 -20.59 1.61
N ALA D 193 -29.25 -19.26 1.46
CA ALA D 193 -30.34 -18.58 0.81
C ALA D 193 -29.79 -17.45 -0.02
N LEU D 194 -30.17 -17.43 -1.29
CA LEU D 194 -29.65 -16.41 -2.23
C LEU D 194 -30.84 -15.65 -2.80
N SER D 195 -30.63 -14.41 -3.24
CA SER D 195 -31.73 -13.59 -3.76
C SER D 195 -31.31 -12.95 -5.08
N SER D 196 -32.27 -12.80 -6.00
CA SER D 196 -32.00 -12.14 -7.28
C SER D 196 -33.13 -11.17 -7.58
N ARG D 197 -32.86 -10.17 -8.40
CA ARG D 197 -33.88 -9.14 -8.68
C ARG D 197 -33.96 -8.95 -10.19
N LEU D 198 -35.17 -9.03 -10.75
CA LEU D 198 -35.35 -8.73 -12.19
C LEU D 198 -36.25 -7.49 -12.26
N ARG D 199 -35.74 -6.42 -12.86
CA ARG D 199 -36.53 -5.18 -12.94
C ARG D 199 -36.84 -4.86 -14.40
N VAL D 200 -38.12 -4.66 -14.70
CA VAL D 200 -38.57 -4.29 -16.02
C VAL D 200 -39.55 -3.13 -15.92
N SER D 201 -39.98 -2.64 -17.09
CA SER D 201 -41.09 -1.70 -17.25
C SER D 201 -42.34 -2.18 -16.55
N ALA D 202 -43.12 -1.22 -16.09
CA ALA D 202 -44.48 -1.49 -15.72
C ALA D 202 -45.27 -1.91 -16.97
N THR D 203 -45.14 -1.15 -18.06
CA THR D 203 -45.66 -1.60 -19.34
C THR D 203 -45.41 -3.10 -19.50
N PHE D 204 -44.14 -3.54 -19.39
CA PHE D 204 -43.72 -4.87 -19.79
C PHE D 204 -44.30 -5.93 -18.86
N TRP D 205 -44.49 -5.59 -17.58
CA TRP D 205 -44.99 -6.62 -16.65
C TRP D 205 -46.49 -6.68 -16.78
N GLN D 206 -47.09 -5.66 -17.38
CA GLN D 206 -48.53 -5.59 -17.39
C GLN D 206 -49.10 -6.36 -18.58
N ASP D 207 -48.25 -6.67 -19.59
CA ASP D 207 -48.60 -7.56 -20.70
C ASP D 207 -48.69 -9.01 -20.23
N PRO D 208 -49.88 -9.67 -20.24
CA PRO D 208 -50.02 -11.03 -19.73
C PRO D 208 -49.53 -12.11 -20.67
N ARG D 209 -49.11 -11.69 -21.86
CA ARG D 209 -48.42 -12.57 -22.76
C ARG D 209 -46.97 -12.83 -22.32
N ASN D 210 -46.48 -12.16 -21.27
CA ASN D 210 -45.06 -12.15 -20.96
C ASN D 210 -44.80 -13.11 -19.82
N HIS D 211 -43.85 -14.04 -20.05
CA HIS D 211 -43.49 -15.06 -19.07
C HIS D 211 -42.15 -14.75 -18.40
N PHE D 212 -42.13 -14.93 -17.08
CA PHE D 212 -40.95 -14.78 -16.26
C PHE D 212 -40.71 -16.09 -15.52
N ARG D 213 -39.46 -16.54 -15.60
CA ARG D 213 -39.05 -17.73 -14.89
C ARG D 213 -37.69 -17.48 -14.27
N CYS D 214 -37.62 -17.81 -12.97
CA CYS D 214 -36.34 -17.74 -12.24
C CYS D 214 -35.93 -19.20 -12.09
N GLN D 215 -34.79 -19.53 -12.66
CA GLN D 215 -34.28 -20.92 -12.69
C GLN D 215 -33.03 -20.99 -11.82
N VAL D 216 -32.95 -22.02 -10.98
CA VAL D 216 -31.73 -22.22 -10.15
C VAL D 216 -31.13 -23.58 -10.50
N GLN D 217 -29.97 -23.59 -11.16
CA GLN D 217 -29.29 -24.87 -11.44
C GLN D 217 -28.56 -25.30 -10.17
N PHE D 218 -28.75 -26.56 -9.78
CA PHE D 218 -28.14 -27.12 -8.61
C PHE D 218 -27.31 -28.34 -9.00
N TYR D 219 -26.08 -28.35 -8.50
CA TYR D 219 -25.12 -29.45 -8.76
C TYR D 219 -25.10 -30.27 -7.51
N GLY D 220 -25.54 -31.52 -7.59
CA GLY D 220 -25.69 -32.38 -6.43
C GLY D 220 -25.16 -33.78 -6.70
N LEU D 221 -25.75 -34.78 -6.02
CA LEU D 221 -25.36 -36.16 -6.13
C LEU D 221 -25.56 -36.68 -7.54
N SER D 222 -24.71 -37.66 -7.90
CA SER D 222 -24.85 -38.31 -9.17
C SER D 222 -25.17 -39.78 -8.90
N GLU D 223 -25.07 -40.63 -9.93
CA GLU D 223 -25.73 -41.94 -9.92
C GLU D 223 -24.99 -42.91 -8.99
N ASN D 224 -23.67 -43.07 -9.18
CA ASN D 224 -22.87 -43.99 -8.36
C ASN D 224 -22.76 -43.50 -6.90
N ASP D 225 -23.27 -42.28 -6.56
CA ASP D 225 -23.41 -41.84 -5.18
C ASP D 225 -24.48 -42.70 -4.47
N GLU D 226 -24.45 -42.81 -3.13
CA GLU D 226 -25.37 -43.66 -2.37
C GLU D 226 -26.38 -42.80 -1.59
N TRP D 227 -27.59 -43.31 -1.40
CA TRP D 227 -28.64 -42.54 -0.70
C TRP D 227 -29.69 -43.46 -0.09
N THR D 228 -29.82 -43.48 1.24
CA THR D 228 -30.87 -44.25 1.87
C THR D 228 -31.70 -43.32 2.75
N GLN D 229 -32.64 -42.60 2.16
CA GLN D 229 -33.38 -41.60 2.97
C GLN D 229 -34.69 -41.23 2.28
N ASP D 230 -35.69 -40.84 3.09
CA ASP D 230 -37.02 -40.48 2.54
C ASP D 230 -36.83 -39.29 1.59
N ARG D 231 -36.28 -38.20 2.11
CA ARG D 231 -35.98 -37.05 1.22
C ARG D 231 -35.45 -37.61 -0.10
N ALA D 232 -36.03 -37.20 -1.21
CA ALA D 232 -35.55 -37.67 -2.53
C ALA D 232 -34.05 -37.40 -2.64
N LYS D 233 -33.32 -38.31 -3.30
CA LYS D 233 -31.87 -38.09 -3.52
C LYS D 233 -31.71 -36.73 -4.17
N PRO D 234 -31.03 -35.78 -3.50
CA PRO D 234 -30.82 -34.43 -4.04
C PRO D 234 -29.82 -34.41 -5.17
N VAL D 235 -30.26 -34.93 -6.31
CA VAL D 235 -29.39 -35.11 -7.45
C VAL D 235 -29.17 -33.74 -8.08
N THR D 236 -28.25 -33.67 -9.03
CA THR D 236 -28.19 -32.49 -9.88
C THR D 236 -29.57 -32.29 -10.48
N GLN D 237 -30.06 -31.04 -10.51
CA GLN D 237 -31.39 -30.77 -11.02
C GLN D 237 -31.56 -29.28 -11.22
N ILE D 238 -32.56 -28.88 -11.99
CA ILE D 238 -33.01 -27.50 -11.99
C ILE D 238 -34.26 -27.38 -11.14
N VAL D 239 -34.32 -26.31 -10.33
CA VAL D 239 -35.51 -25.94 -9.59
C VAL D 239 -35.85 -24.54 -10.06
N SER D 240 -37.10 -24.38 -10.48
CA SER D 240 -37.52 -23.17 -11.15
C SER D 240 -38.88 -22.72 -10.63
N ALA D 241 -39.14 -21.43 -10.84
CA ALA D 241 -40.39 -20.83 -10.43
C ALA D 241 -40.69 -19.72 -11.44
N GLU D 242 -42.00 -19.53 -11.72
CA GLU D 242 -42.49 -18.70 -12.81
C GLU D 242 -43.53 -17.70 -12.30
N ALA D 243 -43.79 -16.73 -13.18
CA ALA D 243 -44.80 -15.69 -12.88
C ALA D 243 -45.19 -15.08 -14.23
N TRP D 244 -46.49 -14.88 -14.45
CA TRP D 244 -46.96 -14.34 -15.75
C TRP D 244 -47.34 -12.88 -15.59
N GLY D 245 -47.06 -12.06 -16.60
CA GLY D 245 -47.44 -10.66 -16.59
C GLY D 245 -48.93 -10.49 -16.31
N ARG D 246 -49.25 -9.37 -15.64
CA ARG D 246 -50.65 -9.13 -15.20
C ARG D 246 -51.10 -7.70 -15.49
N ALA D 247 -52.03 -7.51 -16.40
CA ALA D 247 -52.66 -6.21 -16.66
C ALA D 247 -53.15 -5.57 -15.36
N ASP D 248 -53.66 -6.46 -14.48
CA ASP D 248 -54.28 -6.17 -13.20
C ASP D 248 -53.29 -5.31 -12.42
N MET E 1 -20.68 34.08 -15.42
CA MET E 1 -19.88 35.00 -16.27
C MET E 1 -20.16 36.48 -15.92
N ARG E 2 -21.04 36.70 -14.93
CA ARG E 2 -21.21 38.06 -14.36
C ARG E 2 -20.42 37.99 -13.04
N THR E 3 -20.10 39.12 -12.41
CA THR E 3 -19.23 39.06 -11.23
C THR E 3 -19.98 38.35 -10.11
N HIS E 4 -19.30 37.40 -9.45
CA HIS E 4 -19.83 36.74 -8.26
C HIS E 4 -18.77 36.77 -7.15
N SER E 5 -19.20 36.50 -5.91
CA SER E 5 -18.26 36.61 -4.76
C SER E 5 -18.66 35.71 -3.61
N LEU E 6 -17.67 35.15 -2.89
CA LEU E 6 -17.96 34.34 -1.68
C LEU E 6 -17.37 35.08 -0.49
N ARG E 7 -18.15 35.27 0.58
CA ARG E 7 -17.69 36.07 1.73
C ARG E 7 -18.12 35.42 3.05
N TYR E 8 -17.17 35.21 3.95
CA TYR E 8 -17.52 34.67 5.29
C TYR E 8 -17.22 35.76 6.31
N PHE E 9 -18.13 35.98 7.26
CA PHE E 9 -17.95 37.09 8.21
C PHE E 9 -18.05 36.59 9.64
N HIS E 10 -17.05 36.92 10.48
CA HIS E 10 -17.16 36.58 11.90
C HIS E 10 -17.43 37.83 12.74
N LEU E 11 -18.25 37.63 13.78
CA LEU E 11 -18.58 38.68 14.73
C LEU E 11 -18.52 38.13 16.14
N GLY E 12 -17.75 38.84 16.98
CA GLY E 12 -17.67 38.55 18.39
C GLY E 12 -18.11 39.79 19.16
N VAL E 13 -18.65 39.54 20.35
CA VAL E 13 -19.21 40.56 21.18
C VAL E 13 -18.91 40.20 22.63
N SER E 14 -18.14 41.04 23.34
CA SER E 14 -18.06 40.89 24.79
C SER E 14 -19.36 41.31 25.46
N ASP E 15 -19.54 40.72 26.66
CA ASP E 15 -20.65 40.95 27.58
C ASP E 15 -21.94 41.31 26.84
N PRO E 16 -22.42 40.44 25.91
CA PRO E 16 -23.59 40.75 25.11
C PRO E 16 -24.86 40.63 25.92
N ILE E 17 -25.88 41.33 25.46
CA ILE E 17 -27.10 41.42 26.23
C ILE E 17 -27.86 40.07 26.14
N HIS E 18 -28.97 39.94 26.92
CA HIS E 18 -29.84 38.76 26.95
C HIS E 18 -29.95 38.02 25.60
N GLY E 19 -30.29 38.73 24.50
CA GLY E 19 -30.30 38.10 23.18
C GLY E 19 -28.91 37.90 22.60
N VAL E 20 -28.31 39.04 22.19
CA VAL E 20 -27.11 39.06 21.35
C VAL E 20 -26.23 37.87 21.69
N PRO E 21 -25.97 36.95 20.73
CA PRO E 21 -25.04 35.84 20.95
C PRO E 21 -23.62 36.39 20.87
N GLU E 22 -22.71 35.80 21.68
CA GLU E 22 -21.38 36.38 21.70
C GLU E 22 -20.71 36.17 20.35
N PHE E 23 -20.99 35.05 19.69
CA PHE E 23 -20.37 34.80 18.41
C PHE E 23 -21.41 34.48 17.34
N ILE E 24 -21.27 35.15 16.19
CA ILE E 24 -22.00 34.81 14.98
C ILE E 24 -21.00 34.73 13.82
N SER E 25 -21.12 33.74 12.91
CA SER E 25 -20.37 33.70 11.66
C SER E 25 -21.29 33.34 10.50
N VAL E 26 -21.28 34.14 9.44
CA VAL E 26 -22.27 33.91 8.35
C VAL E 26 -21.60 33.92 6.98
N GLY E 27 -21.99 33.00 6.10
CA GLY E 27 -21.44 32.93 4.74
C GLY E 27 -22.37 33.56 3.73
N TYR E 28 -21.84 33.97 2.58
CA TYR E 28 -22.69 34.71 1.62
C TYR E 28 -22.17 34.66 0.21
N VAL E 29 -23.01 34.29 -0.74
CA VAL E 29 -22.65 34.42 -2.14
C VAL E 29 -23.46 35.56 -2.74
N ASP E 30 -22.76 36.65 -3.12
CA ASP E 30 -23.40 37.86 -3.59
C ASP E 30 -24.63 38.24 -2.74
N SER E 31 -24.48 38.37 -1.42
CA SER E 31 -25.63 38.79 -0.61
C SER E 31 -26.70 37.71 -0.45
N HIS E 32 -26.49 36.49 -0.93
CA HIS E 32 -27.37 35.40 -0.55
C HIS E 32 -26.72 34.66 0.61
N PRO E 33 -27.30 34.71 1.82
CA PRO E 33 -26.72 34.01 2.96
C PRO E 33 -26.70 32.50 2.81
N ILE E 34 -25.54 31.87 2.64
CA ILE E 34 -25.51 30.41 2.40
C ILE E 34 -25.44 29.62 3.71
N THR E 35 -24.82 30.20 4.76
CA THR E 35 -24.59 29.46 5.99
C THR E 35 -24.56 30.33 7.23
N THR E 36 -24.88 29.68 8.39
CA THR E 36 -24.91 30.32 9.70
C THR E 36 -24.25 29.50 10.82
N TYR E 37 -23.46 30.19 11.68
CA TYR E 37 -22.99 29.66 12.96
C TYR E 37 -23.22 30.70 14.07
N ASP E 38 -23.57 30.23 15.29
CA ASP E 38 -23.66 31.09 16.45
C ASP E 38 -23.29 30.33 17.73
N SER E 39 -23.23 31.08 18.83
CA SER E 39 -22.71 30.55 20.08
C SER E 39 -23.77 29.79 20.88
N VAL E 40 -25.06 29.89 20.51
CA VAL E 40 -26.07 29.25 21.31
C VAL E 40 -26.32 27.85 20.77
N THR E 41 -26.39 27.74 19.44
CA THR E 41 -26.57 26.48 18.73
C THR E 41 -25.25 25.72 18.62
N ARG E 42 -24.14 26.47 18.52
CA ARG E 42 -22.84 25.87 18.28
C ARG E 42 -22.92 24.84 17.13
N GLN E 43 -23.59 25.24 16.04
CA GLN E 43 -23.71 24.34 14.86
C GLN E 43 -23.76 25.12 13.54
N LYS E 44 -22.95 24.74 12.54
CA LYS E 44 -22.96 25.33 11.20
C LYS E 44 -24.11 24.67 10.43
N GLU E 45 -24.91 25.50 9.76
CA GLU E 45 -26.18 25.10 9.19
C GLU E 45 -26.40 25.87 7.91
N PRO E 46 -27.18 25.29 6.98
CA PRO E 46 -27.48 25.98 5.73
C PRO E 46 -28.51 27.09 5.95
N ARG E 47 -28.40 28.13 5.13
CA ARG E 47 -29.37 29.20 5.13
C ARG E 47 -30.26 29.17 3.87
N ALA E 48 -30.26 28.07 3.13
CA ALA E 48 -30.90 28.01 1.83
C ALA E 48 -31.29 26.57 1.56
N PRO E 49 -32.27 26.30 0.69
CA PRO E 49 -32.56 24.92 0.30
C PRO E 49 -31.36 24.26 -0.41
N TRP E 50 -30.67 25.01 -1.28
CA TRP E 50 -29.70 24.43 -2.22
C TRP E 50 -28.34 24.18 -1.60
N MET E 51 -28.01 24.86 -0.50
CA MET E 51 -26.84 24.42 0.24
C MET E 51 -27.23 23.10 0.90
N ALA E 52 -28.33 23.10 1.65
CA ALA E 52 -28.74 21.98 2.49
C ALA E 52 -28.64 20.66 1.75
N GLU E 53 -29.29 20.59 0.59
CA GLU E 53 -29.53 19.30 -0.03
C GLU E 53 -28.27 18.75 -0.68
N ASN E 54 -27.30 19.63 -0.99
CA ASN E 54 -26.10 19.24 -1.76
C ASN E 54 -24.80 19.03 -0.97
N LEU E 55 -24.86 19.21 0.35
CA LEU E 55 -23.75 18.92 1.24
C LEU E 55 -24.19 17.92 2.32
N ALA E 56 -23.42 16.83 2.40
CA ALA E 56 -23.68 15.78 3.36
C ALA E 56 -23.57 16.30 4.79
N PRO E 57 -24.18 15.67 5.82
CA PRO E 57 -23.96 16.13 7.19
C PRO E 57 -22.47 16.28 7.50
N ASP E 58 -21.63 15.58 6.75
CA ASP E 58 -20.16 15.60 7.01
C ASP E 58 -19.65 17.04 6.92
N HIS E 59 -19.84 17.70 5.77
CA HIS E 59 -19.34 19.09 5.59
C HIS E 59 -19.78 19.91 6.79
N TRP E 60 -21.03 19.74 7.19
CA TRP E 60 -21.57 20.53 8.31
C TRP E 60 -20.81 20.22 9.58
N GLU E 61 -20.70 18.95 9.97
CA GLU E 61 -20.05 18.62 11.26
C GLU E 61 -18.59 19.09 11.22
N ARG E 62 -17.92 18.87 10.10
CA ARG E 62 -16.50 19.27 9.99
C ARG E 62 -16.37 20.78 10.21
N TYR E 63 -17.03 21.59 9.38
CA TYR E 63 -16.85 23.06 9.46
C TYR E 63 -17.51 23.59 10.72
N THR E 64 -18.40 22.82 11.35
CA THR E 64 -18.96 23.25 12.65
C THR E 64 -17.78 23.27 13.63
N GLN E 65 -17.10 22.15 13.75
CA GLN E 65 -15.91 22.07 14.65
C GLN E 65 -14.98 23.24 14.30
N LEU E 66 -14.69 23.44 13.01
CA LEU E 66 -13.77 24.51 12.69
C LEU E 66 -14.24 25.80 13.35
N LEU E 67 -15.55 26.03 13.37
CA LEU E 67 -16.09 27.33 13.72
C LEU E 67 -16.20 27.40 15.23
N ARG E 68 -16.44 26.28 15.90
CA ARG E 68 -16.36 26.20 17.35
C ARG E 68 -14.99 26.71 17.79
N GLY E 69 -14.02 26.42 16.94
CA GLY E 69 -12.64 26.83 17.15
C GLY E 69 -12.51 28.34 17.11
N TRP E 70 -13.03 28.92 16.04
CA TRP E 70 -12.99 30.35 15.85
C TRP E 70 -13.77 31.04 16.97
N GLN E 71 -14.88 30.45 17.40
CA GLN E 71 -15.63 31.01 18.50
C GLN E 71 -14.63 31.23 19.63
N GLN E 72 -14.05 30.14 20.12
CA GLN E 72 -13.10 30.20 21.21
C GLN E 72 -12.02 31.25 20.98
N MET E 73 -11.47 31.33 19.77
CA MET E 73 -10.33 32.26 19.55
C MET E 73 -10.81 33.69 19.73
N PHE E 74 -11.99 34.01 19.26
CA PHE E 74 -12.59 35.34 19.33
C PHE E 74 -12.91 35.71 20.78
N LYS E 75 -13.34 34.73 21.57
CA LYS E 75 -13.62 34.98 22.97
C LYS E 75 -12.36 35.54 23.64
N VAL E 76 -11.24 34.87 23.41
CA VAL E 76 -10.01 35.22 24.09
C VAL E 76 -9.43 36.45 23.41
N GLU E 77 -9.50 36.60 22.09
CA GLU E 77 -8.85 37.77 21.56
C GLU E 77 -9.55 39.03 22.10
N LEU E 78 -10.84 38.90 22.32
CA LEU E 78 -11.62 40.04 22.77
C LEU E 78 -11.17 40.42 24.17
N LYS E 79 -11.06 39.44 25.07
CA LYS E 79 -10.61 39.65 26.44
C LYS E 79 -9.23 40.29 26.41
N ARG E 80 -8.43 39.85 25.45
CA ARG E 80 -7.06 40.31 25.34
C ARG E 80 -7.05 41.73 24.79
N LEU E 81 -7.91 41.98 23.80
CA LEU E 81 -7.95 43.26 23.12
C LEU E 81 -8.40 44.33 24.09
N GLN E 82 -9.44 43.99 24.85
CA GLN E 82 -9.97 44.88 25.85
C GLN E 82 -8.87 45.21 26.86
N ARG E 83 -8.08 44.20 27.23
CA ARG E 83 -7.00 44.40 28.19
C ARG E 83 -5.98 45.42 27.66
N HIS E 84 -5.73 45.46 26.35
CA HIS E 84 -4.71 46.32 25.80
C HIS E 84 -5.20 47.77 25.72
N TYR E 85 -6.44 47.99 25.31
CA TYR E 85 -6.95 49.35 25.06
C TYR E 85 -7.47 50.05 26.33
N ASN E 86 -7.40 49.30 27.42
CA ASN E 86 -7.94 49.67 28.70
C ASN E 86 -9.45 49.89 28.57
N HIS E 87 -10.15 48.98 27.88
CA HIS E 87 -11.54 49.19 27.48
C HIS E 87 -12.47 48.38 28.39
N SER E 88 -13.76 48.69 28.36
CA SER E 88 -14.73 48.02 29.24
C SER E 88 -16.17 48.22 28.73
N GLY E 89 -17.04 47.28 29.11
CA GLY E 89 -18.34 47.15 28.47
C GLY E 89 -18.25 46.30 27.19
N SER E 90 -19.41 46.01 26.58
CA SER E 90 -19.52 45.36 25.28
C SER E 90 -18.52 45.97 24.29
N HIS E 91 -17.63 45.16 23.71
CA HIS E 91 -16.92 45.54 22.49
C HIS E 91 -17.12 44.50 21.39
N THR E 92 -16.67 44.84 20.19
CA THR E 92 -16.93 44.10 18.96
C THR E 92 -15.65 43.77 18.21
N TYR E 93 -15.43 42.49 17.91
CA TYR E 93 -14.37 42.06 17.00
C TYR E 93 -15.03 41.40 15.79
N GLN E 94 -14.41 41.58 14.63
CA GLN E 94 -14.94 41.11 13.39
C GLN E 94 -13.80 40.70 12.48
N ARG E 95 -14.13 39.74 11.62
CA ARG E 95 -13.27 39.24 10.55
C ARG E 95 -14.13 39.05 9.30
N MET E 96 -13.50 39.33 8.17
CA MET E 96 -14.15 39.10 6.87
C MET E 96 -13.11 38.42 5.98
N ILE E 97 -13.44 37.26 5.42
CA ILE E 97 -12.52 36.59 4.46
C ILE E 97 -13.33 36.32 3.19
N GLY E 98 -12.68 36.41 2.04
CA GLY E 98 -13.43 36.07 0.83
C GLY E 98 -12.70 36.30 -0.46
N CYS E 99 -13.36 36.00 -1.57
CA CYS E 99 -12.81 36.12 -2.89
C CYS E 99 -13.91 36.56 -3.84
N GLU E 100 -13.49 36.91 -5.05
CA GLU E 100 -14.45 37.45 -6.05
C GLU E 100 -14.00 36.99 -7.44
N LEU E 101 -14.93 36.51 -8.27
CA LEU E 101 -14.64 36.08 -9.63
C LEU E 101 -15.36 36.97 -10.65
N LEU E 102 -14.54 37.76 -11.33
CA LEU E 102 -15.01 38.76 -12.29
C LEU E 102 -15.43 38.07 -13.59
N GLU E 103 -16.18 38.84 -14.38
CA GLU E 103 -16.70 38.39 -15.67
C GLU E 103 -15.54 38.10 -16.60
N ASP E 104 -14.44 38.87 -16.42
CA ASP E 104 -13.28 38.85 -17.29
C ASP E 104 -12.38 37.66 -16.96
N GLY E 105 -12.84 36.78 -16.05
CA GLY E 105 -12.07 35.61 -15.67
C GLY E 105 -11.16 35.86 -14.45
N SER E 106 -10.61 37.09 -14.29
CA SER E 106 -9.66 37.40 -13.22
C SER E 106 -10.31 37.37 -11.82
N THR E 107 -9.48 37.36 -10.77
CA THR E 107 -9.98 37.17 -9.41
C THR E 107 -9.38 38.12 -8.37
N THR E 108 -10.09 38.22 -7.24
CA THR E 108 -9.59 38.90 -6.07
C THR E 108 -9.81 38.07 -4.81
N GLY E 109 -9.13 38.49 -3.73
CA GLY E 109 -9.33 37.98 -2.38
C GLY E 109 -9.20 39.12 -1.35
N PHE E 110 -9.86 38.90 -0.21
CA PHE E 110 -9.83 39.92 0.84
C PHE E 110 -9.83 39.24 2.20
N LEU E 111 -9.16 39.84 3.16
CA LEU E 111 -9.11 39.30 4.49
C LEU E 111 -8.77 40.46 5.42
N GLN E 112 -9.67 40.74 6.37
CA GLN E 112 -9.52 41.87 7.25
C GLN E 112 -10.16 41.59 8.59
N TYR E 113 -9.68 42.35 9.57
CA TYR E 113 -10.25 42.36 10.91
C TYR E 113 -10.70 43.76 11.30
N ALA E 114 -11.66 43.84 12.24
CA ALA E 114 -12.06 45.13 12.75
C ALA E 114 -12.38 45.04 14.23
N TYR E 115 -11.90 46.05 14.95
CA TYR E 115 -12.30 46.23 16.33
C TYR E 115 -13.27 47.39 16.31
N ASP E 116 -14.41 47.28 17.02
CA ASP E 116 -15.51 48.24 17.06
C ASP E 116 -15.84 48.78 15.66
N GLY E 117 -15.90 47.90 14.68
CA GLY E 117 -16.35 48.29 13.37
C GLY E 117 -15.35 49.16 12.59
N GLN E 118 -14.18 49.51 13.14
CA GLN E 118 -13.17 50.24 12.36
C GLN E 118 -11.97 49.33 12.05
N ASP E 119 -11.42 49.52 10.84
CA ASP E 119 -10.34 48.71 10.31
C ASP E 119 -9.26 48.49 11.37
N PHE E 120 -8.85 47.24 11.59
CA PHE E 120 -7.84 46.89 12.58
C PHE E 120 -6.60 46.32 11.87
N LEU E 121 -6.83 45.26 11.09
CA LEU E 121 -5.79 44.58 10.34
C LEU E 121 -6.31 44.26 8.96
N ILE E 122 -5.39 44.43 8.02
CA ILE E 122 -5.60 44.15 6.61
C ILE E 122 -4.55 43.15 6.16
N PHE E 123 -4.99 42.04 5.56
CA PHE E 123 -4.05 41.06 5.01
C PHE E 123 -3.73 41.36 3.55
N ASN E 124 -2.47 41.20 3.20
CA ASN E 124 -2.03 41.32 1.83
C ASN E 124 -1.34 40.01 1.40
N LYS E 125 -2.05 39.25 0.54
CA LYS E 125 -1.63 37.93 0.10
C LYS E 125 -0.50 37.98 -0.94
N ASP E 126 -0.26 39.09 -1.64
CA ASP E 126 0.84 39.11 -2.58
C ASP E 126 2.19 39.37 -1.94
N THR E 127 2.17 39.94 -0.72
CA THR E 127 3.39 40.22 0.01
C THR E 127 3.40 39.37 1.28
N LEU E 128 2.42 38.50 1.47
CA LEU E 128 2.41 37.64 2.64
C LEU E 128 2.61 38.47 3.88
N SER E 129 1.80 39.52 4.11
CA SER E 129 2.00 40.38 5.28
C SER E 129 0.73 41.08 5.75
N TRP E 130 0.64 41.37 7.05
CA TRP E 130 -0.42 42.20 7.62
C TRP E 130 0.03 43.64 7.71
N LEU E 131 -0.95 44.51 7.73
CA LEU E 131 -0.76 45.93 8.01
C LEU E 131 -1.69 46.29 9.16
N ALA E 132 -1.25 47.14 10.09
CA ALA E 132 -2.03 47.43 11.27
C ALA E 132 -2.43 48.89 11.33
N VAL E 133 -3.51 49.22 12.07
CA VAL E 133 -3.89 50.62 12.31
C VAL E 133 -3.03 51.30 13.38
N ASP E 134 -2.76 50.62 14.50
CA ASP E 134 -2.07 51.19 15.64
C ASP E 134 -1.16 50.12 16.22
N ASN E 135 -0.52 50.41 17.35
CA ASN E 135 0.45 49.51 17.96
C ASN E 135 -0.17 48.18 18.39
N VAL E 136 -1.38 48.22 18.97
CA VAL E 136 -1.96 47.00 19.51
C VAL E 136 -2.05 45.95 18.41
N ALA E 137 -2.51 46.38 17.23
CA ALA E 137 -2.62 45.51 16.10
C ALA E 137 -1.24 45.00 15.73
N HIS E 138 -0.30 45.92 15.53
CA HIS E 138 1.05 45.55 15.13
C HIS E 138 1.56 44.47 16.06
N THR E 139 1.32 44.61 17.36
CA THR E 139 1.89 43.66 18.31
C THR E 139 1.44 42.23 17.97
N ILE E 140 0.18 42.02 17.61
CA ILE E 140 -0.31 40.67 17.35
C ILE E 140 -0.04 40.23 15.93
N LYS E 141 -0.01 41.18 14.99
CA LYS E 141 0.35 40.88 13.60
C LYS E 141 1.76 40.25 13.55
N GLN E 142 2.64 40.71 14.44
CA GLN E 142 4.02 40.27 14.45
C GLN E 142 4.06 38.76 14.71
N ALA E 143 3.43 38.34 15.81
CA ALA E 143 3.37 36.93 16.16
C ALA E 143 2.78 36.13 14.98
N TRP E 144 1.83 36.74 14.28
CA TRP E 144 1.17 36.06 13.14
C TRP E 144 2.12 35.96 11.97
N GLU E 145 2.96 36.97 11.79
CA GLU E 145 3.87 36.95 10.64
C GLU E 145 5.04 36.01 10.95
N ALA E 146 5.17 35.59 12.21
CA ALA E 146 6.11 34.54 12.55
C ALA E 146 5.73 33.20 11.89
N ASN E 147 4.45 32.82 11.95
CA ASN E 147 4.02 31.54 11.43
C ASN E 147 3.87 31.65 9.92
N GLN E 148 4.79 31.04 9.19
CA GLN E 148 4.91 31.13 7.73
C GLN E 148 3.86 30.19 7.11
N HIS E 149 3.46 29.18 7.85
CA HIS E 149 2.55 28.20 7.31
C HIS E 149 1.19 28.88 7.18
N GLU E 150 0.82 29.62 8.22
CA GLU E 150 -0.50 30.30 8.21
C GLU E 150 -0.49 31.32 7.08
N LEU E 151 0.57 32.12 6.99
CA LEU E 151 0.62 33.11 5.94
C LEU E 151 0.25 32.45 4.62
N LEU E 152 0.90 31.32 4.31
CA LEU E 152 0.70 30.66 3.03
C LEU E 152 -0.68 30.01 2.91
N TYR E 153 -1.15 29.35 3.97
CA TYR E 153 -2.46 28.75 3.90
C TYR E 153 -3.45 29.80 3.43
N GLN E 154 -3.41 30.99 4.03
CA GLN E 154 -4.41 32.00 3.73
C GLN E 154 -4.29 32.37 2.26
N LYS E 155 -3.08 32.75 1.82
CA LYS E 155 -2.87 33.06 0.41
C LYS E 155 -3.56 32.03 -0.47
N ASN E 156 -3.32 30.75 -0.18
CA ASN E 156 -3.91 29.68 -1.02
C ASN E 156 -5.43 29.73 -0.94
N TRP E 157 -6.00 29.44 0.24
CA TRP E 157 -7.46 29.43 0.39
C TRP E 157 -8.05 30.58 -0.42
N LEU E 158 -7.49 31.78 -0.27
CA LEU E 158 -7.99 32.97 -0.98
C LEU E 158 -7.75 32.81 -2.48
N GLU E 159 -6.51 32.52 -2.88
CA GLU E 159 -6.18 32.48 -4.32
C GLU E 159 -6.74 31.22 -5.00
N GLU E 160 -6.96 30.14 -4.25
CA GLU E 160 -7.38 28.88 -4.93
C GLU E 160 -8.69 28.33 -4.36
N GLU E 161 -8.68 27.82 -3.14
CA GLU E 161 -9.89 27.14 -2.57
C GLU E 161 -11.14 28.00 -2.67
N CYS E 162 -11.07 29.27 -2.28
CA CYS E 162 -12.29 30.12 -2.24
C CYS E 162 -12.95 30.14 -3.63
N ILE E 163 -12.19 30.51 -4.66
CA ILE E 163 -12.77 30.64 -6.02
C ILE E 163 -13.45 29.32 -6.40
N ALA E 164 -12.85 28.18 -6.03
CA ALA E 164 -13.45 26.88 -6.34
C ALA E 164 -14.80 26.74 -5.62
N TRP E 165 -14.81 26.95 -4.32
CA TRP E 165 -16.05 26.89 -3.56
C TRP E 165 -17.14 27.76 -4.17
N LEU E 166 -16.72 28.92 -4.63
CA LEU E 166 -17.66 29.79 -5.30
C LEU E 166 -18.29 28.99 -6.43
N LYS E 167 -17.43 28.40 -7.27
CA LYS E 167 -17.86 27.78 -8.51
C LYS E 167 -18.83 26.64 -8.22
N ARG E 168 -18.52 25.88 -7.17
CA ARG E 168 -19.44 24.86 -6.68
C ARG E 168 -20.77 25.47 -6.32
N PHE E 169 -20.76 26.50 -5.46
CA PHE E 169 -22.00 27.05 -4.92
C PHE E 169 -22.84 27.68 -6.02
N LEU E 170 -22.18 28.35 -6.96
CA LEU E 170 -22.87 28.94 -8.09
C LEU E 170 -23.64 27.86 -8.83
N GLU E 171 -22.98 26.76 -9.14
CA GLU E 171 -23.68 25.63 -9.74
C GLU E 171 -24.82 25.23 -8.82
N TYR E 172 -24.49 24.96 -7.56
CA TYR E 172 -25.43 24.42 -6.59
C TYR E 172 -26.65 25.31 -6.47
N GLY E 173 -26.47 26.62 -6.59
CA GLY E 173 -27.60 27.53 -6.52
C GLY E 173 -27.85 28.28 -7.82
N LYS E 174 -27.51 27.71 -8.97
CA LYS E 174 -27.63 28.47 -10.25
C LYS E 174 -29.06 28.95 -10.45
N ASP E 175 -30.02 28.16 -10.00
CA ASP E 175 -31.44 28.53 -10.25
C ASP E 175 -31.72 29.86 -9.56
N THR E 176 -31.06 30.12 -8.44
CA THR E 176 -31.35 31.35 -7.67
C THR E 176 -30.30 32.42 -7.95
N LEU E 177 -29.08 32.03 -8.33
CA LEU E 177 -28.00 33.05 -8.46
C LEU E 177 -27.79 33.44 -9.92
N GLN E 178 -28.23 32.61 -10.86
CA GLN E 178 -27.95 32.91 -12.28
C GLN E 178 -29.26 33.27 -12.99
N ARG E 179 -30.33 33.45 -12.22
CA ARG E 179 -31.63 33.85 -12.80
C ARG E 179 -31.59 35.32 -13.22
N THR E 180 -32.37 35.69 -14.23
CA THR E 180 -32.47 37.12 -14.63
C THR E 180 -33.95 37.51 -14.64
N GLU E 181 -34.39 38.25 -13.63
CA GLU E 181 -35.79 38.74 -13.59
C GLU E 181 -35.79 40.20 -14.04
N PRO E 182 -36.41 40.57 -15.18
CA PRO E 182 -36.32 41.94 -15.68
C PRO E 182 -37.24 42.88 -14.91
N PRO E 183 -36.88 44.19 -14.91
CA PRO E 183 -37.57 45.18 -14.10
C PRO E 183 -38.84 45.78 -14.73
N LEU E 184 -39.80 46.10 -13.84
CA LEU E 184 -40.97 46.90 -14.20
C LEU E 184 -40.63 48.39 -14.14
N VAL E 185 -40.58 49.05 -15.30
CA VAL E 185 -40.15 50.49 -15.30
C VAL E 185 -41.37 51.40 -15.49
N ARG E 186 -41.55 52.37 -14.60
CA ARG E 186 -42.70 53.31 -14.66
C ARG E 186 -42.23 54.72 -14.32
N VAL E 187 -42.98 55.75 -14.74
CA VAL E 187 -42.62 57.16 -14.40
C VAL E 187 -43.84 57.92 -13.86
N ASN E 188 -43.78 58.40 -12.61
CA ASN E 188 -44.85 59.19 -11.98
C ASN E 188 -44.41 60.66 -11.82
N ARG E 189 -45.37 61.60 -11.63
CA ARG E 189 -45.09 63.03 -11.40
C ARG E 189 -45.34 63.41 -9.92
N LYS E 190 -45.04 64.69 -9.52
CA LYS E 190 -45.29 65.19 -8.15
C LYS E 190 -45.51 66.72 -8.08
N GLU E 191 -45.22 67.32 -6.89
CA GLU E 191 -45.06 68.77 -6.71
C GLU E 191 -44.05 69.07 -5.59
N THR E 192 -42.90 68.34 -5.51
CA THR E 192 -41.97 68.54 -4.40
C THR E 192 -41.30 69.92 -4.57
N GLY E 195 -45.07 74.17 -4.34
CA GLY E 195 -44.30 73.03 -4.87
C GLY E 195 -43.86 73.28 -6.31
N VAL E 196 -42.84 72.51 -6.74
CA VAL E 196 -42.39 72.46 -8.15
C VAL E 196 -42.36 70.99 -8.66
N THR E 197 -42.90 70.82 -9.89
CA THR E 197 -42.99 69.61 -10.71
C THR E 197 -41.72 68.74 -10.67
N ALA E 198 -41.87 67.41 -10.42
CA ALA E 198 -40.73 66.48 -10.46
C ALA E 198 -41.14 65.07 -10.92
N LEU E 199 -40.35 64.50 -11.83
CA LEU E 199 -40.65 63.15 -12.39
C LEU E 199 -39.80 62.09 -11.69
N PHE E 200 -40.29 60.85 -11.64
CA PHE E 200 -39.57 59.77 -10.91
C PHE E 200 -39.56 58.47 -11.72
N CYS E 201 -38.44 58.12 -12.33
CA CYS E 201 -38.33 56.82 -13.05
C CYS E 201 -38.19 55.71 -12.02
N LYS E 202 -39.18 54.82 -11.92
CA LYS E 202 -39.15 53.78 -10.87
C LYS E 202 -39.02 52.39 -11.50
N ALA E 203 -38.19 51.53 -10.92
CA ALA E 203 -38.03 50.15 -11.43
C ALA E 203 -38.10 49.18 -10.26
N HIS E 204 -38.89 48.12 -10.38
CA HIS E 204 -39.05 47.20 -9.26
C HIS E 204 -39.07 45.75 -9.75
N GLY E 205 -38.94 44.84 -8.78
CA GLY E 205 -39.13 43.41 -9.00
C GLY E 205 -38.07 42.79 -9.90
N PHE E 206 -36.83 43.26 -9.76
CA PHE E 206 -35.74 42.79 -10.65
C PHE E 206 -34.67 41.98 -9.90
N TYR E 207 -33.82 41.30 -10.67
CA TYR E 207 -32.71 40.47 -10.12
C TYR E 207 -31.81 40.10 -11.28
N PRO E 208 -30.49 40.41 -11.27
CA PRO E 208 -29.73 40.65 -10.04
C PRO E 208 -29.83 42.10 -9.54
N PRO E 209 -29.56 42.38 -8.24
CA PRO E 209 -29.76 43.71 -7.70
C PRO E 209 -29.00 44.78 -8.49
N GLU E 210 -27.96 44.38 -9.19
CA GLU E 210 -27.13 45.38 -9.89
C GLU E 210 -27.96 45.99 -11.01
N ILE E 211 -28.23 47.29 -10.91
CA ILE E 211 -28.97 47.99 -12.01
C ILE E 211 -28.32 49.35 -12.24
N TYR E 212 -28.56 49.93 -13.41
CA TYR E 212 -28.05 51.29 -13.72
C TYR E 212 -29.20 52.08 -14.29
N MET E 213 -29.45 53.27 -13.72
CA MET E 213 -30.58 54.11 -14.19
C MET E 213 -30.11 55.56 -14.38
N THR E 214 -30.64 56.25 -15.40
CA THR E 214 -30.28 57.63 -15.71
C THR E 214 -31.40 58.32 -16.48
N TRP E 215 -31.22 59.62 -16.68
CA TRP E 215 -32.21 60.38 -17.47
C TRP E 215 -31.52 60.86 -18.74
N MET E 216 -32.26 61.55 -19.60
CA MET E 216 -31.76 62.03 -20.88
C MET E 216 -32.62 63.19 -21.38
N LYS E 217 -31.94 64.28 -21.79
CA LYS E 217 -32.59 65.53 -22.16
C LYS E 217 -33.16 65.40 -23.58
N ASN E 218 -34.31 64.76 -23.75
CA ASN E 218 -34.95 64.64 -25.06
C ASN E 218 -33.89 64.19 -26.09
N GLY E 219 -33.16 63.12 -25.73
CA GLY E 219 -32.18 62.47 -26.60
C GLY E 219 -30.82 63.18 -26.64
N GLU E 220 -30.78 64.43 -26.14
CA GLU E 220 -29.61 65.31 -26.16
C GLU E 220 -28.56 64.82 -25.15
N GLU E 221 -28.77 65.02 -23.83
CA GLU E 221 -27.68 64.86 -22.87
C GLU E 221 -28.20 64.26 -21.55
N ILE E 222 -27.32 63.45 -20.90
CA ILE E 222 -27.52 62.99 -19.53
C ILE E 222 -27.55 64.24 -18.64
N VAL E 223 -28.52 64.28 -17.71
CA VAL E 223 -28.79 65.53 -17.00
C VAL E 223 -27.76 65.60 -15.86
N GLN E 224 -27.67 66.79 -15.24
CA GLN E 224 -26.59 67.10 -14.32
C GLN E 224 -26.93 66.59 -12.91
N GLU E 225 -28.10 67.09 -12.41
CA GLU E 225 -28.54 66.96 -11.03
C GLU E 225 -29.75 66.02 -11.06
N ILE E 226 -29.41 64.74 -10.86
CA ILE E 226 -30.33 63.61 -10.80
C ILE E 226 -30.13 62.95 -9.44
N ASP E 227 -31.18 62.97 -8.65
CA ASP E 227 -31.22 62.27 -7.37
C ASP E 227 -31.46 60.76 -7.60
N TYR E 228 -30.53 59.91 -7.16
CA TYR E 228 -30.63 58.47 -7.35
C TYR E 228 -31.02 57.76 -6.05
N GLY E 229 -32.30 57.33 -5.96
CA GLY E 229 -32.72 56.41 -4.89
C GLY E 229 -31.91 55.12 -4.83
N ASP E 230 -31.53 54.71 -3.60
CA ASP E 230 -30.80 53.47 -3.36
C ASP E 230 -31.50 52.26 -3.98
N ILE E 231 -30.73 51.18 -4.15
CA ILE E 231 -31.30 49.89 -4.65
C ILE E 231 -31.66 49.08 -3.41
N LEU E 232 -32.93 48.72 -3.25
CA LEU E 232 -33.40 48.08 -2.03
C LEU E 232 -34.01 46.71 -2.30
N PRO E 233 -33.98 45.78 -1.35
CA PRO E 233 -34.66 44.50 -1.48
C PRO E 233 -36.15 44.60 -1.15
N SER E 234 -37.01 44.07 -2.02
CA SER E 234 -38.47 44.13 -1.84
C SER E 234 -38.93 43.07 -0.83
N GLY E 235 -38.12 41.98 -0.72
CA GLY E 235 -38.33 40.95 0.29
C GLY E 235 -38.90 39.63 -0.25
N ASP E 236 -39.08 39.53 -1.56
CA ASP E 236 -39.46 38.28 -2.20
C ASP E 236 -38.27 37.69 -2.93
N GLY E 237 -37.08 38.29 -2.79
CA GLY E 237 -35.88 37.86 -3.53
C GLY E 237 -35.70 38.76 -4.73
N THR E 238 -36.20 39.99 -4.62
CA THR E 238 -36.23 40.91 -5.76
C THR E 238 -35.81 42.29 -5.27
N TYR E 239 -35.48 43.21 -6.18
CA TYR E 239 -34.89 44.49 -5.80
C TYR E 239 -35.65 45.60 -6.52
N GLN E 240 -35.73 46.80 -5.93
CA GLN E 240 -36.44 47.91 -6.50
C GLN E 240 -35.66 49.20 -6.26
N ALA E 241 -35.71 50.12 -7.22
CA ALA E 241 -34.89 51.31 -7.16
C ALA E 241 -35.50 52.37 -8.06
N TRP E 242 -35.07 53.63 -7.91
CA TRP E 242 -35.68 54.75 -8.68
C TRP E 242 -34.70 55.90 -8.91
N ALA E 243 -35.06 56.80 -9.82
CA ALA E 243 -34.22 57.99 -10.13
C ALA E 243 -35.12 59.19 -10.38
N SER E 244 -34.84 60.34 -9.75
CA SER E 244 -35.72 61.50 -9.85
C SER E 244 -35.00 62.71 -10.43
N ILE E 245 -35.78 63.54 -11.14
CA ILE E 245 -35.31 64.79 -11.71
C ILE E 245 -36.50 65.74 -11.64
N GLU E 246 -36.31 67.02 -11.96
CA GLU E 246 -37.32 68.05 -11.70
C GLU E 246 -38.03 68.49 -12.99
N LEU E 247 -37.37 69.29 -13.84
CA LEU E 247 -38.03 70.16 -14.81
C LEU E 247 -39.20 70.97 -14.19
N GLN E 250 -41.79 75.29 -15.54
CA GLN E 250 -42.22 75.86 -16.81
C GLN E 250 -42.12 74.81 -17.91
N SER E 251 -42.58 75.25 -19.10
CA SER E 251 -42.43 74.61 -20.39
C SER E 251 -41.05 73.98 -20.57
N SER E 252 -40.99 72.82 -21.23
CA SER E 252 -39.78 72.02 -21.28
C SER E 252 -39.76 71.16 -22.53
N ASN E 253 -38.81 70.20 -22.56
CA ASN E 253 -38.70 69.18 -23.59
C ASN E 253 -39.62 68.00 -23.22
N LEU E 254 -39.46 66.87 -23.94
CA LEU E 254 -40.25 65.68 -23.66
C LEU E 254 -39.52 64.78 -22.68
N TYR E 255 -38.16 64.81 -22.70
CA TYR E 255 -37.34 64.00 -21.78
C TYR E 255 -37.49 62.49 -22.06
N SER E 256 -36.74 61.65 -21.33
CA SER E 256 -36.73 60.22 -21.55
C SER E 256 -35.88 59.52 -20.50
N CYS E 257 -36.34 58.36 -20.05
CA CYS E 257 -35.62 57.58 -19.00
C CYS E 257 -34.85 56.43 -19.65
N HIS E 258 -33.59 56.26 -19.28
CA HIS E 258 -32.74 55.19 -19.82
C HIS E 258 -32.27 54.27 -18.70
N VAL E 259 -32.60 52.98 -18.83
CA VAL E 259 -32.27 51.96 -17.80
C VAL E 259 -31.56 50.75 -18.42
N GLU E 260 -30.69 50.08 -17.67
CA GLU E 260 -29.94 48.90 -18.10
C GLU E 260 -29.88 47.87 -16.98
N HIS E 261 -30.30 46.65 -17.29
CA HIS E 261 -30.26 45.54 -16.31
C HIS E 261 -29.85 44.27 -17.07
N SER E 262 -29.03 43.42 -16.46
CA SER E 262 -28.55 42.16 -17.09
C SER E 262 -28.61 42.34 -18.60
N GLY E 263 -27.78 43.23 -19.18
CA GLY E 263 -27.60 43.28 -20.63
C GLY E 263 -28.70 43.92 -21.47
N VAL E 264 -29.75 44.45 -20.85
CA VAL E 264 -30.88 44.96 -21.69
C VAL E 264 -30.99 46.48 -21.53
N HIS E 265 -30.86 47.23 -22.64
CA HIS E 265 -31.09 48.66 -22.56
C HIS E 265 -32.59 48.95 -22.74
N MET E 266 -33.28 49.43 -21.69
CA MET E 266 -34.69 49.84 -21.79
C MET E 266 -34.84 51.37 -21.76
N VAL E 267 -35.68 51.93 -22.63
CA VAL E 267 -35.88 53.36 -22.67
C VAL E 267 -37.35 53.64 -22.37
N LEU E 268 -37.67 54.87 -21.92
CA LEU E 268 -39.04 55.28 -21.64
C LEU E 268 -39.27 56.72 -22.10
N GLN E 269 -40.30 56.94 -22.92
CA GLN E 269 -40.60 58.28 -23.43
C GLN E 269 -41.77 58.86 -22.59
N VAL E 270 -41.74 60.16 -22.25
CA VAL E 270 -42.73 60.78 -21.35
C VAL E 270 -43.53 61.86 -22.09
N MET F 1 -15.15 54.07 20.47
CA MET F 1 -15.97 53.40 19.40
C MET F 1 -16.54 54.47 18.45
N ILE F 2 -16.12 54.42 17.18
CA ILE F 2 -16.69 55.35 16.20
C ILE F 2 -17.93 54.64 15.68
N GLN F 3 -19.11 55.04 16.24
CA GLN F 3 -20.38 54.38 15.91
C GLN F 3 -21.04 55.01 14.70
N ARG F 4 -21.75 54.13 13.97
CA ARG F 4 -22.55 54.52 12.82
C ARG F 4 -23.99 54.19 13.16
N THR F 5 -24.87 55.11 12.76
CA THR F 5 -26.26 55.16 13.22
C THR F 5 -27.14 54.62 12.09
N PRO F 6 -28.29 53.97 12.39
CA PRO F 6 -29.04 53.29 11.37
C PRO F 6 -29.72 54.25 10.41
N LYS F 7 -29.58 53.93 9.12
CA LYS F 7 -30.35 54.57 8.07
C LYS F 7 -31.65 53.78 7.92
N ILE F 8 -32.77 54.49 8.06
CA ILE F 8 -34.06 53.85 8.01
C ILE F 8 -34.76 54.24 6.71
N GLN F 9 -35.08 53.24 5.89
CA GLN F 9 -35.79 53.44 4.64
C GLN F 9 -37.11 52.65 4.65
N VAL F 10 -38.26 53.35 4.45
CA VAL F 10 -39.54 52.67 4.53
C VAL F 10 -40.27 52.70 3.19
N TYR F 11 -40.66 51.51 2.74
CA TYR F 11 -41.24 51.32 1.43
C TYR F 11 -42.06 50.03 1.39
N SER F 12 -42.85 49.88 0.32
CA SER F 12 -43.70 48.73 0.07
C SER F 12 -43.09 47.84 -1.00
N ARG F 13 -43.28 46.52 -0.88
CA ARG F 13 -42.67 45.54 -1.78
C ARG F 13 -43.10 45.79 -3.23
N HIS F 14 -44.43 45.78 -3.44
CA HIS F 14 -45.07 46.08 -4.72
C HIS F 14 -45.63 47.51 -4.68
N PRO F 15 -45.67 48.24 -5.83
CA PRO F 15 -46.25 49.57 -5.91
C PRO F 15 -47.58 49.70 -5.17
N ALA F 16 -47.65 50.77 -4.35
CA ALA F 16 -48.78 51.04 -3.47
C ALA F 16 -50.06 51.21 -4.27
N GLU F 17 -51.10 50.48 -3.89
CA GLU F 17 -52.39 50.58 -4.56
C GLU F 17 -53.43 50.21 -3.51
N ASN F 18 -54.38 51.11 -3.25
CA ASN F 18 -55.12 51.04 -1.99
C ASN F 18 -55.93 49.73 -1.95
N GLY F 19 -56.45 49.26 -3.07
CA GLY F 19 -57.21 48.01 -3.05
C GLY F 19 -56.42 46.81 -2.53
N LYS F 20 -55.12 46.75 -2.89
CA LYS F 20 -54.43 45.47 -3.00
C LYS F 20 -53.39 45.24 -1.88
N SER F 21 -53.39 44.00 -1.39
CA SER F 21 -52.41 43.51 -0.45
C SER F 21 -50.99 43.67 -1.01
N ASN F 22 -50.04 43.59 -0.09
CA ASN F 22 -48.73 44.20 -0.24
C ASN F 22 -47.95 43.94 1.04
N PHE F 23 -46.66 44.26 1.00
CA PHE F 23 -45.82 44.15 2.17
C PHE F 23 -45.16 45.49 2.44
N LEU F 24 -45.22 45.88 3.71
CA LEU F 24 -44.54 47.09 4.15
C LEU F 24 -43.12 46.72 4.63
N ASN F 25 -42.12 47.47 4.14
CA ASN F 25 -40.74 47.13 4.41
C ASN F 25 -40.11 48.29 5.15
N CYS F 26 -39.34 47.97 6.22
CA CYS F 26 -38.34 48.87 6.79
C CYS F 26 -36.91 48.30 6.68
N TYR F 27 -36.08 49.00 5.88
CA TYR F 27 -34.68 48.63 5.64
C TYR F 27 -33.79 49.49 6.53
N VAL F 28 -33.37 48.85 7.61
CA VAL F 28 -32.45 49.45 8.55
C VAL F 28 -31.05 48.99 8.23
N SER F 29 -30.14 49.91 7.91
CA SER F 29 -28.81 49.56 7.42
C SER F 29 -27.70 50.48 7.98
N GLY F 30 -26.44 50.04 7.82
CA GLY F 30 -25.28 50.89 7.99
C GLY F 30 -24.96 51.25 9.44
N PHE F 31 -25.39 50.42 10.40
CA PHE F 31 -25.20 50.73 11.81
C PHE F 31 -24.25 49.76 12.54
N HIS F 32 -23.72 50.20 13.69
CA HIS F 32 -22.78 49.46 14.51
C HIS F 32 -22.79 50.06 15.91
N PRO F 33 -22.90 49.27 17.03
CA PRO F 33 -22.91 47.81 17.07
C PRO F 33 -24.15 47.12 16.50
N SER F 34 -24.38 45.90 16.99
CA SER F 34 -25.27 44.93 16.38
C SER F 34 -26.67 45.06 17.00
N ASP F 35 -26.70 45.48 18.29
CA ASP F 35 -27.93 45.45 19.06
C ASP F 35 -28.82 46.61 18.60
N ILE F 36 -29.98 46.24 18.02
CA ILE F 36 -30.93 47.25 17.45
C ILE F 36 -32.36 46.83 17.78
N GLU F 37 -33.26 47.81 17.91
CA GLU F 37 -34.70 47.51 18.15
C GLU F 37 -35.48 48.17 17.02
N VAL F 38 -36.37 47.43 16.37
CA VAL F 38 -37.16 48.00 15.23
C VAL F 38 -38.63 47.60 15.40
N ASP F 39 -39.53 48.57 15.29
CA ASP F 39 -40.98 48.29 15.38
C ASP F 39 -41.70 48.98 14.22
N LEU F 40 -42.60 48.28 13.53
CA LEU F 40 -43.38 48.91 12.48
C LEU F 40 -44.67 49.50 13.06
N LEU F 41 -45.12 50.60 12.48
CA LEU F 41 -46.18 51.38 13.10
C LEU F 41 -47.35 51.63 12.13
N LYS F 42 -48.57 51.22 12.53
CA LYS F 42 -49.81 51.65 11.88
C LYS F 42 -50.46 52.73 12.74
N ASN F 43 -50.53 53.94 12.17
CA ASN F 43 -51.18 55.06 12.82
C ASN F 43 -50.55 55.19 14.21
N GLY F 44 -49.25 54.91 14.29
CA GLY F 44 -48.52 55.00 15.54
C GLY F 44 -48.83 53.91 16.57
N GLU F 45 -49.38 52.73 16.21
CA GLU F 45 -49.38 51.57 17.11
C GLU F 45 -48.48 50.45 16.54
N ARG F 46 -48.02 49.55 17.44
CA ARG F 46 -47.08 48.51 17.07
C ARG F 46 -47.81 47.38 16.36
N ILE F 47 -47.26 46.96 15.21
CA ILE F 47 -47.77 45.83 14.43
C ILE F 47 -47.13 44.55 14.95
N GLU F 48 -47.95 43.60 15.42
CA GLU F 48 -47.45 42.56 16.31
C GLU F 48 -46.75 41.43 15.56
N LYS F 49 -47.43 40.82 14.58
CA LYS F 49 -46.81 39.83 13.70
C LYS F 49 -45.95 40.57 12.66
N VAL F 50 -44.64 40.59 12.89
CA VAL F 50 -43.71 41.23 11.98
C VAL F 50 -42.45 40.37 11.89
N GLU F 51 -42.02 40.12 10.65
CA GLU F 51 -40.85 39.30 10.38
C GLU F 51 -39.62 40.20 10.22
N HIS F 52 -38.45 39.58 10.38
CA HIS F 52 -37.21 40.25 10.09
C HIS F 52 -36.18 39.25 9.57
N SER F 53 -35.56 39.65 8.45
CA SER F 53 -34.43 38.91 7.92
C SER F 53 -33.39 38.79 9.03
N ASP F 54 -32.61 37.70 8.94
CA ASP F 54 -31.43 37.51 9.76
C ASP F 54 -30.40 38.62 9.56
N LEU F 55 -29.80 38.97 10.70
CA LEU F 55 -28.79 40.01 10.71
C LEU F 55 -27.73 39.75 9.61
N SER F 56 -27.43 40.78 8.82
CA SER F 56 -26.52 40.68 7.70
C SER F 56 -25.35 41.66 7.82
N PHE F 57 -24.21 41.27 7.21
CA PHE F 57 -22.94 41.96 7.39
C PHE F 57 -22.48 42.66 6.13
N SER F 58 -22.06 43.92 6.27
CA SER F 58 -21.43 44.58 5.13
C SER F 58 -19.93 44.56 5.27
N LYS F 59 -19.27 44.89 4.16
CA LYS F 59 -17.79 44.89 4.12
C LYS F 59 -17.25 46.03 4.98
N ASP F 60 -18.00 47.12 5.08
CA ASP F 60 -17.54 48.24 5.86
C ASP F 60 -17.86 48.02 7.36
N TRP F 61 -18.27 46.83 7.72
CA TRP F 61 -18.32 46.39 9.09
C TRP F 61 -19.69 46.69 9.66
N SER F 62 -20.57 47.33 8.88
CA SER F 62 -21.90 47.68 9.39
C SER F 62 -22.90 46.56 9.15
N PHE F 63 -24.02 46.67 9.85
CA PHE F 63 -25.05 45.65 9.75
C PHE F 63 -26.27 46.19 9.01
N TYR F 64 -27.14 45.22 8.64
CA TYR F 64 -28.41 45.54 8.03
C TYR F 64 -29.40 44.40 8.21
N LEU F 65 -30.67 44.79 8.28
CA LEU F 65 -31.79 43.89 8.19
C LEU F 65 -32.87 44.47 7.31
N LEU F 66 -33.96 43.69 7.26
CA LEU F 66 -35.22 44.12 6.70
C LEU F 66 -36.34 43.63 7.59
N TYR F 67 -37.10 44.58 8.12
CA TYR F 67 -38.32 44.26 8.85
C TYR F 67 -39.47 44.43 7.87
N TYR F 68 -40.47 43.56 7.98
CA TYR F 68 -41.55 43.54 7.00
C TYR F 68 -42.80 42.86 7.58
N THR F 69 -43.96 43.31 7.08
CA THR F 69 -45.26 42.79 7.48
C THR F 69 -46.27 42.92 6.34
N GLU F 70 -47.14 41.90 6.19
CA GLU F 70 -48.14 41.88 5.13
C GLU F 70 -49.31 42.80 5.50
N PHE F 71 -49.58 43.84 4.69
CA PHE F 71 -50.64 44.80 4.99
C PHE F 71 -51.46 45.08 3.74
N THR F 72 -52.66 45.68 3.94
CA THR F 72 -53.39 46.33 2.87
C THR F 72 -53.43 47.84 3.11
N PRO F 73 -52.91 48.66 2.17
CA PRO F 73 -52.99 50.12 2.23
C PRO F 73 -54.42 50.66 2.16
N THR F 74 -54.73 51.67 2.97
CA THR F 74 -56.12 52.05 3.18
C THR F 74 -56.34 53.49 2.70
N GLU F 75 -55.21 54.14 2.37
CA GLU F 75 -55.19 55.57 2.06
C GLU F 75 -55.33 56.41 3.32
N LYS F 76 -56.24 56.04 4.24
CA LYS F 76 -56.51 56.78 5.46
C LYS F 76 -55.37 56.54 6.45
N ASP F 77 -54.63 55.43 6.26
CA ASP F 77 -53.73 54.87 7.27
C ASP F 77 -52.34 55.49 7.09
N GLU F 78 -51.76 55.99 8.21
CA GLU F 78 -50.35 56.36 8.33
C GLU F 78 -49.54 55.13 8.77
N TYR F 79 -48.41 54.92 8.10
CA TYR F 79 -47.50 53.83 8.44
C TYR F 79 -46.06 54.34 8.61
N ALA F 80 -45.34 53.82 9.63
CA ALA F 80 -43.96 54.19 9.85
C ALA F 80 -43.13 53.02 10.34
N CYS F 81 -41.81 53.30 10.46
CA CYS F 81 -40.88 52.43 11.18
C CYS F 81 -40.20 53.22 12.31
N ARG F 82 -40.21 52.66 13.51
CA ARG F 82 -39.54 53.29 14.66
C ARG F 82 -38.40 52.39 15.11
N VAL F 83 -37.17 52.90 15.08
CA VAL F 83 -35.99 52.07 15.44
C VAL F 83 -35.31 52.67 16.67
N ASN F 84 -34.63 51.83 17.46
CA ASN F 84 -33.85 52.33 18.61
C ASN F 84 -32.46 51.67 18.59
N HIS F 85 -31.44 52.38 19.04
CA HIS F 85 -30.04 51.92 19.01
C HIS F 85 -29.31 52.64 20.14
N VAL F 86 -28.18 52.09 20.59
CA VAL F 86 -27.34 52.84 21.52
C VAL F 86 -27.00 54.20 20.91
N THR F 87 -26.81 54.26 19.58
CA THR F 87 -26.46 55.52 18.95
C THR F 87 -27.62 56.55 18.96
N LEU F 88 -28.85 56.10 19.23
CA LEU F 88 -29.98 57.01 19.36
C LEU F 88 -30.30 57.19 20.84
N SER F 89 -30.50 58.45 21.22
CA SER F 89 -31.08 58.82 22.51
C SER F 89 -32.62 58.81 22.43
N GLN F 90 -33.13 58.86 21.20
CA GLN F 90 -34.53 59.07 20.88
C GLN F 90 -34.98 57.92 20.01
N PRO F 91 -35.98 57.06 20.35
CA PRO F 91 -36.47 56.15 19.31
C PRO F 91 -36.81 56.99 18.07
N LYS F 92 -36.29 56.58 16.91
CA LYS F 92 -36.34 57.38 15.69
C LYS F 92 -37.45 56.85 14.76
N ILE F 93 -38.43 57.71 14.44
CA ILE F 93 -39.61 57.30 13.68
C ILE F 93 -39.53 57.91 12.28
N VAL F 94 -39.36 57.05 11.27
CA VAL F 94 -39.44 57.45 9.86
C VAL F 94 -40.78 56.97 9.25
N LYS F 95 -41.54 57.93 8.74
CA LYS F 95 -42.84 57.63 8.14
C LYS F 95 -42.65 57.16 6.72
N TRP F 96 -43.60 56.31 6.29
CA TRP F 96 -43.74 55.89 4.90
C TRP F 96 -44.39 57.01 4.07
N ASP F 97 -43.68 57.46 3.04
CA ASP F 97 -44.12 58.45 2.07
C ASP F 97 -45.19 57.80 1.20
N ARG F 98 -45.80 58.57 0.27
CA ARG F 98 -46.80 58.07 -0.68
C ARG F 98 -47.74 57.04 0.01
N GLN G 3 -9.86 11.51 4.29
CA GLN G 3 -10.43 10.46 5.21
C GLN G 3 -9.85 9.02 5.00
N THR G 4 -8.62 8.81 4.47
CA THR G 4 -8.02 7.46 4.47
C THR G 4 -6.59 7.42 3.90
N VAL G 5 -5.70 6.70 4.64
CA VAL G 5 -4.30 6.49 4.27
C VAL G 5 -3.95 5.00 4.40
N THR G 6 -3.19 4.53 3.41
CA THR G 6 -2.80 3.10 3.37
C THR G 6 -1.32 2.97 2.96
N GLN G 7 -0.56 2.14 3.67
CA GLN G 7 0.86 1.89 3.31
C GLN G 7 0.93 0.56 2.58
N SER G 8 0.54 -0.54 3.23
CA SER G 8 0.43 -1.86 2.62
C SER G 8 1.77 -2.58 2.56
N GLN G 9 2.79 -1.99 3.20
CA GLN G 9 4.10 -2.64 3.35
C GLN G 9 4.11 -3.05 4.82
N PRO G 10 3.64 -4.24 5.20
CA PRO G 10 3.48 -4.58 6.61
C PRO G 10 4.80 -4.68 7.38
N GLU G 11 5.83 -5.21 6.74
CA GLU G 11 7.15 -5.38 7.40
C GLU G 11 8.21 -5.18 6.33
N MET G 12 9.36 -4.63 6.72
CA MET G 12 10.41 -4.33 5.72
C MET G 12 11.78 -4.51 6.37
N SER G 13 12.80 -4.73 5.55
CA SER G 13 14.18 -4.91 6.06
C SER G 13 15.15 -4.14 5.18
N VAL G 14 16.29 -3.77 5.75
CA VAL G 14 17.30 -3.03 5.03
C VAL G 14 18.62 -3.29 5.73
N GLN G 15 19.67 -3.36 4.91
CA GLN G 15 21.06 -3.47 5.37
C GLN G 15 21.56 -2.06 5.73
N GLU G 16 22.26 -1.99 6.86
CA GLU G 16 23.00 -0.82 7.26
C GLU G 16 23.75 -0.17 6.09
N ALA G 17 23.55 1.14 5.95
CA ALA G 17 24.20 1.96 4.94
C ALA G 17 23.46 1.90 3.60
N GLU G 18 22.41 1.06 3.50
CA GLU G 18 21.61 1.02 2.28
C GLU G 18 20.44 2.00 2.40
N THR G 19 19.95 2.43 1.22
CA THR G 19 18.67 3.07 1.00
C THR G 19 17.54 2.05 1.15
N VAL G 20 16.41 2.50 1.68
CA VAL G 20 15.16 1.78 1.59
C VAL G 20 14.06 2.78 1.24
N THR G 21 13.03 2.37 0.52
CA THR G 21 11.91 3.27 0.25
C THR G 21 10.64 2.66 0.81
N LEU G 22 10.00 3.39 1.72
CA LEU G 22 8.71 2.95 2.31
C LEU G 22 7.62 3.68 1.53
N SER G 23 6.53 3.00 1.17
CA SER G 23 5.52 3.63 0.28
C SER G 23 4.23 3.95 1.04
N CYS G 24 3.48 4.92 0.53
CA CYS G 24 2.21 5.33 1.16
C CYS G 24 1.28 5.92 0.10
N THR G 25 0.00 5.62 0.19
CA THR G 25 -0.98 6.24 -0.74
C THR G 25 -2.11 6.78 0.12
N TYR G 26 -2.64 7.94 -0.23
CA TYR G 26 -3.74 8.55 0.55
C TYR G 26 -4.91 8.77 -0.38
N ASP G 27 -6.11 8.73 0.19
CA ASP G 27 -7.27 9.05 -0.65
C ASP G 27 -8.09 10.20 -0.06
N THR G 28 -8.33 11.24 -0.87
CA THR G 28 -8.96 12.42 -0.32
C THR G 28 -9.65 13.22 -1.41
N SER G 29 -10.35 14.28 -0.99
CA SER G 29 -10.97 15.22 -1.91
C SER G 29 -10.77 16.63 -1.38
N GLU G 30 -9.58 16.92 -0.87
CA GLU G 30 -9.43 18.11 -0.06
C GLU G 30 -8.60 19.18 -0.72
N SER G 31 -7.63 18.81 -1.57
CA SER G 31 -6.82 19.82 -2.25
C SER G 31 -5.92 20.66 -1.29
N ASP G 32 -6.40 20.98 -0.08
CA ASP G 32 -5.66 21.65 0.98
C ASP G 32 -5.33 20.65 2.08
N TYR G 33 -4.12 20.06 2.09
CA TYR G 33 -3.88 19.06 3.12
C TYR G 33 -2.43 19.00 3.52
N TYR G 34 -2.16 18.23 4.59
CA TYR G 34 -0.82 18.09 5.14
C TYR G 34 -0.44 16.62 5.30
N LEU G 35 0.83 16.34 5.01
CA LEU G 35 1.33 14.98 4.89
C LEU G 35 2.59 14.84 5.73
N PHE G 36 2.69 13.70 6.40
CA PHE G 36 3.75 13.46 7.35
C PHE G 36 4.18 12.02 7.29
N TRP G 37 5.34 11.81 7.90
CA TRP G 37 5.87 10.46 8.16
C TRP G 37 6.30 10.50 9.61
N TYR G 38 5.95 9.52 10.42
CA TYR G 38 6.26 9.39 11.84
C TYR G 38 6.92 8.03 12.09
N LYS G 39 7.69 7.91 13.17
CA LYS G 39 8.26 6.63 13.57
C LYS G 39 7.86 6.33 15.01
N GLN G 40 7.60 5.07 15.32
CA GLN G 40 7.28 4.73 16.73
C GLN G 40 8.20 3.63 17.24
N PRO G 41 9.34 3.99 17.87
CA PRO G 41 10.23 3.00 18.47
C PRO G 41 9.55 2.25 19.62
N PRO G 42 10.11 1.11 20.10
CA PRO G 42 9.47 0.30 21.13
C PRO G 42 9.12 1.10 22.39
N SER G 43 9.69 2.29 22.55
CA SER G 43 9.34 3.17 23.69
C SER G 43 7.87 3.53 23.56
N ARG G 44 7.31 3.40 22.36
CA ARG G 44 5.89 3.75 22.08
C ARG G 44 5.80 5.27 22.06
N GLN G 45 6.90 5.93 21.70
CA GLN G 45 6.91 7.40 21.59
C GLN G 45 6.79 7.73 20.11
N MET G 46 5.80 8.54 19.75
CA MET G 46 5.64 8.93 18.34
C MET G 46 6.62 10.06 18.03
N ILE G 47 7.38 9.90 16.95
CA ILE G 47 8.40 10.87 16.61
C ILE G 47 8.20 11.31 15.16
N LEU G 48 8.18 12.62 14.97
CA LEU G 48 8.02 13.14 13.63
C LEU G 48 9.28 12.81 12.87
N VAL G 49 9.14 12.33 11.63
CA VAL G 49 10.26 12.11 10.77
C VAL G 49 10.36 13.24 9.76
N ILE G 50 9.24 13.59 9.11
CA ILE G 50 9.26 14.58 8.04
C ILE G 50 7.86 15.12 7.84
N ARG G 51 7.79 16.27 7.16
CA ARG G 51 6.58 17.02 6.88
C ARG G 51 6.62 17.52 5.43
N GLN G 52 5.45 17.43 4.78
CA GLN G 52 5.23 17.95 3.43
C GLN G 52 3.81 18.55 3.35
N GLU G 53 3.72 19.80 2.88
CA GLU G 53 2.43 20.40 2.51
C GLU G 53 2.09 20.21 1.03
N ALA G 54 0.81 19.88 0.80
CA ALA G 54 0.19 19.78 -0.52
C ALA G 54 0.44 21.00 -1.43
N TYR G 55 0.62 22.22 -0.88
CA TYR G 55 0.90 23.38 -1.72
C TYR G 55 2.42 23.57 -1.93
N LYS G 56 3.23 22.49 -2.04
CA LYS G 56 4.64 22.64 -2.42
C LYS G 56 5.11 21.40 -3.16
N GLN G 57 5.65 21.56 -4.40
CA GLN G 57 6.14 20.39 -5.17
C GLN G 57 7.63 20.09 -4.90
N GLN G 58 8.44 21.09 -4.45
CA GLN G 58 9.89 20.97 -4.27
C GLN G 58 10.26 19.62 -3.66
N ASN G 59 9.34 18.97 -2.88
CA ASN G 59 9.64 17.74 -2.14
C ASN G 59 10.33 18.16 -0.85
N ALA G 60 10.55 17.24 0.08
CA ALA G 60 11.10 17.56 1.39
C ALA G 60 12.34 16.70 1.61
N THR G 61 13.25 17.16 2.50
CA THR G 61 14.53 16.54 2.79
C THR G 61 14.97 16.89 4.22
N GLU G 62 14.91 15.90 5.15
CA GLU G 62 15.56 15.96 6.45
C GLU G 62 16.89 15.25 6.41
N ASN G 63 17.87 15.85 5.72
CA ASN G 63 19.20 15.23 5.58
C ASN G 63 19.02 13.86 4.96
N ARG G 64 19.17 12.81 5.79
CA ARG G 64 19.10 11.44 5.33
C ARG G 64 17.71 11.12 4.77
N PHE G 65 16.67 11.75 5.34
CA PHE G 65 15.31 11.40 4.97
C PHE G 65 14.82 12.32 3.85
N SER G 66 14.04 11.78 2.92
CA SER G 66 13.45 12.50 1.81
C SER G 66 12.16 11.83 1.40
N VAL G 67 11.42 12.52 0.52
CA VAL G 67 10.12 12.04 0.09
C VAL G 67 9.99 12.21 -1.41
N ASN G 68 9.28 11.28 -2.04
CA ASN G 68 8.87 11.39 -3.44
C ASN G 68 7.37 11.66 -3.46
N PHE G 69 7.02 12.93 -3.68
CA PHE G 69 5.64 13.36 -3.51
C PHE G 69 5.03 13.43 -4.90
N GLN G 70 4.14 12.46 -5.17
CA GLN G 70 3.44 12.44 -6.45
C GLN G 70 2.00 12.87 -6.14
N LYS G 71 1.75 14.19 -6.15
CA LYS G 71 0.45 14.69 -5.75
C LYS G 71 -0.63 14.10 -6.64
N ALA G 72 -0.36 14.16 -7.95
CA ALA G 72 -1.25 13.60 -8.94
C ALA G 72 -1.57 12.15 -8.62
N ALA G 73 -0.55 11.36 -8.26
CA ALA G 73 -0.75 9.96 -7.96
C ALA G 73 -1.19 9.73 -6.53
N LYS G 74 -1.27 10.80 -5.74
CA LYS G 74 -1.63 10.68 -4.30
C LYS G 74 -0.63 9.72 -3.65
N SER G 75 0.65 9.89 -3.97
CA SER G 75 1.72 9.02 -3.40
C SER G 75 2.71 9.84 -2.59
N PHE G 76 3.16 9.30 -1.45
CA PHE G 76 4.11 9.99 -0.55
C PHE G 76 5.08 8.95 -0.01
N SER G 77 6.19 8.71 -0.70
CA SER G 77 7.08 7.63 -0.29
C SER G 77 8.27 8.22 0.44
N LEU G 78 8.62 7.60 1.57
CA LEU G 78 9.72 7.99 2.41
C LEU G 78 10.96 7.22 2.01
N LYS G 79 11.97 7.96 1.58
CA LYS G 79 13.21 7.37 1.16
C LYS G 79 14.20 7.70 2.27
N ILE G 80 14.74 6.64 2.92
CA ILE G 80 15.77 6.73 3.93
C ILE G 80 17.13 6.38 3.32
N SER G 81 18.04 7.36 3.16
CA SER G 81 19.41 7.03 2.80
C SER G 81 20.15 6.40 3.98
N ASP G 82 21.28 5.80 3.65
CA ASP G 82 22.34 5.46 4.58
C ASP G 82 21.79 4.94 5.92
N SER G 83 20.96 3.89 5.87
CA SER G 83 20.27 3.38 7.04
C SER G 83 21.22 3.13 8.20
N GLN G 84 20.68 3.37 9.40
CA GLN G 84 21.41 3.26 10.63
C GLN G 84 20.55 2.46 11.56
N LEU G 85 21.16 1.82 12.55
CA LEU G 85 20.42 0.88 13.38
C LEU G 85 19.31 1.61 14.12
N GLY G 86 19.52 2.90 14.40
CA GLY G 86 18.55 3.70 15.14
C GLY G 86 17.27 3.93 14.35
N ASP G 87 17.38 3.87 13.02
CA ASP G 87 16.26 4.05 12.14
C ASP G 87 15.21 2.97 12.40
N ALA G 88 15.57 1.90 13.11
CA ALA G 88 14.67 0.77 13.21
C ALA G 88 13.52 1.11 14.15
N ALA G 89 12.31 0.97 13.63
CA ALA G 89 11.10 1.33 14.36
C ALA G 89 9.88 1.01 13.49
N MET G 90 8.68 1.23 14.03
CA MET G 90 7.44 1.18 13.25
C MET G 90 7.24 2.54 12.56
N TYR G 91 7.02 2.55 11.25
CA TYR G 91 6.89 3.81 10.54
C TYR G 91 5.41 4.03 10.23
N PHE G 92 5.04 5.31 10.11
CA PHE G 92 3.67 5.70 9.89
C PHE G 92 3.59 6.86 8.91
N CYS G 93 2.67 6.66 7.96
CA CYS G 93 2.29 7.74 7.02
C CYS G 93 1.11 8.39 7.71
N ALA G 94 0.90 9.67 7.49
CA ALA G 94 -0.09 10.44 8.22
C ALA G 94 -0.62 11.59 7.35
N TYR G 95 -1.94 11.75 7.37
CA TYR G 95 -2.58 12.83 6.64
C TYR G 95 -3.34 13.69 7.63
N ARG G 96 -3.28 15.01 7.46
CA ARG G 96 -4.14 15.90 8.21
C ARG G 96 -4.80 16.91 7.28
N SER G 97 -6.07 17.17 7.56
CA SER G 97 -6.82 18.16 6.81
C SER G 97 -6.47 19.51 7.37
N ALA G 98 -6.59 20.57 6.57
CA ALA G 98 -6.38 21.92 7.10
C ALA G 98 -7.47 22.31 8.09
N VAL G 99 -8.55 21.52 8.17
CA VAL G 99 -9.75 21.98 8.85
C VAL G 99 -10.29 20.95 9.84
N ASN G 100 -9.60 19.85 10.07
CA ASN G 100 -10.07 18.97 11.10
C ASN G 100 -8.90 18.62 11.99
N ALA G 101 -9.15 18.43 13.29
CA ALA G 101 -8.09 18.08 14.23
C ALA G 101 -7.24 16.86 13.84
N ARG G 102 -7.90 15.79 13.42
CA ARG G 102 -7.35 14.44 13.54
C ARG G 102 -6.32 14.16 12.46
N LEU G 103 -5.13 13.79 12.93
CA LEU G 103 -4.07 13.18 12.17
C LEU G 103 -4.45 11.74 11.87
N MET G 104 -4.42 11.44 10.58
CA MET G 104 -4.87 10.16 10.06
C MET G 104 -3.67 9.26 9.83
N PHE G 105 -3.74 8.04 10.35
CA PHE G 105 -2.54 7.21 10.40
C PHE G 105 -2.62 5.99 9.49
N GLY G 106 -1.54 5.77 8.72
CA GLY G 106 -1.33 4.55 7.95
C GLY G 106 -1.26 3.30 8.84
N ASP G 107 -1.40 2.12 8.18
CA ASP G 107 -1.51 0.80 8.82
C ASP G 107 -0.20 0.44 9.52
N GLY G 108 0.91 0.98 9.00
CA GLY G 108 2.20 0.94 9.70
C GLY G 108 3.16 -0.09 9.08
N THR G 109 4.41 0.34 8.91
CA THR G 109 5.47 -0.55 8.37
C THR G 109 6.57 -0.70 9.42
N GLN G 110 6.82 -1.91 9.90
CA GLN G 110 7.91 -2.16 10.88
C GLN G 110 9.22 -2.35 10.12
N LEU G 111 10.17 -1.45 10.32
CA LEU G 111 11.44 -1.53 9.63
C LEU G 111 12.47 -2.17 10.56
N VAL G 112 13.16 -3.21 10.09
CA VAL G 112 14.28 -3.80 10.82
C VAL G 112 15.56 -3.40 10.07
N VAL G 113 16.60 -2.99 10.82
CA VAL G 113 17.88 -2.70 10.20
C VAL G 113 18.81 -3.87 10.50
N LYS G 114 19.34 -4.48 9.43
CA LYS G 114 20.32 -5.54 9.50
C LYS G 114 21.70 -4.89 9.47
N PRO G 115 22.59 -5.25 10.43
CA PRO G 115 23.96 -4.76 10.40
C PRO G 115 24.83 -5.60 9.47
N ASN G 116 25.95 -5.07 9.04
CA ASN G 116 26.77 -5.79 8.08
C ASN G 116 27.91 -6.47 8.79
N ILE G 117 27.67 -7.63 9.40
CA ILE G 117 28.69 -8.30 10.17
C ILE G 117 29.80 -8.78 9.25
N GLN G 118 30.96 -8.12 9.23
CA GLN G 118 31.94 -8.39 8.17
C GLN G 118 32.72 -9.69 8.43
N ASN G 119 33.07 -9.97 9.70
CA ASN G 119 33.73 -11.21 10.06
C ASN G 119 32.86 -11.92 11.07
N PRO G 120 31.96 -12.80 10.62
CA PRO G 120 31.05 -13.51 11.50
C PRO G 120 31.77 -14.62 12.24
N ASP G 121 31.24 -15.02 13.39
CA ASP G 121 31.91 -15.96 14.26
C ASP G 121 30.81 -16.57 15.14
N PRO G 122 29.81 -17.17 14.49
CA PRO G 122 28.67 -17.72 15.21
C PRO G 122 29.12 -18.63 16.33
N ALA G 123 28.50 -18.52 17.48
CA ALA G 123 28.93 -19.32 18.61
C ALA G 123 27.89 -19.28 19.70
N VAL G 124 27.80 -20.35 20.49
CA VAL G 124 26.93 -20.36 21.65
C VAL G 124 27.77 -20.47 22.92
N TYR G 125 27.64 -19.52 23.85
CA TYR G 125 28.35 -19.56 25.12
C TYR G 125 27.33 -19.74 26.24
N GLN G 126 27.78 -20.22 27.40
CA GLN G 126 26.88 -20.36 28.57
C GLN G 126 27.34 -19.38 29.65
N LEU G 127 26.39 -18.78 30.37
CA LEU G 127 26.73 -17.76 31.39
C LEU G 127 26.07 -18.16 32.71
N ARG G 128 26.67 -17.82 33.85
CA ARG G 128 26.11 -18.28 35.15
C ARG G 128 25.77 -17.08 36.05
N ASP G 129 24.94 -17.31 37.07
CA ASP G 129 24.45 -16.21 37.94
C ASP G 129 25.50 -15.75 38.94
N SER G 130 26.37 -16.64 39.42
CA SER G 130 27.34 -16.31 40.50
C SER G 130 26.53 -16.06 41.77
N LYS G 131 25.38 -15.41 41.62
CA LYS G 131 24.49 -15.21 42.77
C LYS G 131 23.78 -16.52 43.16
N SER G 132 23.98 -17.59 42.36
CA SER G 132 23.52 -18.92 42.75
C SER G 132 24.46 -20.01 42.21
N SER G 133 25.09 -19.73 41.06
CA SER G 133 25.94 -20.71 40.30
C SER G 133 24.98 -21.65 39.55
N ASP G 134 24.20 -22.43 40.28
CA ASP G 134 23.16 -23.32 39.79
C ASP G 134 22.46 -22.79 38.52
N LYS G 135 21.99 -21.54 38.58
CA LYS G 135 21.25 -20.94 37.44
C LYS G 135 22.22 -20.56 36.31
N SER G 136 21.81 -20.77 35.06
CA SER G 136 22.66 -20.42 33.91
C SER G 136 21.81 -20.05 32.70
N VAL G 137 22.41 -19.42 31.69
CA VAL G 137 21.69 -19.05 30.43
C VAL G 137 22.60 -19.28 29.25
N CYS G 138 22.05 -19.40 28.04
CA CYS G 138 22.83 -19.64 26.84
C CYS G 138 22.71 -18.43 25.92
N LEU G 139 23.82 -18.02 25.31
CA LEU G 139 23.86 -16.86 24.44
C LEU G 139 24.40 -17.25 23.08
N PHE G 140 23.58 -17.09 22.07
CA PHE G 140 24.03 -17.35 20.73
C PHE G 140 24.43 -16.00 20.18
N THR G 141 25.62 -15.86 19.60
CA THR G 141 26.03 -14.49 19.19
C THR G 141 27.01 -14.45 18.02
N ASP G 142 27.33 -13.25 17.54
CA ASP G 142 28.32 -13.07 16.46
C ASP G 142 27.94 -13.84 15.20
N PHE G 143 26.64 -14.06 14.98
CA PHE G 143 26.18 -14.74 13.78
C PHE G 143 25.77 -13.72 12.73
N ASP G 144 25.72 -14.12 11.45
CA ASP G 144 25.58 -13.14 10.36
C ASP G 144 24.11 -12.76 10.27
N SER G 145 23.84 -11.59 9.70
CA SER G 145 22.54 -10.93 9.90
C SER G 145 21.40 -11.63 9.16
N GLN G 146 21.75 -12.57 8.25
CA GLN G 146 20.78 -13.35 7.49
C GLN G 146 20.22 -14.50 8.30
N THR G 147 20.87 -14.91 9.38
CA THR G 147 20.26 -15.84 10.30
C THR G 147 19.08 -15.20 11.05
N ASN G 148 18.00 -15.98 11.26
CA ASN G 148 16.97 -15.57 12.20
C ASN G 148 16.77 -16.68 13.22
N VAL G 149 16.16 -16.34 14.35
CA VAL G 149 16.05 -17.34 15.44
C VAL G 149 14.59 -17.69 15.70
N SER G 150 14.17 -18.93 15.42
CA SER G 150 12.83 -19.35 15.79
C SER G 150 12.62 -19.16 17.29
N GLN G 151 11.34 -19.11 17.67
CA GLN G 151 10.89 -19.31 19.03
C GLN G 151 10.88 -20.81 19.33
N SER G 152 11.11 -21.21 20.59
CA SER G 152 11.05 -22.61 21.00
C SER G 152 9.65 -23.17 20.78
N LYS G 153 9.53 -24.44 20.40
CA LYS G 153 8.25 -25.13 20.39
C LYS G 153 8.03 -25.79 21.74
N ASP G 154 9.01 -25.70 22.64
CA ASP G 154 8.95 -26.24 23.99
C ASP G 154 8.51 -25.16 24.98
N SER G 155 7.28 -25.29 25.50
CA SER G 155 6.76 -24.41 26.52
C SER G 155 7.81 -24.07 27.58
N ASP G 156 8.52 -25.11 28.06
CA ASP G 156 9.42 -24.99 29.19
C ASP G 156 10.82 -24.53 28.79
N VAL G 157 11.01 -23.98 27.58
CA VAL G 157 12.28 -23.38 27.26
C VAL G 157 12.05 -22.08 26.50
N TYR G 158 12.83 -21.05 26.85
CA TYR G 158 12.58 -19.69 26.38
C TYR G 158 13.75 -19.31 25.51
N ILE G 159 13.45 -19.05 24.25
CA ILE G 159 14.50 -18.56 23.31
C ILE G 159 14.13 -17.13 22.97
N THR G 160 14.96 -16.17 23.37
CA THR G 160 14.68 -14.74 23.11
C THR G 160 14.91 -14.45 21.62
N ASP G 161 14.41 -13.32 21.13
CA ASP G 161 14.54 -12.99 19.70
C ASP G 161 15.89 -12.30 19.45
N LYS G 162 16.22 -12.07 18.18
CA LYS G 162 17.51 -11.42 17.83
C LYS G 162 17.56 -10.00 18.41
N CYS G 163 18.77 -9.47 18.61
CA CYS G 163 18.96 -8.09 19.15
C CYS G 163 20.33 -7.62 18.69
N VAL G 164 20.38 -6.59 17.87
CA VAL G 164 21.69 -6.03 17.44
C VAL G 164 22.21 -5.11 18.55
N LEU G 165 23.51 -5.19 18.84
CA LEU G 165 24.13 -4.39 19.92
C LEU G 165 25.27 -3.58 19.29
N ASP G 166 25.30 -2.27 19.49
CA ASP G 166 26.34 -1.48 18.85
C ASP G 166 27.37 -1.00 19.87
N MET G 167 28.49 -1.70 19.98
CA MET G 167 29.62 -1.21 20.82
C MET G 167 30.24 -0.17 19.91
N ARG G 168 30.01 1.12 20.19
CA ARG G 168 30.39 2.10 19.19
C ARG G 168 31.85 2.40 19.39
N SER G 169 32.31 2.28 20.65
CA SER G 169 33.71 2.51 21.02
C SER G 169 34.60 1.89 19.95
N MET G 170 34.36 0.59 19.64
CA MET G 170 35.25 -0.20 18.79
C MET G 170 34.64 -0.49 17.43
N ASP G 171 33.58 0.24 17.08
CA ASP G 171 32.93 0.11 15.79
C ASP G 171 32.58 -1.34 15.46
N PHE G 172 31.88 -1.95 16.42
CA PHE G 172 31.55 -3.38 16.27
C PHE G 172 30.11 -3.63 16.67
N LYS G 173 29.33 -4.15 15.72
CA LYS G 173 27.96 -4.58 16.03
C LYS G 173 27.90 -6.10 16.13
N SER G 174 26.90 -6.55 16.89
CA SER G 174 26.81 -7.99 17.18
C SER G 174 25.35 -8.42 17.32
N ASN G 175 24.91 -9.35 16.49
CA ASN G 175 23.56 -9.91 16.67
C ASN G 175 23.66 -10.89 17.83
N SER G 176 22.60 -11.02 18.62
CA SER G 176 22.69 -11.88 19.82
C SER G 176 21.31 -12.44 20.13
N ALA G 177 21.27 -13.56 20.84
CA ALA G 177 19.97 -14.14 21.27
C ALA G 177 20.22 -14.98 22.51
N VAL G 178 19.26 -15.02 23.42
CA VAL G 178 19.45 -15.73 24.71
C VAL G 178 18.42 -16.86 24.83
N ALA G 179 18.72 -17.86 25.65
CA ALA G 179 17.82 -18.98 25.86
C ALA G 179 17.97 -19.49 27.28
N TRP G 180 16.90 -19.94 27.93
CA TRP G 180 17.06 -20.55 29.25
C TRP G 180 15.94 -21.55 29.50
N SER G 181 16.09 -22.39 30.53
CA SER G 181 15.06 -23.36 30.87
C SER G 181 15.32 -23.85 32.28
N ASN G 182 14.28 -24.30 32.97
CA ASN G 182 14.44 -24.77 34.35
C ASN G 182 14.68 -26.27 34.32
N LYS G 183 14.25 -26.97 33.25
CA LYS G 183 14.39 -28.42 33.20
C LYS G 183 15.87 -28.77 33.04
N SER G 184 16.28 -29.86 33.72
CA SER G 184 17.69 -30.15 33.98
C SER G 184 18.36 -30.80 32.75
N ASP G 185 17.58 -31.57 31.98
CA ASP G 185 18.03 -32.18 30.73
C ASP G 185 18.07 -31.14 29.59
N PHE G 186 18.97 -30.15 29.68
CA PHE G 186 18.98 -29.00 28.78
C PHE G 186 20.34 -28.33 28.72
N ALA G 187 20.90 -28.17 27.53
CA ALA G 187 22.29 -27.80 27.35
C ALA G 187 22.43 -26.82 26.21
N CYS G 188 23.57 -26.16 26.15
CA CYS G 188 23.67 -24.95 25.35
C CYS G 188 24.02 -25.26 23.90
N ALA G 189 24.87 -26.25 23.72
CA ALA G 189 25.39 -26.63 22.40
C ALA G 189 24.25 -26.78 21.41
N ASN G 190 23.25 -27.57 21.84
CA ASN G 190 22.13 -28.00 20.99
C ASN G 190 20.85 -27.20 21.29
N ALA G 191 20.83 -26.29 22.27
CA ALA G 191 19.75 -25.31 22.32
C ALA G 191 19.92 -24.35 21.14
N PHE G 192 18.85 -23.77 20.57
CA PHE G 192 18.97 -22.97 19.35
C PHE G 192 19.03 -23.78 18.04
N ASN G 193 19.07 -25.13 18.11
CA ASN G 193 19.29 -25.98 16.92
C ASN G 193 18.02 -26.13 16.09
N ASN G 194 16.86 -26.40 16.77
CA ASN G 194 15.51 -26.29 16.22
C ASN G 194 15.33 -25.03 15.36
N SER G 195 15.90 -23.90 15.87
CA SER G 195 15.88 -22.59 15.23
C SER G 195 16.94 -22.55 14.11
N ILE G 196 16.61 -21.85 13.00
CA ILE G 196 17.62 -21.29 12.11
C ILE G 196 18.76 -20.76 13.06
N ALA H 3 8.99 17.86 20.80
CA ALA H 3 8.89 17.14 22.11
C ALA H 3 9.46 18.01 23.27
N ASP H 4 8.78 19.12 23.60
CA ASP H 4 8.96 19.78 24.90
C ASP H 4 7.69 19.60 25.76
N ILE H 5 7.08 18.41 25.63
CA ILE H 5 5.77 18.11 26.29
C ILE H 5 5.94 16.94 27.26
N TYR H 6 5.03 16.80 28.22
CA TYR H 6 5.19 15.78 29.28
C TYR H 6 3.94 14.92 29.45
N GLN H 7 4.06 13.76 30.08
CA GLN H 7 2.91 12.85 30.33
C GLN H 7 3.21 11.96 31.55
N THR H 8 2.31 11.93 32.53
CA THR H 8 2.51 11.16 33.75
C THR H 8 1.24 10.36 34.00
N PRO H 9 1.34 9.15 34.60
CA PRO H 9 2.60 8.43 34.67
C PRO H 9 2.84 7.73 33.33
N ARG H 10 4.00 7.06 33.22
CA ARG H 10 4.43 6.43 31.98
C ARG H 10 3.65 5.14 31.81
N TYR H 11 3.45 4.46 32.93
CA TYR H 11 2.68 3.21 32.94
C TYR H 11 1.83 3.24 34.17
N LEU H 12 0.58 2.82 34.07
CA LEU H 12 -0.27 2.69 35.25
C LEU H 12 -1.13 1.44 35.15
N VAL H 13 -1.02 0.63 36.21
CA VAL H 13 -1.93 -0.45 36.50
C VAL H 13 -2.92 0.06 37.52
N ILE H 14 -4.19 -0.29 37.37
CA ILE H 14 -5.18 0.14 38.33
C ILE H 14 -6.30 -0.90 38.37
N GLY H 15 -6.94 -1.01 39.53
CA GLY H 15 -8.02 -1.95 39.71
C GLY H 15 -9.24 -1.44 38.97
N THR H 16 -10.24 -2.32 38.88
CA THR H 16 -11.42 -1.95 38.08
C THR H 16 -12.40 -1.07 38.84
N GLY H 17 -12.76 0.06 38.25
CA GLY H 17 -13.83 0.91 38.78
C GLY H 17 -13.33 2.15 39.51
N LYS H 18 -12.10 2.56 39.24
CA LYS H 18 -11.47 3.61 40.01
C LYS H 18 -11.31 4.85 39.14
N LYS H 19 -10.97 5.98 39.77
CA LYS H 19 -10.72 7.22 39.04
C LYS H 19 -9.24 7.30 38.66
N ILE H 20 -8.99 7.54 37.37
CA ILE H 20 -7.65 7.73 36.84
C ILE H 20 -7.60 9.14 36.29
N THR H 21 -6.48 9.83 36.55
CA THR H 21 -6.18 11.09 35.90
C THR H 21 -4.84 11.00 35.16
N LEU H 22 -4.88 11.24 33.85
CA LEU H 22 -3.65 11.22 33.03
C LEU H 22 -3.15 12.64 32.87
N GLU H 23 -1.85 12.88 33.02
CA GLU H 23 -1.37 14.29 33.02
C GLU H 23 -0.53 14.60 31.79
N CYS H 24 -1.08 15.36 30.85
CA CYS H 24 -0.27 15.83 29.71
C CYS H 24 0.01 17.30 29.97
N SER H 25 1.19 17.80 29.61
CA SER H 25 1.55 19.20 29.91
C SER H 25 2.54 19.71 28.87
N GLN H 26 2.53 21.01 28.57
CA GLN H 26 3.52 21.54 27.64
C GLN H 26 3.74 23.03 27.87
N THR H 27 4.97 23.49 27.57
CA THR H 27 5.42 24.78 28.07
C THR H 27 5.86 25.68 26.92
N MET H 28 5.23 25.49 25.76
CA MET H 28 5.62 26.28 24.56
C MET H 28 4.49 27.24 24.21
N GLY H 29 3.51 27.38 25.09
CA GLY H 29 2.40 28.30 24.84
C GLY H 29 1.58 27.83 23.65
N HIS H 30 1.49 26.52 23.49
CA HIS H 30 0.67 25.94 22.40
C HIS H 30 -0.78 25.93 22.89
N ASP H 31 -1.67 26.49 22.08
CA ASP H 31 -3.10 26.54 22.46
C ASP H 31 -3.76 25.23 22.02
N LYS H 32 -3.42 24.79 20.81
CA LYS H 32 -4.01 23.54 20.25
C LYS H 32 -3.35 22.31 20.88
N MET H 33 -4.13 21.48 21.58
CA MET H 33 -3.62 20.24 22.20
C MET H 33 -4.57 19.09 21.83
N TYR H 34 -4.12 17.84 21.87
CA TYR H 34 -4.86 16.68 21.40
C TYR H 34 -4.60 15.46 22.28
N TRP H 35 -5.47 14.46 22.15
CA TRP H 35 -5.30 13.17 22.87
C TRP H 35 -5.69 12.04 21.91
N TYR H 36 -4.79 11.10 21.63
CA TYR H 36 -5.10 9.92 20.82
C TYR H 36 -5.06 8.65 21.66
N GLN H 37 -5.74 7.63 21.12
CA GLN H 37 -5.75 6.30 21.76
C GLN H 37 -5.28 5.29 20.71
N GLN H 38 -4.40 4.36 21.09
CA GLN H 38 -3.85 3.34 20.20
C GLN H 38 -3.87 1.98 20.91
N ASP H 39 -4.76 1.09 20.48
CA ASP H 39 -4.72 -0.28 21.07
C ASP H 39 -3.73 -1.10 20.23
N PRO H 40 -2.88 -1.95 20.83
CA PRO H 40 -1.90 -2.70 20.02
C PRO H 40 -2.75 -3.07 18.79
N GLY H 41 -2.24 -2.85 17.58
CA GLY H 41 -3.05 -3.13 16.38
C GLY H 41 -4.16 -2.20 15.94
N MET H 42 -5.12 -1.92 16.83
CA MET H 42 -6.16 -0.88 16.55
C MET H 42 -5.50 0.43 16.14
N GLU H 43 -5.99 1.07 15.08
CA GLU H 43 -5.33 2.30 14.56
C GLU H 43 -5.37 3.44 15.58
N LEU H 44 -4.58 4.49 15.34
CA LEU H 44 -4.55 5.65 16.27
C LEU H 44 -5.83 6.45 16.09
N HIS H 45 -6.48 6.77 17.20
CA HIS H 45 -7.80 7.44 17.10
C HIS H 45 -7.86 8.68 17.95
N LEU H 46 -8.02 9.84 17.31
CA LEU H 46 -8.26 11.05 18.08
C LEU H 46 -9.50 10.87 18.98
N ILE H 47 -9.35 11.17 20.28
CA ILE H 47 -10.47 11.09 21.20
C ILE H 47 -10.85 12.45 21.74
N HIS H 48 -9.91 13.36 21.94
CA HIS H 48 -10.24 14.67 22.48
C HIS H 48 -9.29 15.70 21.88
N TYR H 49 -9.73 16.96 21.77
CA TYR H 49 -8.81 17.98 21.34
C TYR H 49 -9.26 19.31 21.93
N SER H 50 -8.40 20.33 21.84
CA SER H 50 -8.68 21.63 22.43
C SER H 50 -8.07 22.75 21.60
N TYR H 51 -8.77 23.89 21.53
CA TYR H 51 -8.34 25.04 20.74
C TYR H 51 -7.53 26.03 21.55
N GLY H 52 -7.66 25.91 22.87
CA GLY H 52 -7.19 26.89 23.82
C GLY H 52 -7.85 26.66 25.18
N VAL H 53 -7.71 27.61 26.07
CA VAL H 53 -8.25 27.45 27.41
C VAL H 53 -9.77 27.42 27.31
N ASN H 54 -10.37 26.53 28.14
CA ASN H 54 -11.80 26.26 28.21
C ASN H 54 -12.46 25.73 26.92
N SER H 55 -11.67 25.27 25.94
CA SER H 55 -12.17 24.68 24.71
C SER H 55 -11.97 23.17 24.80
N THR H 56 -13.04 22.40 24.84
CA THR H 56 -12.90 20.96 24.95
C THR H 56 -13.90 20.31 24.02
N GLU H 57 -13.34 19.57 23.08
CA GLU H 57 -14.08 18.93 22.01
C GLU H 57 -13.77 17.43 22.05
N LYS H 58 -14.72 16.63 21.56
CA LYS H 58 -14.51 15.20 21.34
C LYS H 58 -13.97 15.01 19.92
N GLY H 59 -13.61 13.77 19.63
CA GLY H 59 -12.87 13.46 18.43
C GLY H 59 -13.64 12.45 17.60
N ASP H 60 -12.96 11.95 16.58
CA ASP H 60 -13.54 11.00 15.63
C ASP H 60 -14.03 9.74 16.35
N LEU H 61 -13.27 9.16 17.28
CA LEU H 61 -13.71 7.99 18.06
C LEU H 61 -14.41 8.46 19.34
N SER H 62 -15.45 7.74 19.76
CA SER H 62 -16.19 8.12 20.95
C SER H 62 -15.73 7.27 22.12
N SER H 63 -15.61 7.89 23.29
CA SER H 63 -14.90 7.27 24.41
C SER H 63 -15.51 7.75 25.72
N GLU H 64 -15.23 7.03 26.81
CA GLU H 64 -15.84 7.34 28.13
C GLU H 64 -14.97 8.33 28.92
N SER H 65 -14.04 8.99 28.24
CA SER H 65 -13.11 9.89 28.90
C SER H 65 -13.65 11.31 28.93
N THR H 66 -13.00 12.16 29.72
CA THR H 66 -13.36 13.56 29.91
C THR H 66 -12.09 14.37 29.84
N VAL H 67 -12.13 15.60 29.35
CA VAL H 67 -10.96 16.44 29.44
C VAL H 67 -11.29 17.82 29.99
N SER H 68 -10.26 18.43 30.57
CA SER H 68 -10.40 19.74 31.16
C SER H 68 -9.31 20.62 30.55
N ARG H 69 -9.56 21.92 30.40
CA ARG H 69 -8.50 22.82 29.96
C ARG H 69 -8.66 24.16 30.68
N ILE H 70 -8.32 24.10 31.96
CA ILE H 70 -8.39 25.25 32.85
C ILE H 70 -7.32 26.27 32.47
N ARG H 71 -6.17 25.81 31.94
CA ARG H 71 -5.14 26.72 31.43
C ARG H 71 -4.23 26.12 30.36
N THR H 72 -3.55 26.99 29.63
CA THR H 72 -2.76 26.57 28.44
C THR H 72 -1.81 25.40 28.69
N GLU H 73 -1.03 25.42 29.76
CA GLU H 73 0.01 24.37 29.96
C GLU H 73 -0.58 22.98 30.13
N HIS H 74 -1.64 22.81 30.94
CA HIS H 74 -2.10 21.44 31.25
C HIS H 74 -3.38 21.03 30.50
N PHE H 75 -3.45 19.75 30.13
CA PHE H 75 -4.65 19.22 29.43
C PHE H 75 -4.96 17.84 29.99
N PRO H 76 -5.34 17.69 31.27
CA PRO H 76 -5.58 16.38 31.85
C PRO H 76 -6.76 15.62 31.23
N LEU H 77 -6.72 14.30 31.37
CA LEU H 77 -7.80 13.45 30.92
C LEU H 77 -8.26 12.60 32.11
N THR H 78 -9.57 12.45 32.29
CA THR H 78 -10.10 11.70 33.42
C THR H 78 -10.97 10.53 32.96
N LEU H 79 -10.89 9.45 33.76
CA LEU H 79 -11.73 8.27 33.63
C LEU H 79 -12.31 7.99 35.02
N GLU H 80 -13.62 8.19 35.20
CA GLU H 80 -14.20 8.21 36.54
C GLU H 80 -14.34 6.77 37.04
N SER H 81 -14.80 5.87 36.18
CA SER H 81 -14.84 4.44 36.59
C SER H 81 -13.94 3.65 35.64
N ALA H 82 -12.91 3.01 36.19
CA ALA H 82 -11.95 2.28 35.34
C ALA H 82 -12.55 0.96 34.88
N ARG H 83 -12.45 0.67 33.59
CA ARG H 83 -12.93 -0.64 33.10
C ARG H 83 -11.81 -1.27 32.26
N PRO H 84 -11.63 -2.60 32.32
CA PRO H 84 -10.62 -3.26 31.51
C PRO H 84 -10.54 -2.68 30.10
N SER H 85 -11.68 -2.47 29.44
CA SER H 85 -11.70 -1.96 28.05
C SER H 85 -10.75 -0.77 27.91
N HIS H 86 -10.66 0.06 28.95
CA HIS H 86 -9.83 1.29 28.87
C HIS H 86 -8.39 0.91 28.56
N THR H 87 -7.98 -0.30 28.92
CA THR H 87 -6.58 -0.73 28.69
C THR H 87 -6.15 -0.30 27.30
N SER H 88 -5.22 0.65 27.20
CA SER H 88 -4.73 1.16 25.94
C SER H 88 -3.54 2.09 26.12
N GLN H 89 -3.04 2.59 24.99
CA GLN H 89 -1.94 3.58 25.02
C GLN H 89 -2.54 4.94 24.69
N TYR H 90 -2.43 5.89 25.61
CA TYR H 90 -2.97 7.23 25.45
C TYR H 90 -1.79 8.16 25.18
N LEU H 91 -1.84 8.83 24.03
CA LEU H 91 -0.72 9.71 23.61
C LEU H 91 -1.20 11.15 23.46
N CYS H 92 -0.77 12.05 24.34
CA CYS H 92 -1.13 13.48 24.23
C CYS H 92 -0.21 14.15 23.22
N ALA H 93 -0.64 15.28 22.68
CA ALA H 93 0.15 16.03 21.71
C ALA H 93 -0.21 17.52 21.71
N SER H 94 0.62 18.34 21.06
CA SER H 94 0.33 19.75 20.98
C SER H 94 0.79 20.27 19.64
N SER H 95 0.32 21.48 19.28
CA SER H 95 0.74 22.13 18.05
C SER H 95 0.70 23.66 18.15
N GLU H 96 1.44 24.31 17.25
CA GLU H 96 1.68 25.77 17.38
C GLU H 96 0.83 26.69 16.49
N ALA H 97 -0.36 26.28 16.10
CA ALA H 97 -1.16 27.25 15.32
C ALA H 97 -1.91 28.14 16.31
N ARG H 98 -1.81 29.45 16.14
CA ARG H 98 -2.45 30.39 17.10
C ARG H 98 -3.17 31.49 16.31
N GLY H 99 -2.76 31.73 15.06
CA GLY H 99 -3.35 32.83 14.28
C GLY H 99 -4.62 32.42 13.55
N LEU H 100 -4.82 31.13 13.34
CA LEU H 100 -6.07 30.64 12.70
C LEU H 100 -6.56 29.44 13.50
N ALA H 101 -7.86 29.17 13.49
CA ALA H 101 -8.37 27.99 14.15
C ALA H 101 -8.01 26.77 13.31
N GLU H 102 -7.71 27.03 12.04
CA GLU H 102 -7.29 26.01 11.09
C GLU H 102 -5.99 25.34 11.53
N PHE H 103 -5.84 24.07 11.07
CA PHE H 103 -4.74 23.18 11.40
C PHE H 103 -3.67 23.14 10.30
N THR H 104 -2.86 24.20 10.25
CA THR H 104 -1.75 24.31 9.31
C THR H 104 -0.43 24.00 10.00
N ASP H 105 -0.45 23.30 11.14
CA ASP H 105 0.76 23.22 11.97
C ASP H 105 1.33 21.81 11.95
N THR H 106 1.87 21.27 13.04
CA THR H 106 2.48 19.93 13.05
C THR H 106 2.37 19.37 14.45
N GLN H 107 1.79 18.22 14.61
CA GLN H 107 1.46 17.76 15.95
C GLN H 107 2.64 16.99 16.54
N TYR H 108 3.13 17.46 17.70
CA TYR H 108 4.25 16.84 18.38
C TYR H 108 3.72 16.09 19.57
N PHE H 109 4.09 14.82 19.66
CA PHE H 109 3.62 14.00 20.74
C PHE H 109 4.54 14.06 21.95
N GLY H 110 3.93 13.81 23.08
CA GLY H 110 4.69 13.56 24.28
C GLY H 110 5.03 12.08 24.37
N PRO H 111 5.43 11.60 25.56
CA PRO H 111 5.78 10.20 25.72
C PRO H 111 4.67 9.18 25.91
N GLY H 112 3.44 9.56 26.20
CA GLY H 112 2.34 8.60 26.24
C GLY H 112 2.22 7.85 27.56
N THR H 113 1.15 7.05 27.67
CA THR H 113 0.89 6.26 28.86
C THR H 113 0.34 4.90 28.46
N ARG H 114 0.85 3.84 29.09
CA ARG H 114 0.29 2.49 28.86
C ARG H 114 -0.60 2.16 30.07
N LEU H 115 -1.90 2.35 29.92
CA LEU H 115 -2.85 2.03 30.97
C LEU H 115 -3.29 0.57 30.83
N THR H 116 -3.36 -0.10 31.99
CA THR H 116 -3.80 -1.48 32.09
C THR H 116 -4.72 -1.56 33.30
N VAL H 117 -5.99 -1.81 33.03
CA VAL H 117 -6.99 -1.95 34.12
C VAL H 117 -7.30 -3.43 34.30
N LEU H 118 -7.19 -3.93 35.52
CA LEU H 118 -7.45 -5.33 35.81
C LEU H 118 -8.61 -5.50 36.80
N GLU H 119 -9.50 -6.45 36.48
CA GLU H 119 -10.59 -6.80 37.37
C GLU H 119 -10.01 -7.24 38.73
N ASP H 120 -8.82 -7.83 38.71
CA ASP H 120 -8.21 -8.38 39.91
C ASP H 120 -6.72 -8.06 39.92
N LEU H 121 -6.26 -7.44 41.02
CA LEU H 121 -4.85 -7.01 41.09
C LEU H 121 -3.98 -8.09 41.74
N LYS H 122 -4.51 -9.29 41.90
CA LYS H 122 -3.71 -10.40 42.46
C LYS H 122 -2.81 -10.95 41.36
N ASN H 123 -3.08 -10.57 40.12
CA ASN H 123 -2.26 -11.04 38.98
C ASN H 123 -1.05 -10.11 38.80
N VAL H 124 -1.00 -9.02 39.56
CA VAL H 124 0.12 -8.05 39.41
C VAL H 124 1.33 -8.60 40.16
N PHE H 125 2.48 -8.63 39.50
CA PHE H 125 3.68 -9.25 40.13
C PHE H 125 4.92 -8.41 39.81
N PRO H 126 5.79 -8.17 40.79
CA PRO H 126 7.03 -7.44 40.53
C PRO H 126 8.01 -8.37 39.81
N PRO H 127 9.04 -7.85 39.11
CA PRO H 127 10.01 -8.74 38.49
C PRO H 127 11.04 -9.26 39.49
N GLU H 128 11.62 -10.42 39.15
CA GLU H 128 12.86 -10.87 39.77
C GLU H 128 14.01 -10.64 38.79
N VAL H 129 15.05 -9.96 39.26
CA VAL H 129 16.17 -9.61 38.34
C VAL H 129 17.40 -10.46 38.70
N ALA H 130 18.12 -10.93 37.67
CA ALA H 130 19.35 -11.71 37.88
C ALA H 130 20.33 -11.41 36.75
N VAL H 131 21.57 -11.07 37.08
CA VAL H 131 22.61 -10.81 36.05
C VAL H 131 23.40 -12.10 35.83
N PHE H 132 23.75 -12.40 34.58
CA PHE H 132 24.51 -13.62 34.26
C PHE H 132 25.89 -13.19 33.78
N GLU H 133 26.93 -13.61 34.50
CA GLU H 133 28.31 -13.14 34.19
C GLU H 133 28.67 -13.63 32.81
N PRO H 134 29.80 -13.17 32.19
CA PRO H 134 30.23 -13.70 30.91
C PRO H 134 30.89 -15.10 30.91
N SER H 135 31.40 -15.52 29.76
CA SER H 135 32.02 -16.86 29.65
C SER H 135 33.48 -16.70 29.25
N GLU H 136 34.38 -17.40 29.94
CA GLU H 136 35.82 -17.33 29.59
C GLU H 136 35.93 -17.62 28.10
N ALA H 137 35.11 -18.55 27.62
CA ALA H 137 35.11 -18.90 26.19
C ALA H 137 34.98 -17.62 25.37
N GLU H 138 33.91 -16.85 25.61
CA GLU H 138 33.70 -15.59 24.86
C GLU H 138 34.91 -14.70 25.08
N ILE H 139 35.30 -14.51 26.34
CA ILE H 139 36.44 -13.61 26.66
C ILE H 139 37.68 -14.08 25.91
N SER H 140 37.95 -15.38 25.93
CA SER H 140 39.18 -15.90 25.30
C SER H 140 39.04 -15.94 23.78
N HIS H 141 37.85 -16.23 23.28
CA HIS H 141 37.66 -16.40 21.81
C HIS H 141 37.49 -15.03 21.16
N THR H 142 36.80 -14.14 21.83
CA THR H 142 36.48 -12.87 21.14
C THR H 142 37.05 -11.60 21.76
N GLN H 143 37.70 -11.67 22.92
CA GLN H 143 38.19 -10.45 23.57
C GLN H 143 37.01 -9.60 24.12
N LYS H 144 35.85 -10.22 24.28
CA LYS H 144 34.66 -9.45 24.71
C LYS H 144 33.92 -10.26 25.77
N ALA H 145 33.10 -9.57 26.56
CA ALA H 145 32.35 -10.24 27.64
C ALA H 145 30.93 -9.68 27.66
N THR H 146 29.95 -10.55 27.42
CA THR H 146 28.54 -10.11 27.39
C THR H 146 27.85 -10.53 28.68
N LEU H 147 27.41 -9.56 29.46
CA LEU H 147 26.63 -9.91 30.67
C LEU H 147 25.17 -9.90 30.24
N VAL H 148 24.35 -10.78 30.81
CA VAL H 148 22.93 -10.87 30.39
C VAL H 148 22.05 -10.64 31.62
N CYS H 149 21.09 -9.72 31.51
CA CYS H 149 20.14 -9.51 32.63
C CYS H 149 18.84 -10.23 32.29
N LEU H 150 18.16 -10.76 33.31
CA LEU H 150 16.91 -11.52 33.08
C LEU H 150 15.84 -11.07 34.07
N ALA H 151 14.84 -10.35 33.58
CA ALA H 151 13.70 -9.95 34.44
C ALA H 151 12.61 -11.00 34.26
N THR H 152 12.19 -11.65 35.33
CA THR H 152 11.25 -12.76 35.22
C THR H 152 10.06 -12.55 36.14
N GLY H 153 8.91 -13.10 35.72
CA GLY H 153 7.81 -13.31 36.65
C GLY H 153 6.95 -12.08 36.92
N PHE H 154 7.05 -11.06 36.05
CA PHE H 154 6.38 -9.79 36.28
C PHE H 154 5.15 -9.65 35.43
N TYR H 155 4.23 -8.80 35.92
CA TYR H 155 2.93 -8.60 35.31
C TYR H 155 2.28 -7.40 35.97
N PRO H 156 1.63 -6.52 35.21
CA PRO H 156 1.63 -6.56 33.76
C PRO H 156 2.95 -6.07 33.17
N ASP H 157 3.03 -5.95 31.85
CA ASP H 157 4.27 -5.58 31.20
C ASP H 157 4.52 -4.09 31.36
N HIS H 158 4.79 -3.65 32.60
CA HIS H 158 5.09 -2.27 32.89
C HIS H 158 6.49 -2.14 33.47
N VAL H 159 7.48 -2.09 32.59
CA VAL H 159 8.83 -2.31 33.07
C VAL H 159 9.79 -1.54 32.18
N GLU H 160 10.81 -0.96 32.84
CA GLU H 160 11.95 -0.35 32.17
C GLU H 160 13.30 -0.80 32.79
N LEU H 161 14.06 -1.47 31.92
CA LEU H 161 15.36 -2.04 32.33
C LEU H 161 16.48 -1.10 31.90
N SER H 162 17.44 -0.92 32.78
CA SER H 162 18.59 -0.07 32.56
C SER H 162 19.86 -0.78 33.02
N TRP H 163 20.97 -0.35 32.41
CA TRP H 163 22.29 -0.91 32.77
C TRP H 163 23.14 0.20 33.40
N TRP H 164 23.66 -0.06 34.59
CA TRP H 164 24.49 0.84 35.37
C TRP H 164 25.89 0.26 35.59
N VAL H 165 26.88 0.97 35.03
CA VAL H 165 28.28 0.69 35.20
C VAL H 165 28.92 1.77 36.07
N ASN H 166 29.41 1.37 37.24
CA ASN H 166 30.12 2.22 38.19
C ASN H 166 29.26 3.40 38.54
N GLY H 167 28.01 3.17 38.97
CA GLY H 167 27.13 4.28 39.38
C GLY H 167 26.50 5.12 38.24
N LYS H 168 26.89 4.90 36.99
CA LYS H 168 26.43 5.68 35.85
C LYS H 168 25.67 4.78 34.88
N GLU H 169 24.57 5.27 34.32
CA GLU H 169 23.74 4.55 33.37
C GLU H 169 24.46 4.49 32.02
N VAL H 170 24.25 3.41 31.24
CA VAL H 170 24.98 3.26 29.98
C VAL H 170 24.07 2.85 28.82
N HIS H 171 24.63 2.98 27.60
CA HIS H 171 23.95 3.03 26.32
C HIS H 171 24.74 2.26 25.25
N SER H 172 26.03 2.54 25.08
CA SER H 172 26.85 1.78 24.13
C SER H 172 26.89 0.31 24.55
N GLY H 173 26.85 -0.58 23.56
CA GLY H 173 26.94 -2.03 23.83
C GLY H 173 25.80 -2.56 24.68
N VAL H 174 24.59 -2.08 24.47
CA VAL H 174 23.41 -2.60 25.21
C VAL H 174 22.31 -3.01 24.23
N CYS H 175 21.57 -4.08 24.52
CA CYS H 175 20.41 -4.46 23.67
C CYS H 175 19.37 -5.13 24.56
N THR H 176 18.27 -4.44 24.82
CA THR H 176 17.17 -5.06 25.62
C THR H 176 16.12 -5.56 24.62
N ASP H 177 15.40 -6.62 24.97
CA ASP H 177 14.41 -7.20 24.04
C ASP H 177 13.27 -6.20 23.83
N PRO H 178 12.81 -5.93 22.59
CA PRO H 178 11.80 -4.91 22.38
C PRO H 178 10.50 -5.34 23.03
N GLN H 179 10.24 -6.64 23.12
CA GLN H 179 9.01 -7.13 23.73
C GLN H 179 9.37 -8.33 24.60
N PRO H 180 8.65 -8.56 25.71
CA PRO H 180 8.87 -9.73 26.56
C PRO H 180 8.26 -11.02 26.03
N LEU H 181 8.53 -12.12 26.73
CA LEU H 181 8.05 -13.43 26.36
C LEU H 181 7.08 -13.85 27.44
N LYS H 182 6.03 -14.60 27.09
CA LYS H 182 5.09 -15.10 28.08
C LYS H 182 5.72 -16.32 28.74
N GLU H 183 5.79 -16.32 30.08
CA GLU H 183 6.40 -17.42 30.83
C GLU H 183 5.59 -18.67 30.55
N GLN H 184 4.27 -18.52 30.40
CA GLN H 184 3.37 -19.60 30.03
C GLN H 184 2.66 -19.18 28.75
N PRO H 185 3.31 -19.36 27.56
CA PRO H 185 2.64 -19.06 26.29
C PRO H 185 1.28 -19.79 26.27
N ALA H 186 1.31 -21.02 26.85
CA ALA H 186 0.15 -21.82 27.26
C ALA H 186 -1.07 -20.97 27.61
N LEU H 187 -0.96 -20.07 28.62
CA LEU H 187 -2.09 -19.37 29.21
C LEU H 187 -2.31 -18.06 28.45
N ASN H 188 -3.08 -17.17 29.11
CA ASN H 188 -3.68 -15.97 28.56
C ASN H 188 -3.26 -14.78 29.44
N ASP H 189 -3.18 -15.02 30.76
CA ASP H 189 -2.75 -13.98 31.69
C ASP H 189 -1.24 -14.03 31.93
N SER H 190 -0.47 -14.66 31.04
CA SER H 190 0.85 -15.14 31.48
C SER H 190 1.72 -13.99 31.99
N ARG H 191 2.48 -14.29 33.05
CA ARG H 191 3.52 -13.39 33.50
C ARG H 191 4.58 -13.28 32.40
N TYR H 192 5.50 -12.31 32.53
CA TYR H 192 6.42 -11.98 31.46
C TYR H 192 7.89 -12.11 31.89
N ALA H 193 8.76 -12.24 30.88
CA ALA H 193 10.18 -12.36 31.08
C ALA H 193 10.89 -11.64 29.96
N LEU H 194 11.78 -10.73 30.36
CA LEU H 194 12.51 -9.90 29.38
C LEU H 194 14.00 -10.15 29.56
N SER H 195 14.79 -9.92 28.52
CA SER H 195 16.25 -10.12 28.60
C SER H 195 16.99 -8.92 28.04
N SER H 196 18.14 -8.59 28.62
CA SER H 196 18.98 -7.49 28.09
C SER H 196 20.42 -7.98 28.08
N ARG H 197 21.28 -7.33 27.31
CA ARG H 197 22.68 -7.80 27.20
C ARG H 197 23.64 -6.61 27.14
N LEU H 198 24.66 -6.60 28.00
CA LEU H 198 25.70 -5.54 27.94
C LEU H 198 27.01 -6.23 27.57
N ARG H 199 27.53 -5.93 26.38
CA ARG H 199 28.82 -6.53 25.95
C ARG H 199 29.91 -5.49 26.13
N VAL H 200 30.96 -5.86 26.84
CA VAL H 200 32.04 -4.88 27.14
C VAL H 200 33.38 -5.54 26.84
N SER H 201 34.37 -4.75 26.41
CA SER H 201 35.73 -5.28 26.25
C SER H 201 36.15 -6.15 27.43
N ALA H 202 36.96 -7.18 27.16
CA ALA H 202 37.34 -8.12 28.20
C ALA H 202 38.16 -7.42 29.27
N THR H 203 39.10 -6.57 28.84
CA THR H 203 39.80 -5.68 29.73
C THR H 203 38.85 -5.21 30.84
N PHE H 204 37.70 -4.64 30.46
CA PHE H 204 36.84 -3.91 31.36
C PHE H 204 36.18 -4.85 32.35
N TRP H 205 35.98 -6.10 31.97
CA TRP H 205 35.29 -7.04 32.89
C TRP H 205 36.35 -7.70 33.77
N GLN H 206 37.58 -7.74 33.28
CA GLN H 206 38.67 -8.41 34.04
C GLN H 206 39.09 -7.50 35.20
N ASP H 207 38.85 -6.19 35.10
CA ASP H 207 39.13 -5.31 36.23
C ASP H 207 38.08 -5.51 37.32
N PRO H 208 38.41 -6.05 38.52
CA PRO H 208 37.43 -6.27 39.59
C PRO H 208 37.04 -5.04 40.38
N ARG H 209 37.64 -3.90 40.05
CA ARG H 209 37.21 -2.62 40.61
C ARG H 209 36.02 -2.07 39.83
N ASN H 210 35.53 -2.79 38.80
CA ASN H 210 34.42 -2.33 37.96
C ASN H 210 33.13 -2.99 38.40
N HIS H 211 32.12 -2.15 38.63
CA HIS H 211 30.82 -2.57 39.14
C HIS H 211 29.78 -2.51 38.03
N PHE H 212 28.99 -3.60 37.94
CA PHE H 212 27.90 -3.70 37.00
C PHE H 212 26.61 -3.96 37.75
N ARG H 213 25.56 -3.25 37.36
CA ARG H 213 24.26 -3.44 37.94
C ARG H 213 23.19 -3.39 36.83
N CYS H 214 22.29 -4.37 36.94
CA CYS H 214 21.13 -4.37 36.04
C CYS H 214 19.98 -3.88 36.91
N GLN H 215 19.20 -2.96 36.38
CA GLN H 215 18.15 -2.30 37.13
C GLN H 215 16.82 -2.39 36.37
N VAL H 216 15.76 -2.73 37.10
CA VAL H 216 14.44 -2.77 36.52
C VAL H 216 13.48 -1.93 37.35
N GLN H 217 12.95 -0.86 36.70
CA GLN H 217 11.90 -0.05 37.26
C GLN H 217 10.58 -0.71 36.90
N PHE H 218 9.80 -0.98 37.93
CA PHE H 218 8.50 -1.59 37.78
C PHE H 218 7.45 -0.64 38.32
N TYR H 219 6.37 -0.53 37.55
CA TYR H 219 5.24 0.33 37.85
C TYR H 219 4.10 -0.54 38.27
N GLY H 220 3.76 -0.45 39.56
CA GLY H 220 2.84 -1.39 40.17
C GLY H 220 1.78 -0.64 40.95
N LEU H 221 1.28 -1.30 41.99
CA LEU H 221 0.28 -0.72 42.87
C LEU H 221 0.91 0.48 43.61
N SER H 222 0.08 1.39 44.07
CA SER H 222 0.62 2.57 44.75
C SER H 222 -0.07 2.66 46.10
N GLU H 223 0.18 3.77 46.80
CA GLU H 223 -0.33 4.06 48.15
C GLU H 223 -1.79 3.62 48.32
N ASN H 224 -2.70 4.10 47.46
CA ASN H 224 -4.13 3.93 47.68
C ASN H 224 -4.58 2.48 47.53
N ASP H 225 -3.99 1.77 46.57
CA ASP H 225 -4.48 0.45 46.17
C ASP H 225 -4.51 -0.50 47.39
N GLU H 226 -5.70 -0.99 47.76
CA GLU H 226 -5.88 -2.01 48.80
C GLU H 226 -5.11 -3.29 48.45
N TRP H 227 -4.65 -4.01 49.49
CA TRP H 227 -3.95 -5.30 49.29
C TRP H 227 -4.33 -6.23 50.43
N THR H 228 -4.90 -7.38 50.12
CA THR H 228 -5.40 -8.29 51.13
C THR H 228 -4.81 -9.67 50.86
N GLN H 229 -3.52 -9.69 50.55
CA GLN H 229 -2.82 -10.97 50.27
C GLN H 229 -1.62 -11.06 51.20
N ASP H 230 -1.18 -12.28 51.50
CA ASP H 230 -0.06 -12.43 52.48
C ASP H 230 1.27 -12.14 51.79
N ARG H 231 1.26 -12.03 50.46
CA ARG H 231 2.52 -11.68 49.75
C ARG H 231 2.72 -10.17 49.84
N ALA H 232 3.89 -9.70 49.41
CA ALA H 232 4.21 -8.26 49.50
C ALA H 232 3.40 -7.50 48.45
N LYS H 233 2.84 -6.35 48.85
CA LYS H 233 2.09 -5.52 47.87
C LYS H 233 3.02 -5.21 46.71
N PRO H 234 2.65 -5.57 45.46
CA PRO H 234 3.46 -5.23 44.32
C PRO H 234 3.46 -3.71 44.10
N VAL H 235 4.08 -2.95 45.01
CA VAL H 235 4.04 -1.52 44.80
C VAL H 235 5.00 -1.19 43.66
N THR H 236 4.93 0.02 43.14
CA THR H 236 5.98 0.49 42.27
C THR H 236 7.30 0.32 43.01
N GLN H 237 8.35 -0.16 42.34
CA GLN H 237 9.61 -0.40 43.01
C GLN H 237 10.74 -0.60 42.01
N ILE H 238 11.98 -0.49 42.46
CA ILE H 238 13.13 -0.89 41.66
C ILE H 238 13.66 -2.22 42.17
N VAL H 239 13.91 -3.13 41.23
CA VAL H 239 14.49 -4.43 41.51
C VAL H 239 15.78 -4.48 40.72
N SER H 240 16.86 -4.84 41.43
CA SER H 240 18.18 -4.73 40.84
C SER H 240 19.02 -5.97 41.10
N ALA H 241 20.12 -6.06 40.35
CA ALA H 241 21.02 -7.18 40.52
C ALA H 241 22.35 -6.74 39.99
N GLU H 242 23.44 -7.26 40.60
CA GLU H 242 24.77 -6.70 40.37
C GLU H 242 25.82 -7.78 40.15
N ALA H 243 26.95 -7.37 39.54
CA ALA H 243 28.16 -8.17 39.46
C ALA H 243 29.40 -7.27 39.50
N TRP H 244 30.43 -7.73 40.19
CA TRP H 244 31.72 -7.00 40.14
C TRP H 244 32.59 -7.74 39.13
N GLY H 245 33.47 -7.02 38.45
CA GLY H 245 34.36 -7.63 37.44
C GLY H 245 35.22 -8.74 38.02
N ARG H 246 35.79 -9.57 37.15
CA ARG H 246 36.56 -10.73 37.65
C ARG H 246 37.82 -10.91 36.81
N ALA H 247 38.97 -10.86 37.45
CA ALA H 247 40.24 -11.10 36.73
C ALA H 247 40.36 -12.60 36.49
N ASP H 248 39.70 -13.39 37.34
CA ASP H 248 39.70 -14.87 37.16
C ASP H 248 39.17 -15.20 35.77
#